data_5ZZ3
# 
_entry.id   5ZZ3 
# 
_audit_conform.dict_name       mmcif_pdbx.dic 
_audit_conform.dict_version    5.380 
_audit_conform.dict_location   http://mmcif.pdb.org/dictionaries/ascii/mmcif_pdbx.dic 
# 
loop_
_database_2.database_id 
_database_2.database_code 
_database_2.pdbx_database_accession 
_database_2.pdbx_DOI 
PDB   5ZZ3         pdb_00005zz3 10.2210/pdb5zz3/pdb 
WWPDB D_1300007902 ?            ?                   
# 
_pdbx_database_status.status_code                     REL 
_pdbx_database_status.status_code_sf                  REL 
_pdbx_database_status.status_code_mr                  ? 
_pdbx_database_status.entry_id                        5ZZ3 
_pdbx_database_status.recvd_initial_deposition_date   2018-05-30 
_pdbx_database_status.SG_entry                        N 
_pdbx_database_status.deposit_site                    PDBJ 
_pdbx_database_status.process_site                    PDBJ 
_pdbx_database_status.status_code_cs                  ? 
_pdbx_database_status.methods_development_category    ? 
_pdbx_database_status.pdb_format_compatible           Y 
_pdbx_database_status.status_code_nmr_data            ? 
# 
loop_
_audit_author.name 
_audit_author.pdbx_ordinal 
_audit_author.identifier_ORCID 
'Yang, Y.Y.'  1 ? 
'Li, X.'      2 ? 
'Liu, W.D.'   3 ? 
'Chen, C.C.'  4 ? 
'Guo, R.T.'   5 ? 
'Zhang, Y.H.' 6 ? 
# 
_citation.abstract                  ? 
_citation.abstract_id_CAS           ? 
_citation.book_id_ISBN              ? 
_citation.book_publisher            ? 
_citation.book_publisher_city       ? 
_citation.book_title                ? 
_citation.coordinate_linkage        ? 
_citation.country                   US 
_citation.database_id_Medline       ? 
_citation.details                   ? 
_citation.id                        primary 
_citation.journal_abbrev            Immunity 
_citation.journal_id_ASTM           IUNIEH 
_citation.journal_id_CSD            2048 
_citation.journal_id_ISSN           1097-4180 
_citation.journal_full              ? 
_citation.journal_issue             ? 
_citation.journal_volume            50 
_citation.language                  ? 
_citation.page_first                1043 
_citation.page_last                 ? 
_citation.title                     
;A Structural Change in Butyrophilin upon Phosphoantigen Binding Underlies Phosphoantigen-Mediated V gamma 9V delta 2 T Cell Activation.
;
_citation.year                      2019 
_citation.database_id_CSD           ? 
_citation.pdbx_database_id_DOI      10.1016/j.immuni.2019.02.016 
_citation.pdbx_database_id_PubMed   30902636 
_citation.unpublished_flag          ? 
# 
loop_
_citation_author.citation_id 
_citation_author.name 
_citation_author.ordinal 
_citation_author.identifier_ORCID 
primary 'Yang, Y.'     1  ? 
primary 'Li, L.'       2  ? 
primary 'Yuan, L.'     3  ? 
primary 'Zhou, X.'     4  ? 
primary 'Duan, J.'     5  ? 
primary 'Xiao, H.'     6  ? 
primary 'Cai, N.'      7  ? 
primary 'Han, S.'      8  ? 
primary 'Ma, X.'       9  ? 
primary 'Liu, W.'      10 ? 
primary 'Chen, C.C.'   11 ? 
primary 'Wang, L.'     12 ? 
primary 'Li, X.'       13 ? 
primary 'Chen, J.'     14 ? 
primary 'Kang, N.'     15 ? 
primary 'Chen, J.'     16 ? 
primary 'Shen, Z.'     17 ? 
primary 'Malwal, S.R.' 18 ? 
primary 'Liu, W.'      19 ? 
primary 'Shi, Y.'      20 ? 
primary 'Oldfield, E.' 21 ? 
primary 'Guo, R.T.'    22 ? 
primary 'Zhang, Y.'    23 ? 
# 
_cell.angle_alpha                  90.00 
_cell.angle_alpha_esd              ? 
_cell.angle_beta                   90.00 
_cell.angle_beta_esd               ? 
_cell.angle_gamma                  90.00 
_cell.angle_gamma_esd              ? 
_cell.entry_id                     5ZZ3 
_cell.details                      ? 
_cell.formula_units_Z              ? 
_cell.length_a                     50.308 
_cell.length_a_esd                 ? 
_cell.length_b                     50.308 
_cell.length_b_esd                 ? 
_cell.length_c                     261.093 
_cell.length_c_esd                 ? 
_cell.volume                       ? 
_cell.volume_esd                   ? 
_cell.Z_PDB                        8 
_cell.reciprocal_angle_alpha       ? 
_cell.reciprocal_angle_beta        ? 
_cell.reciprocal_angle_gamma       ? 
_cell.reciprocal_angle_alpha_esd   ? 
_cell.reciprocal_angle_beta_esd    ? 
_cell.reciprocal_angle_gamma_esd   ? 
_cell.reciprocal_length_a          ? 
_cell.reciprocal_length_b          ? 
_cell.reciprocal_length_c          ? 
_cell.reciprocal_length_a_esd      ? 
_cell.reciprocal_length_b_esd      ? 
_cell.reciprocal_length_c_esd      ? 
_cell.pdbx_unique_axis             ? 
# 
_symmetry.entry_id                         5ZZ3 
_symmetry.cell_setting                     ? 
_symmetry.Int_Tables_number                96 
_symmetry.space_group_name_Hall            ? 
_symmetry.space_group_name_H-M             'P 43 21 2' 
_symmetry.pdbx_full_space_group_name_H-M   ? 
# 
loop_
_entity.id 
_entity.type 
_entity.src_method 
_entity.pdbx_description 
_entity.formula_weight 
_entity.pdbx_number_of_molecules 
_entity.pdbx_ec 
_entity.pdbx_mutation 
_entity.pdbx_fragment 
_entity.details 
1 polymer man 'Butyrophilin, subfamily 3, member A3 isoform b variant' 32563.338 1 ? ? 'UNP residues 24-280' ? 
2 water   nat water                                                    18.015    8 ? ? ?                     ? 
# 
_entity_poly.entity_id                      1 
_entity_poly.type                           'polypeptide(L)' 
_entity_poly.nstd_linkage                   no 
_entity_poly.nstd_monomer                   no 
_entity_poly.pdbx_seq_one_letter_code       
;MGSSHHHHHHSSGLVPRGSHMENLYFQGAGAGAAYHEWKMALFKPADVILDPDTANAILLVSEDQRSVQRAEEPRDLPDN
PERFEWRYCVLGCENFTSGRHYWEVEVGDRKEWHIGVCSKNVERKKGWVKMTPENGYWTMGLTDGNKYRALTEPRTNLKL
PEPPRKVGIFLDYETGEISFYNATDGSHIYTFPHASFSEPLYPVFRILTLEPTALTICPIPKEVESSPDPDLVPDHSLET
PLTPGLANESGEPQAEVTSLLLPAHPGAEVSPSATTNQNHKLQARTEALY
;
_entity_poly.pdbx_seq_one_letter_code_can   
;MGSSHHHHHHSSGLVPRGSHMENLYFQGAGAGAAYHEWKMALFKPADVILDPDTANAILLVSEDQRSVQRAEEPRDLPDN
PERFEWRYCVLGCENFTSGRHYWEVEVGDRKEWHIGVCSKNVERKKGWVKMTPENGYWTMGLTDGNKYRALTEPRTNLKL
PEPPRKVGIFLDYETGEISFYNATDGSHIYTFPHASFSEPLYPVFRILTLEPTALTICPIPKEVESSPDPDLVPDHSLET
PLTPGLANESGEPQAEVTSLLLPAHPGAEVSPSATTNQNHKLQARTEALY
;
_entity_poly.pdbx_strand_id                 A 
_entity_poly.pdbx_target_identifier         ? 
# 
loop_
_entity_poly_seq.entity_id 
_entity_poly_seq.num 
_entity_poly_seq.mon_id 
_entity_poly_seq.hetero 
1 1   MET n 
1 2   GLY n 
1 3   SER n 
1 4   SER n 
1 5   HIS n 
1 6   HIS n 
1 7   HIS n 
1 8   HIS n 
1 9   HIS n 
1 10  HIS n 
1 11  SER n 
1 12  SER n 
1 13  GLY n 
1 14  LEU n 
1 15  VAL n 
1 16  PRO n 
1 17  ARG n 
1 18  GLY n 
1 19  SER n 
1 20  HIS n 
1 21  MET n 
1 22  GLU n 
1 23  ASN n 
1 24  LEU n 
1 25  TYR n 
1 26  PHE n 
1 27  GLN n 
1 28  GLY n 
1 29  ALA n 
1 30  GLY n 
1 31  ALA n 
1 32  GLY n 
1 33  ALA n 
1 34  ALA n 
1 35  TYR n 
1 36  HIS n 
1 37  GLU n 
1 38  TRP n 
1 39  LYS n 
1 40  MET n 
1 41  ALA n 
1 42  LEU n 
1 43  PHE n 
1 44  LYS n 
1 45  PRO n 
1 46  ALA n 
1 47  ASP n 
1 48  VAL n 
1 49  ILE n 
1 50  LEU n 
1 51  ASP n 
1 52  PRO n 
1 53  ASP n 
1 54  THR n 
1 55  ALA n 
1 56  ASN n 
1 57  ALA n 
1 58  ILE n 
1 59  LEU n 
1 60  LEU n 
1 61  VAL n 
1 62  SER n 
1 63  GLU n 
1 64  ASP n 
1 65  GLN n 
1 66  ARG n 
1 67  SER n 
1 68  VAL n 
1 69  GLN n 
1 70  ARG n 
1 71  ALA n 
1 72  GLU n 
1 73  GLU n 
1 74  PRO n 
1 75  ARG n 
1 76  ASP n 
1 77  LEU n 
1 78  PRO n 
1 79  ASP n 
1 80  ASN n 
1 81  PRO n 
1 82  GLU n 
1 83  ARG n 
1 84  PHE n 
1 85  GLU n 
1 86  TRP n 
1 87  ARG n 
1 88  TYR n 
1 89  CYS n 
1 90  VAL n 
1 91  LEU n 
1 92  GLY n 
1 93  CYS n 
1 94  GLU n 
1 95  ASN n 
1 96  PHE n 
1 97  THR n 
1 98  SER n 
1 99  GLY n 
1 100 ARG n 
1 101 HIS n 
1 102 TYR n 
1 103 TRP n 
1 104 GLU n 
1 105 VAL n 
1 106 GLU n 
1 107 VAL n 
1 108 GLY n 
1 109 ASP n 
1 110 ARG n 
1 111 LYS n 
1 112 GLU n 
1 113 TRP n 
1 114 HIS n 
1 115 ILE n 
1 116 GLY n 
1 117 VAL n 
1 118 CYS n 
1 119 SER n 
1 120 LYS n 
1 121 ASN n 
1 122 VAL n 
1 123 GLU n 
1 124 ARG n 
1 125 LYS n 
1 126 LYS n 
1 127 GLY n 
1 128 TRP n 
1 129 VAL n 
1 130 LYS n 
1 131 MET n 
1 132 THR n 
1 133 PRO n 
1 134 GLU n 
1 135 ASN n 
1 136 GLY n 
1 137 TYR n 
1 138 TRP n 
1 139 THR n 
1 140 MET n 
1 141 GLY n 
1 142 LEU n 
1 143 THR n 
1 144 ASP n 
1 145 GLY n 
1 146 ASN n 
1 147 LYS n 
1 148 TYR n 
1 149 ARG n 
1 150 ALA n 
1 151 LEU n 
1 152 THR n 
1 153 GLU n 
1 154 PRO n 
1 155 ARG n 
1 156 THR n 
1 157 ASN n 
1 158 LEU n 
1 159 LYS n 
1 160 LEU n 
1 161 PRO n 
1 162 GLU n 
1 163 PRO n 
1 164 PRO n 
1 165 ARG n 
1 166 LYS n 
1 167 VAL n 
1 168 GLY n 
1 169 ILE n 
1 170 PHE n 
1 171 LEU n 
1 172 ASP n 
1 173 TYR n 
1 174 GLU n 
1 175 THR n 
1 176 GLY n 
1 177 GLU n 
1 178 ILE n 
1 179 SER n 
1 180 PHE n 
1 181 TYR n 
1 182 ASN n 
1 183 ALA n 
1 184 THR n 
1 185 ASP n 
1 186 GLY n 
1 187 SER n 
1 188 HIS n 
1 189 ILE n 
1 190 TYR n 
1 191 THR n 
1 192 PHE n 
1 193 PRO n 
1 194 HIS n 
1 195 ALA n 
1 196 SER n 
1 197 PHE n 
1 198 SER n 
1 199 GLU n 
1 200 PRO n 
1 201 LEU n 
1 202 TYR n 
1 203 PRO n 
1 204 VAL n 
1 205 PHE n 
1 206 ARG n 
1 207 ILE n 
1 208 LEU n 
1 209 THR n 
1 210 LEU n 
1 211 GLU n 
1 212 PRO n 
1 213 THR n 
1 214 ALA n 
1 215 LEU n 
1 216 THR n 
1 217 ILE n 
1 218 CYS n 
1 219 PRO n 
1 220 ILE n 
1 221 PRO n 
1 222 LYS n 
1 223 GLU n 
1 224 VAL n 
1 225 GLU n 
1 226 SER n 
1 227 SER n 
1 228 PRO n 
1 229 ASP n 
1 230 PRO n 
1 231 ASP n 
1 232 LEU n 
1 233 VAL n 
1 234 PRO n 
1 235 ASP n 
1 236 HIS n 
1 237 SER n 
1 238 LEU n 
1 239 GLU n 
1 240 THR n 
1 241 PRO n 
1 242 LEU n 
1 243 THR n 
1 244 PRO n 
1 245 GLY n 
1 246 LEU n 
1 247 ALA n 
1 248 ASN n 
1 249 GLU n 
1 250 SER n 
1 251 GLY n 
1 252 GLU n 
1 253 PRO n 
1 254 GLN n 
1 255 ALA n 
1 256 GLU n 
1 257 VAL n 
1 258 THR n 
1 259 SER n 
1 260 LEU n 
1 261 LEU n 
1 262 LEU n 
1 263 PRO n 
1 264 ALA n 
1 265 HIS n 
1 266 PRO n 
1 267 GLY n 
1 268 ALA n 
1 269 GLU n 
1 270 VAL n 
1 271 SER n 
1 272 PRO n 
1 273 SER n 
1 274 ALA n 
1 275 THR n 
1 276 THR n 
1 277 ASN n 
1 278 GLN n 
1 279 ASN n 
1 280 HIS n 
1 281 LYS n 
1 282 LEU n 
1 283 GLN n 
1 284 ALA n 
1 285 ARG n 
1 286 THR n 
1 287 GLU n 
1 288 ALA n 
1 289 LEU n 
1 290 TYR n 
# 
_entity_src_gen.entity_id                          1 
_entity_src_gen.pdbx_src_id                        1 
_entity_src_gen.pdbx_alt_source_flag               sample 
_entity_src_gen.pdbx_seq_type                      'Biological sequence' 
_entity_src_gen.pdbx_beg_seq_num                   1 
_entity_src_gen.pdbx_end_seq_num                   290 
_entity_src_gen.gene_src_common_name               Human 
_entity_src_gen.gene_src_genus                     ? 
_entity_src_gen.pdbx_gene_src_gene                 ? 
_entity_src_gen.gene_src_species                   ? 
_entity_src_gen.gene_src_strain                    ? 
_entity_src_gen.gene_src_tissue                    ? 
_entity_src_gen.gene_src_tissue_fraction           ? 
_entity_src_gen.gene_src_details                   ? 
_entity_src_gen.pdbx_gene_src_fragment             ? 
_entity_src_gen.pdbx_gene_src_scientific_name      'Homo sapiens' 
_entity_src_gen.pdbx_gene_src_ncbi_taxonomy_id     9606 
_entity_src_gen.pdbx_gene_src_variant              ? 
_entity_src_gen.pdbx_gene_src_cell_line            ? 
_entity_src_gen.pdbx_gene_src_atcc                 ? 
_entity_src_gen.pdbx_gene_src_organ                ? 
_entity_src_gen.pdbx_gene_src_organelle            ? 
_entity_src_gen.pdbx_gene_src_cell                 ? 
_entity_src_gen.pdbx_gene_src_cellular_location    ? 
_entity_src_gen.host_org_common_name               ? 
_entity_src_gen.pdbx_host_org_scientific_name      'Escherichia coli BL21(DE3)' 
_entity_src_gen.pdbx_host_org_ncbi_taxonomy_id     469008 
_entity_src_gen.host_org_genus                     ? 
_entity_src_gen.pdbx_host_org_gene                 ? 
_entity_src_gen.pdbx_host_org_organ                ? 
_entity_src_gen.host_org_species                   ? 
_entity_src_gen.pdbx_host_org_tissue               ? 
_entity_src_gen.pdbx_host_org_tissue_fraction      ? 
_entity_src_gen.pdbx_host_org_strain               'BL21(DE3)' 
_entity_src_gen.pdbx_host_org_variant              ? 
_entity_src_gen.pdbx_host_org_cell_line            ? 
_entity_src_gen.pdbx_host_org_atcc                 ? 
_entity_src_gen.pdbx_host_org_culture_collection   ? 
_entity_src_gen.pdbx_host_org_cell                 ? 
_entity_src_gen.pdbx_host_org_organelle            ? 
_entity_src_gen.pdbx_host_org_cellular_location    ? 
_entity_src_gen.pdbx_host_org_vector_type          PLASMID 
_entity_src_gen.pdbx_host_org_vector               ? 
_entity_src_gen.host_org_details                   ? 
_entity_src_gen.expression_system_id               ? 
_entity_src_gen.plasmid_name                       PET28A 
_entity_src_gen.plasmid_details                    ? 
_entity_src_gen.pdbx_description                   ? 
# 
_struct_ref.id                         1 
_struct_ref.db_name                    UNP 
_struct_ref.db_code                    Q59F79_HUMAN 
_struct_ref.pdbx_db_accession          Q59F79 
_struct_ref.pdbx_db_isoform            ? 
_struct_ref.entity_id                  1 
_struct_ref.pdbx_seq_one_letter_code   
;AYHEWKMALFKPADVILDPDTANAILLVSEDQRSVQRAEEPRDLPDNPERFEWRYCVLGCENFTSGRHYWEVEVGDRKEW
HIGVCSKNVERKKGWVKMTPENGYWTMGLTDGNKYRALTEPRTNLKLPEPPRKVGIFLDYETGEISFYNATDGSHIYTFP
HASFSEPLYPVFRILTLEPTALTICPIPKEVESSPDPDLVPDHSLETPLTPGLANESGEPQAEVTSLLLPAHPGAEVSPS
ATTNQNHKLQARTEALY
;
_struct_ref.pdbx_align_begin           24 
# 
_struct_ref_seq.align_id                      1 
_struct_ref_seq.ref_id                        1 
_struct_ref_seq.pdbx_PDB_id_code              5ZZ3 
_struct_ref_seq.pdbx_strand_id                A 
_struct_ref_seq.seq_align_beg                 34 
_struct_ref_seq.pdbx_seq_align_beg_ins_code   ? 
_struct_ref_seq.seq_align_end                 290 
_struct_ref_seq.pdbx_seq_align_end_ins_code   ? 
_struct_ref_seq.pdbx_db_accession             Q59F79 
_struct_ref_seq.db_align_beg                  24 
_struct_ref_seq.pdbx_db_align_beg_ins_code    ? 
_struct_ref_seq.db_align_end                  280 
_struct_ref_seq.pdbx_db_align_end_ins_code    ? 
_struct_ref_seq.pdbx_auth_seq_align_beg       298 
_struct_ref_seq.pdbx_auth_seq_align_end       554 
# 
loop_
_struct_ref_seq_dif.align_id 
_struct_ref_seq_dif.pdbx_pdb_id_code 
_struct_ref_seq_dif.mon_id 
_struct_ref_seq_dif.pdbx_pdb_strand_id 
_struct_ref_seq_dif.seq_num 
_struct_ref_seq_dif.pdbx_pdb_ins_code 
_struct_ref_seq_dif.pdbx_seq_db_name 
_struct_ref_seq_dif.pdbx_seq_db_accession_code 
_struct_ref_seq_dif.db_mon_id 
_struct_ref_seq_dif.pdbx_seq_db_seq_num 
_struct_ref_seq_dif.details 
_struct_ref_seq_dif.pdbx_auth_seq_num 
_struct_ref_seq_dif.pdbx_ordinal 
1 5ZZ3 MET A 1  ? UNP Q59F79 ? ? 'initiating methionine' 265 1  
1 5ZZ3 GLY A 2  ? UNP Q59F79 ? ? 'expression tag'        266 2  
1 5ZZ3 SER A 3  ? UNP Q59F79 ? ? 'expression tag'        267 3  
1 5ZZ3 SER A 4  ? UNP Q59F79 ? ? 'expression tag'        268 4  
1 5ZZ3 HIS A 5  ? UNP Q59F79 ? ? 'expression tag'        269 5  
1 5ZZ3 HIS A 6  ? UNP Q59F79 ? ? 'expression tag'        270 6  
1 5ZZ3 HIS A 7  ? UNP Q59F79 ? ? 'expression tag'        271 7  
1 5ZZ3 HIS A 8  ? UNP Q59F79 ? ? 'expression tag'        272 8  
1 5ZZ3 HIS A 9  ? UNP Q59F79 ? ? 'expression tag'        273 9  
1 5ZZ3 HIS A 10 ? UNP Q59F79 ? ? 'expression tag'        274 10 
1 5ZZ3 SER A 11 ? UNP Q59F79 ? ? 'expression tag'        275 11 
1 5ZZ3 SER A 12 ? UNP Q59F79 ? ? 'expression tag'        276 12 
1 5ZZ3 GLY A 13 ? UNP Q59F79 ? ? 'expression tag'        277 13 
1 5ZZ3 LEU A 14 ? UNP Q59F79 ? ? 'expression tag'        278 14 
1 5ZZ3 VAL A 15 ? UNP Q59F79 ? ? 'expression tag'        279 15 
1 5ZZ3 PRO A 16 ? UNP Q59F79 ? ? 'expression tag'        280 16 
1 5ZZ3 ARG A 17 ? UNP Q59F79 ? ? 'expression tag'        281 17 
1 5ZZ3 GLY A 18 ? UNP Q59F79 ? ? 'expression tag'        282 18 
1 5ZZ3 SER A 19 ? UNP Q59F79 ? ? 'expression tag'        283 19 
1 5ZZ3 HIS A 20 ? UNP Q59F79 ? ? 'expression tag'        284 20 
1 5ZZ3 MET A 21 ? UNP Q59F79 ? ? 'expression tag'        285 21 
1 5ZZ3 GLU A 22 ? UNP Q59F79 ? ? 'expression tag'        286 22 
1 5ZZ3 ASN A 23 ? UNP Q59F79 ? ? 'expression tag'        287 23 
1 5ZZ3 LEU A 24 ? UNP Q59F79 ? ? 'expression tag'        288 24 
1 5ZZ3 TYR A 25 ? UNP Q59F79 ? ? 'expression tag'        289 25 
1 5ZZ3 PHE A 26 ? UNP Q59F79 ? ? 'expression tag'        290 26 
1 5ZZ3 GLN A 27 ? UNP Q59F79 ? ? 'expression tag'        291 27 
1 5ZZ3 GLY A 28 ? UNP Q59F79 ? ? 'expression tag'        292 28 
1 5ZZ3 ALA A 29 ? UNP Q59F79 ? ? 'expression tag'        293 29 
1 5ZZ3 GLY A 30 ? UNP Q59F79 ? ? 'expression tag'        294 30 
1 5ZZ3 ALA A 31 ? UNP Q59F79 ? ? 'expression tag'        295 31 
1 5ZZ3 GLY A 32 ? UNP Q59F79 ? ? 'expression tag'        296 32 
1 5ZZ3 ALA A 33 ? UNP Q59F79 ? ? 'expression tag'        297 33 
# 
loop_
_chem_comp.id 
_chem_comp.type 
_chem_comp.mon_nstd_flag 
_chem_comp.name 
_chem_comp.pdbx_synonyms 
_chem_comp.formula 
_chem_comp.formula_weight 
ALA 'L-peptide linking' y ALANINE         ? 'C3 H7 N O2'     89.093  
ARG 'L-peptide linking' y ARGININE        ? 'C6 H15 N4 O2 1' 175.209 
ASN 'L-peptide linking' y ASPARAGINE      ? 'C4 H8 N2 O3'    132.118 
ASP 'L-peptide linking' y 'ASPARTIC ACID' ? 'C4 H7 N O4'     133.103 
CYS 'L-peptide linking' y CYSTEINE        ? 'C3 H7 N O2 S'   121.158 
GLN 'L-peptide linking' y GLUTAMINE       ? 'C5 H10 N2 O3'   146.144 
GLU 'L-peptide linking' y 'GLUTAMIC ACID' ? 'C5 H9 N O4'     147.129 
GLY 'peptide linking'   y GLYCINE         ? 'C2 H5 N O2'     75.067  
HIS 'L-peptide linking' y HISTIDINE       ? 'C6 H10 N3 O2 1' 156.162 
HOH non-polymer         . WATER           ? 'H2 O'           18.015  
ILE 'L-peptide linking' y ISOLEUCINE      ? 'C6 H13 N O2'    131.173 
LEU 'L-peptide linking' y LEUCINE         ? 'C6 H13 N O2'    131.173 
LYS 'L-peptide linking' y LYSINE          ? 'C6 H15 N2 O2 1' 147.195 
MET 'L-peptide linking' y METHIONINE      ? 'C5 H11 N O2 S'  149.211 
PHE 'L-peptide linking' y PHENYLALANINE   ? 'C9 H11 N O2'    165.189 
PRO 'L-peptide linking' y PROLINE         ? 'C5 H9 N O2'     115.130 
SER 'L-peptide linking' y SERINE          ? 'C3 H7 N O3'     105.093 
THR 'L-peptide linking' y THREONINE       ? 'C4 H9 N O3'     119.119 
TRP 'L-peptide linking' y TRYPTOPHAN      ? 'C11 H12 N2 O2'  204.225 
TYR 'L-peptide linking' y TYROSINE        ? 'C9 H11 N O3'    181.189 
VAL 'L-peptide linking' y VALINE          ? 'C5 H11 N O2'    117.146 
# 
_exptl.absorpt_coefficient_mu     ? 
_exptl.absorpt_correction_T_max   ? 
_exptl.absorpt_correction_T_min   ? 
_exptl.absorpt_correction_type    ? 
_exptl.absorpt_process_details    ? 
_exptl.entry_id                   5ZZ3 
_exptl.crystals_number            1 
_exptl.details                    ? 
_exptl.method                     'X-RAY DIFFRACTION' 
_exptl.method_details             ? 
# 
_exptl_crystal.colour                      ? 
_exptl_crystal.density_diffrn              ? 
_exptl_crystal.density_Matthews            2.54 
_exptl_crystal.density_method              ? 
_exptl_crystal.density_percent_sol         51.51 
_exptl_crystal.description                 ? 
_exptl_crystal.F_000                       ? 
_exptl_crystal.id                          1 
_exptl_crystal.preparation                 ? 
_exptl_crystal.size_max                    ? 
_exptl_crystal.size_mid                    ? 
_exptl_crystal.size_min                    ? 
_exptl_crystal.size_rad                    ? 
_exptl_crystal.colour_lustre               ? 
_exptl_crystal.colour_modifier             ? 
_exptl_crystal.colour_primary              ? 
_exptl_crystal.density_meas                ? 
_exptl_crystal.density_meas_esd            ? 
_exptl_crystal.density_meas_gt             ? 
_exptl_crystal.density_meas_lt             ? 
_exptl_crystal.density_meas_temp           ? 
_exptl_crystal.density_meas_temp_esd       ? 
_exptl_crystal.density_meas_temp_gt        ? 
_exptl_crystal.density_meas_temp_lt        ? 
_exptl_crystal.pdbx_crystal_image_url      ? 
_exptl_crystal.pdbx_crystal_image_format   ? 
_exptl_crystal.pdbx_mosaicity              ? 
_exptl_crystal.pdbx_mosaicity_esd          ? 
# 
_exptl_crystal_grow.apparatus       ? 
_exptl_crystal_grow.atmosphere      ? 
_exptl_crystal_grow.crystal_id      1 
_exptl_crystal_grow.details         ? 
_exptl_crystal_grow.method          'VAPOR DIFFUSION, SITTING DROP' 
_exptl_crystal_grow.method_ref      ? 
_exptl_crystal_grow.pH              ? 
_exptl_crystal_grow.pressure        ? 
_exptl_crystal_grow.pressure_esd    ? 
_exptl_crystal_grow.seeding         ? 
_exptl_crystal_grow.seeding_ref     ? 
_exptl_crystal_grow.temp            291 
_exptl_crystal_grow.temp_details    ? 
_exptl_crystal_grow.temp_esd        ? 
_exptl_crystal_grow.time            ? 
_exptl_crystal_grow.pdbx_details    
;SODIUM CITRATE, IMIDAZOLE PH 8.0, 1
 -PROPANOL., VAPOR DIFFUSION, SITTING DROP, TEMPERATURE 291K
;
_exptl_crystal_grow.pdbx_pH_range   ? 
# 
_diffrn.ambient_environment    ? 
_diffrn.ambient_temp           100 
_diffrn.ambient_temp_details   ? 
_diffrn.ambient_temp_esd       ? 
_diffrn.crystal_id             1 
_diffrn.crystal_support        ? 
_diffrn.crystal_treatment      ? 
_diffrn.details                ? 
_diffrn.id                     1 
_diffrn.ambient_pressure       ? 
_diffrn.ambient_pressure_esd   ? 
_diffrn.ambient_pressure_gt    ? 
_diffrn.ambient_pressure_lt    ? 
_diffrn.ambient_temp_gt        ? 
_diffrn.ambient_temp_lt        ? 
# 
_diffrn_detector.details                      ? 
_diffrn_detector.detector                     PIXEL 
_diffrn_detector.diffrn_id                    1 
_diffrn_detector.type                         'PSI PILATUS 6M' 
_diffrn_detector.area_resol_mean              ? 
_diffrn_detector.dtime                        ? 
_diffrn_detector.pdbx_frames_total            ? 
_diffrn_detector.pdbx_collection_time_total   ? 
_diffrn_detector.pdbx_collection_date         2017-01-08 
# 
_diffrn_radiation.collimation                      ? 
_diffrn_radiation.diffrn_id                        1 
_diffrn_radiation.filter_edge                      ? 
_diffrn_radiation.inhomogeneity                    ? 
_diffrn_radiation.monochromator                    ? 
_diffrn_radiation.polarisn_norm                    ? 
_diffrn_radiation.polarisn_ratio                   ? 
_diffrn_radiation.probe                            ? 
_diffrn_radiation.type                             ? 
_diffrn_radiation.xray_symbol                      ? 
_diffrn_radiation.wavelength_id                    1 
_diffrn_radiation.pdbx_monochromatic_or_laue_m_l   M 
_diffrn_radiation.pdbx_wavelength_list             ? 
_diffrn_radiation.pdbx_wavelength                  ? 
_diffrn_radiation.pdbx_diffrn_protocol             'SINGLE WAVELENGTH' 
_diffrn_radiation.pdbx_analyzer                    ? 
_diffrn_radiation.pdbx_scattering_type             x-ray 
# 
_diffrn_radiation_wavelength.id           1 
_diffrn_radiation_wavelength.wavelength   0.9793 
_diffrn_radiation_wavelength.wt           1.0 
# 
_diffrn_source.current                     ? 
_diffrn_source.details                     ? 
_diffrn_source.diffrn_id                   1 
_diffrn_source.power                       ? 
_diffrn_source.size                        ? 
_diffrn_source.source                      SYNCHROTRON 
_diffrn_source.target                      ? 
_diffrn_source.type                        'SSRF BEAMLINE BL19U1' 
_diffrn_source.voltage                     ? 
_diffrn_source.take-off_angle              ? 
_diffrn_source.pdbx_wavelength_list        0.9793 
_diffrn_source.pdbx_wavelength             ? 
_diffrn_source.pdbx_synchrotron_beamline   BL19U1 
_diffrn_source.pdbx_synchrotron_site       SSRF 
# 
_reflns.B_iso_Wilson_estimate            ? 
_reflns.entry_id                         5ZZ3 
_reflns.data_reduction_details           ? 
_reflns.data_reduction_method            ? 
_reflns.d_resolution_high                3.000 
_reflns.d_resolution_low                 50.000 
_reflns.details                          ? 
_reflns.limit_h_max                      ? 
_reflns.limit_h_min                      ? 
_reflns.limit_k_max                      ? 
_reflns.limit_k_min                      ? 
_reflns.limit_l_max                      ? 
_reflns.limit_l_min                      ? 
_reflns.number_all                       ? 
_reflns.number_obs                       7487 
_reflns.observed_criterion               ? 
_reflns.observed_criterion_F_max         ? 
_reflns.observed_criterion_F_min         ? 
_reflns.observed_criterion_I_max         ? 
_reflns.observed_criterion_I_min         ? 
_reflns.observed_criterion_sigma_F       ? 
_reflns.observed_criterion_sigma_I       ? 
_reflns.percent_possible_obs             100.0 
_reflns.R_free_details                   ? 
_reflns.Rmerge_F_all                     ? 
_reflns.Rmerge_F_obs                     ? 
_reflns.Friedel_coverage                 ? 
_reflns.number_gt                        ? 
_reflns.threshold_expression             ? 
_reflns.pdbx_redundancy                  23.60 
_reflns.pdbx_Rmerge_I_obs                ? 
_reflns.pdbx_Rmerge_I_all                ? 
_reflns.pdbx_Rsym_value                  ? 
_reflns.pdbx_netI_over_av_sigmaI         ? 
_reflns.pdbx_netI_over_sigmaI            46.6250 
_reflns.pdbx_res_netI_over_av_sigmaI_2   ? 
_reflns.pdbx_res_netI_over_sigmaI_2      ? 
_reflns.pdbx_chi_squared                 ? 
_reflns.pdbx_scaling_rejects             ? 
_reflns.pdbx_d_res_high_opt              ? 
_reflns.pdbx_d_res_low_opt               ? 
_reflns.pdbx_d_res_opt_method            ? 
_reflns.phase_calculation_details        ? 
_reflns.pdbx_Rrim_I_all                  ? 
_reflns.pdbx_Rpim_I_all                  ? 
_reflns.pdbx_d_opt                       ? 
_reflns.pdbx_number_measured_all         ? 
_reflns.pdbx_diffrn_id                   1 
_reflns.pdbx_ordinal                     1 
_reflns.pdbx_CC_half                     0.994 
_reflns.pdbx_R_split                     ? 
# 
_reflns_shell.d_res_high                  3.00 
_reflns_shell.d_res_low                   3.05 
_reflns_shell.meanI_over_sigI_all         ? 
_reflns_shell.meanI_over_sigI_obs         ? 
_reflns_shell.number_measured_all         ? 
_reflns_shell.number_measured_obs         ? 
_reflns_shell.number_possible             ? 
_reflns_shell.number_unique_all           ? 
_reflns_shell.number_unique_obs           334 
_reflns_shell.percent_possible_all        100.0 
_reflns_shell.percent_possible_obs        ? 
_reflns_shell.Rmerge_F_all                ? 
_reflns_shell.Rmerge_F_obs                ? 
_reflns_shell.Rmerge_I_all                ? 
_reflns_shell.Rmerge_I_obs                0.65400 
_reflns_shell.meanI_over_sigI_gt          ? 
_reflns_shell.meanI_over_uI_all           ? 
_reflns_shell.meanI_over_uI_gt            ? 
_reflns_shell.number_measured_gt          ? 
_reflns_shell.number_unique_gt            ? 
_reflns_shell.percent_possible_gt         ? 
_reflns_shell.Rmerge_F_gt                 ? 
_reflns_shell.Rmerge_I_gt                 ? 
_reflns_shell.pdbx_redundancy             ? 
_reflns_shell.pdbx_Rsym_value             ? 
_reflns_shell.pdbx_chi_squared            ? 
_reflns_shell.pdbx_netI_over_sigmaI_all   ? 
_reflns_shell.pdbx_netI_over_sigmaI_obs   ? 
_reflns_shell.pdbx_Rrim_I_all             ? 
_reflns_shell.pdbx_Rpim_I_all             ? 
_reflns_shell.pdbx_rejects                ? 
_reflns_shell.pdbx_ordinal                1 
_reflns_shell.pdbx_diffrn_id              1 
_reflns_shell.pdbx_CC_half                ? 
_reflns_shell.pdbx_R_split                ? 
# 
_refine.aniso_B[1][1]                            6.54000 
_refine.aniso_B[1][2]                            0.00000 
_refine.aniso_B[1][3]                            0.00000 
_refine.aniso_B[2][2]                            6.54000 
_refine.aniso_B[2][3]                            0.00000 
_refine.aniso_B[3][3]                            -13.09000 
_refine.B_iso_max                                ? 
_refine.B_iso_mean                               98.74 
_refine.B_iso_min                                ? 
_refine.correlation_coeff_Fo_to_Fc               0.951 
_refine.correlation_coeff_Fo_to_Fc_free          0.887 
_refine.details                                  
;HYDROGENS HAVE BEEN ADDED IN THE RIDING
 POSITIONS
;
_refine.diff_density_max                         ? 
_refine.diff_density_max_esd                     ? 
_refine.diff_density_min                         ? 
_refine.diff_density_min_esd                     ? 
_refine.diff_density_rms                         ? 
_refine.diff_density_rms_esd                     ? 
_refine.entry_id                                 5ZZ3 
_refine.pdbx_refine_id                           'X-RAY DIFFRACTION' 
_refine.ls_abs_structure_details                 ? 
_refine.ls_abs_structure_Flack                   ? 
_refine.ls_abs_structure_Flack_esd               ? 
_refine.ls_abs_structure_Rogers                  ? 
_refine.ls_abs_structure_Rogers_esd              ? 
_refine.ls_d_res_high                            3.00 
_refine.ls_d_res_low                             50.00 
_refine.ls_extinction_coef                       ? 
_refine.ls_extinction_coef_esd                   ? 
_refine.ls_extinction_expression                 ? 
_refine.ls_extinction_method                     ? 
_refine.ls_goodness_of_fit_all                   ? 
_refine.ls_goodness_of_fit_all_esd               ? 
_refine.ls_goodness_of_fit_obs                   ? 
_refine.ls_goodness_of_fit_obs_esd               ? 
_refine.ls_hydrogen_treatment                    ? 
_refine.ls_matrix_type                           ? 
_refine.ls_number_constraints                    ? 
_refine.ls_number_parameters                     ? 
_refine.ls_number_reflns_all                     ? 
_refine.ls_number_reflns_obs                     7044 
_refine.ls_number_reflns_R_free                  374 
_refine.ls_number_reflns_R_work                  ? 
_refine.ls_number_restraints                     ? 
_refine.ls_percent_reflns_obs                    100.0 
_refine.ls_percent_reflns_R_free                 5.000 
_refine.ls_R_factor_all                          ? 
_refine.ls_R_factor_obs                          0.199 
_refine.ls_R_factor_R_free                       0.275 
_refine.ls_R_factor_R_free_error                 ? 
_refine.ls_R_factor_R_free_error_details         ? 
_refine.ls_R_factor_R_work                       0.195 
_refine.ls_R_Fsqd_factor_obs                     ? 
_refine.ls_R_I_factor_obs                        ? 
_refine.ls_redundancy_reflns_all                 ? 
_refine.ls_redundancy_reflns_obs                 ? 
_refine.ls_restrained_S_all                      ? 
_refine.ls_restrained_S_obs                      ? 
_refine.ls_shift_over_esd_max                    ? 
_refine.ls_shift_over_esd_mean                   ? 
_refine.ls_structure_factor_coef                 ? 
_refine.ls_weighting_details                     ? 
_refine.ls_weighting_scheme                      ? 
_refine.ls_wR_factor_all                         ? 
_refine.ls_wR_factor_obs                         ? 
_refine.ls_wR_factor_R_free                      ? 
_refine.ls_wR_factor_R_work                      ? 
_refine.occupancy_max                            ? 
_refine.occupancy_min                            ? 
_refine.solvent_model_details                    ? 
_refine.solvent_model_param_bsol                 ? 
_refine.solvent_model_param_ksol                 ? 
_refine.ls_R_factor_gt                           ? 
_refine.ls_goodness_of_fit_gt                    ? 
_refine.ls_goodness_of_fit_ref                   ? 
_refine.ls_shift_over_su_max                     ? 
_refine.ls_shift_over_su_max_lt                  ? 
_refine.ls_shift_over_su_mean                    ? 
_refine.ls_shift_over_su_mean_lt                 ? 
_refine.pdbx_ls_sigma_I                          ? 
_refine.pdbx_ls_sigma_F                          ? 
_refine.pdbx_ls_sigma_Fsqd                       ? 
_refine.pdbx_data_cutoff_high_absF               ? 
_refine.pdbx_data_cutoff_high_rms_absF           ? 
_refine.pdbx_data_cutoff_low_absF                ? 
_refine.pdbx_isotropic_thermal_model             ? 
_refine.pdbx_ls_cross_valid_method               THROUGHOUT 
_refine.pdbx_method_to_determine_struct          'MOLECULAR REPLACEMENT' 
_refine.pdbx_starting_model                      4N7U 
_refine.pdbx_stereochemistry_target_values       ? 
_refine.pdbx_R_Free_selection_details            RANDOM 
_refine.pdbx_stereochem_target_val_spec_case     ? 
_refine.pdbx_overall_ESU_R                       0.828 
_refine.pdbx_overall_ESU_R_Free                  0.394 
_refine.pdbx_solvent_vdw_probe_radii             1.20 
_refine.pdbx_solvent_ion_probe_radii             0.80 
_refine.pdbx_solvent_shrinkage_radii             0.80 
_refine.pdbx_real_space_R                        ? 
_refine.pdbx_density_correlation                 ? 
_refine.pdbx_pd_number_of_powder_patterns        ? 
_refine.pdbx_pd_number_of_points                 ? 
_refine.pdbx_pd_meas_number_of_points            ? 
_refine.pdbx_pd_proc_ls_prof_R_factor            ? 
_refine.pdbx_pd_proc_ls_prof_wR_factor           ? 
_refine.pdbx_pd_Marquardt_correlation_coeff      ? 
_refine.pdbx_pd_Fsqrd_R_factor                   ? 
_refine.pdbx_pd_ls_matrix_band_width             ? 
_refine.pdbx_overall_phase_error                 ? 
_refine.pdbx_overall_SU_R_free_Cruickshank_DPI   ? 
_refine.pdbx_overall_SU_R_free_Blow_DPI          ? 
_refine.pdbx_overall_SU_R_Blow_DPI               ? 
_refine.pdbx_TLS_residual_ADP_flag               ? 
_refine.pdbx_diffrn_id                           1 
_refine.overall_SU_B                             16.118 
_refine.overall_SU_ML                            0.286 
_refine.overall_SU_R_Cruickshank_DPI             ? 
_refine.overall_SU_R_free                        ? 
_refine.overall_FOM_free_R_set                   ? 
_refine.overall_FOM_work_R_set                   ? 
_refine.pdbx_average_fsc_overall                 ? 
_refine.pdbx_average_fsc_work                    ? 
_refine.pdbx_average_fsc_free                    ? 
# 
_refine_hist.pdbx_refine_id                   'X-RAY DIFFRACTION' 
_refine_hist.cycle_id                         LAST 
_refine_hist.pdbx_number_atoms_protein        1552 
_refine_hist.pdbx_number_atoms_nucleic_acid   0 
_refine_hist.pdbx_number_atoms_ligand         0 
_refine_hist.number_atoms_solvent             8 
_refine_hist.number_atoms_total               1560 
_refine_hist.d_res_high                       3.00 
_refine_hist.d_res_low                        50.00 
# 
loop_
_refine_ls_restr.pdbx_refine_id 
_refine_ls_restr.criterion 
_refine_ls_restr.dev_ideal 
_refine_ls_restr.dev_ideal_target 
_refine_ls_restr.number 
_refine_ls_restr.rejects 
_refine_ls_restr.type 
_refine_ls_restr.weight 
_refine_ls_restr.pdbx_restraint_function 
'X-RAY DIFFRACTION' ? 0.015  0.019  1601 ? r_bond_refined_d             ? ? 
'X-RAY DIFFRACTION' ? 0.002  0.020  1468 ? r_bond_other_d               ? ? 
'X-RAY DIFFRACTION' ? 1.909  1.951  2181 ? r_angle_refined_deg          ? ? 
'X-RAY DIFFRACTION' ? 1.043  3.000  3393 ? r_angle_other_deg            ? ? 
'X-RAY DIFFRACTION' ? 8.198  5.000  190  ? r_dihedral_angle_1_deg       ? ? 
'X-RAY DIFFRACTION' ? 36.674 23.333 78   ? r_dihedral_angle_2_deg       ? ? 
'X-RAY DIFFRACTION' ? 19.224 15.000 255  ? r_dihedral_angle_3_deg       ? ? 
'X-RAY DIFFRACTION' ? 21.485 15.000 12   ? r_dihedral_angle_4_deg       ? ? 
'X-RAY DIFFRACTION' ? 0.096  0.200  227  ? r_chiral_restr               ? ? 
'X-RAY DIFFRACTION' ? 0.008  0.021  1792 ? r_gen_planes_refined         ? ? 
'X-RAY DIFFRACTION' ? 0.002  0.020  374  ? r_gen_planes_other           ? ? 
'X-RAY DIFFRACTION' ? ?      ?      ?    ? r_nbd_refined                ? ? 
'X-RAY DIFFRACTION' ? ?      ?      ?    ? r_nbd_other                  ? ? 
'X-RAY DIFFRACTION' ? ?      ?      ?    ? r_nbtor_refined              ? ? 
'X-RAY DIFFRACTION' ? ?      ?      ?    ? r_nbtor_other                ? ? 
'X-RAY DIFFRACTION' ? ?      ?      ?    ? r_xyhbond_nbd_refined        ? ? 
'X-RAY DIFFRACTION' ? ?      ?      ?    ? r_xyhbond_nbd_other          ? ? 
'X-RAY DIFFRACTION' ? ?      ?      ?    ? r_metal_ion_refined          ? ? 
'X-RAY DIFFRACTION' ? ?      ?      ?    ? r_metal_ion_other            ? ? 
'X-RAY DIFFRACTION' ? ?      ?      ?    ? r_symmetry_vdw_refined       ? ? 
'X-RAY DIFFRACTION' ? ?      ?      ?    ? r_symmetry_vdw_other         ? ? 
'X-RAY DIFFRACTION' ? ?      ?      ?    ? r_symmetry_hbond_refined     ? ? 
'X-RAY DIFFRACTION' ? ?      ?      ?    ? r_symmetry_hbond_other       ? ? 
'X-RAY DIFFRACTION' ? ?      ?      ?    ? r_symmetry_metal_ion_refined ? ? 
'X-RAY DIFFRACTION' ? ?      ?      ?    ? r_symmetry_metal_ion_other   ? ? 
'X-RAY DIFFRACTION' ? 8.397  9.650  763  ? r_mcbond_it                  ? ? 
'X-RAY DIFFRACTION' ? 8.388  9.646  762  ? r_mcbond_other               ? ? 
'X-RAY DIFFRACTION' ? 11.634 14.480 952  ? r_mcangle_it                 ? ? 
'X-RAY DIFFRACTION' ? 11.630 14.485 953  ? r_mcangle_other              ? ? 
'X-RAY DIFFRACTION' ? 8.114  10.128 838  ? r_scbond_it                  ? ? 
'X-RAY DIFFRACTION' ? 8.110  10.132 839  ? r_scbond_other               ? ? 
'X-RAY DIFFRACTION' ? ?      ?      ?    ? r_scangle_it                 ? ? 
'X-RAY DIFFRACTION' ? 11.603 14.971 1230 ? r_scangle_other              ? ? 
'X-RAY DIFFRACTION' ? 14.460 77.070 1798 ? r_long_range_B_refined       ? ? 
'X-RAY DIFFRACTION' ? 14.456 77.101 1799 ? r_long_range_B_other         ? ? 
'X-RAY DIFFRACTION' ? ?      ?      ?    ? r_rigid_bond_restr           ? ? 
'X-RAY DIFFRACTION' ? ?      ?      ?    ? r_sphericity_free            ? ? 
'X-RAY DIFFRACTION' ? ?      ?      ?    ? r_sphericity_bonded          ? ? 
# 
_refine_ls_shell.pdbx_refine_id                   'X-RAY DIFFRACTION' 
_refine_ls_shell.d_res_high                       3.00 
_refine_ls_shell.d_res_low                        3.08 
_refine_ls_shell.number_reflns_all                ? 
_refine_ls_shell.number_reflns_obs                ? 
_refine_ls_shell.number_reflns_R_free             22 
_refine_ls_shell.number_reflns_R_work             494 
_refine_ls_shell.percent_reflns_obs               99.81 
_refine_ls_shell.percent_reflns_R_free            ? 
_refine_ls_shell.R_factor_all                     ? 
_refine_ls_shell.R_factor_obs                     ? 
_refine_ls_shell.R_factor_R_free                  0.3190 
_refine_ls_shell.R_factor_R_free_error            ? 
_refine_ls_shell.R_factor_R_work                  0.2060 
_refine_ls_shell.redundancy_reflns_all            ? 
_refine_ls_shell.redundancy_reflns_obs            ? 
_refine_ls_shell.wR_factor_all                    ? 
_refine_ls_shell.wR_factor_obs                    ? 
_refine_ls_shell.wR_factor_R_free                 ? 
_refine_ls_shell.wR_factor_R_work                 ? 
_refine_ls_shell.pdbx_total_number_of_bins_used   20 
_refine_ls_shell.pdbx_phase_error                 ? 
_refine_ls_shell.pdbx_fsc_work                    ? 
_refine_ls_shell.pdbx_fsc_free                    ? 
# 
_struct.entry_id                     5ZZ3 
_struct.title                        'Crystal structure of intracellular B30.2 domain of BTN3A3' 
_struct.pdbx_model_details           ? 
_struct.pdbx_formula_weight          ? 
_struct.pdbx_formula_weight_method   ? 
_struct.pdbx_model_type_details      ? 
_struct.pdbx_CASP_flag               N 
# 
_struct_keywords.entry_id        5ZZ3 
_struct_keywords.text            'Butyrophilin, SIGNALING PROTEIN' 
_struct_keywords.pdbx_keywords   'SIGNALING PROTEIN' 
# 
loop_
_struct_asym.id 
_struct_asym.pdbx_blank_PDB_chainid_flag 
_struct_asym.pdbx_modified 
_struct_asym.entity_id 
_struct_asym.details 
A N N 1 ? 
B N N 2 ? 
# 
loop_
_struct_conf.conf_type_id 
_struct_conf.id 
_struct_conf.pdbx_PDB_helix_id 
_struct_conf.beg_label_comp_id 
_struct_conf.beg_label_asym_id 
_struct_conf.beg_label_seq_id 
_struct_conf.pdbx_beg_PDB_ins_code 
_struct_conf.end_label_comp_id 
_struct_conf.end_label_asym_id 
_struct_conf.end_label_seq_id 
_struct_conf.pdbx_end_PDB_ins_code 
_struct_conf.beg_auth_comp_id 
_struct_conf.beg_auth_asym_id 
_struct_conf.beg_auth_seq_id 
_struct_conf.end_auth_comp_id 
_struct_conf.end_auth_asym_id 
_struct_conf.end_auth_seq_id 
_struct_conf.pdbx_PDB_helix_class 
_struct_conf.details 
_struct_conf.pdbx_PDB_helix_length 
HELX_P HELX_P1 AA1 ALA A 34  ? PHE A 43  ? ALA A 298 PHE A 307 1 ? 10 
HELX_P HELX_P2 AA2 THR A 132 ? ASN A 135 ? THR A 396 ASN A 399 5 ? 4  
# 
_struct_conf_type.id          HELX_P 
_struct_conf_type.criteria    ? 
_struct_conf_type.reference   ? 
# 
_struct_mon_prot_cis.pdbx_id                1 
_struct_mon_prot_cis.label_comp_id          GLU 
_struct_mon_prot_cis.label_seq_id           153 
_struct_mon_prot_cis.label_asym_id          A 
_struct_mon_prot_cis.label_alt_id           . 
_struct_mon_prot_cis.pdbx_PDB_ins_code      ? 
_struct_mon_prot_cis.auth_comp_id           GLU 
_struct_mon_prot_cis.auth_seq_id            417 
_struct_mon_prot_cis.auth_asym_id           A 
_struct_mon_prot_cis.pdbx_label_comp_id_2   PRO 
_struct_mon_prot_cis.pdbx_label_seq_id_2    154 
_struct_mon_prot_cis.pdbx_label_asym_id_2   A 
_struct_mon_prot_cis.pdbx_PDB_ins_code_2    ? 
_struct_mon_prot_cis.pdbx_auth_comp_id_2    PRO 
_struct_mon_prot_cis.pdbx_auth_seq_id_2     418 
_struct_mon_prot_cis.pdbx_auth_asym_id_2    A 
_struct_mon_prot_cis.pdbx_PDB_model_num     1 
_struct_mon_prot_cis.pdbx_omega_angle       -7.82 
# 
loop_
_struct_sheet.id 
_struct_sheet.type 
_struct_sheet.number_strands 
_struct_sheet.details 
AA1 ? 5 ? 
AA2 ? 5 ? 
AA3 ? 6 ? 
# 
loop_
_struct_sheet_order.sheet_id 
_struct_sheet_order.range_id_1 
_struct_sheet_order.range_id_2 
_struct_sheet_order.offset 
_struct_sheet_order.sense 
AA1 1 2 ? parallel      
AA1 2 3 ? anti-parallel 
AA1 3 4 ? anti-parallel 
AA1 4 5 ? anti-parallel 
AA2 1 2 ? parallel      
AA2 2 3 ? anti-parallel 
AA2 3 4 ? anti-parallel 
AA2 4 5 ? anti-parallel 
AA3 1 2 ? anti-parallel 
AA3 2 3 ? anti-parallel 
AA3 3 4 ? anti-parallel 
AA3 4 5 ? anti-parallel 
AA3 5 6 ? anti-parallel 
# 
loop_
_struct_sheet_range.sheet_id 
_struct_sheet_range.id 
_struct_sheet_range.beg_label_comp_id 
_struct_sheet_range.beg_label_asym_id 
_struct_sheet_range.beg_label_seq_id 
_struct_sheet_range.pdbx_beg_PDB_ins_code 
_struct_sheet_range.end_label_comp_id 
_struct_sheet_range.end_label_asym_id 
_struct_sheet_range.end_label_seq_id 
_struct_sheet_range.pdbx_end_PDB_ins_code 
_struct_sheet_range.beg_auth_comp_id 
_struct_sheet_range.beg_auth_asym_id 
_struct_sheet_range.beg_auth_seq_id 
_struct_sheet_range.end_auth_comp_id 
_struct_sheet_range.end_auth_asym_id 
_struct_sheet_range.end_auth_seq_id 
AA1 1 LYS A 44  ? PRO A 45  ? LYS A 308 PRO A 309 
AA1 2 ARG A 100 ? GLU A 106 ? ARG A 364 GLU A 370 
AA1 3 LEU A 215 ? ILE A 217 ? LEU A 479 ILE A 481 
AA1 4 SER A 67  ? ARG A 70  ? SER A 331 ARG A 334 
AA1 5 LEU A 59  ? VAL A 61  ? LEU A 323 VAL A 325 
AA2 1 LYS A 44  ? PRO A 45  ? LYS A 308 PRO A 309 
AA2 2 ARG A 100 ? GLU A 106 ? ARG A 364 GLU A 370 
AA2 3 LYS A 166 ? ASP A 172 ? LYS A 430 ASP A 436 
AA2 4 GLU A 177 ? ASN A 182 ? GLU A 441 ASN A 446 
AA2 5 HIS A 188 ? THR A 191 ? HIS A 452 THR A 455 
AA3 1 CYS A 89  ? LEU A 91  ? CYS A 353 LEU A 355 
AA3 2 LEU A 201 ? ARG A 206 ? LEU A 465 ARG A 470 
AA3 3 TRP A 113 ? SER A 119 ? TRP A 377 SER A 383 
AA3 4 TYR A 137 ? THR A 143 ? TYR A 401 THR A 407 
AA3 5 LYS A 147 ? ALA A 150 ? LYS A 411 ALA A 414 
AA3 6 THR A 156 ? LEU A 158 ? THR A 420 LEU A 422 
# 
loop_
_pdbx_struct_sheet_hbond.sheet_id 
_pdbx_struct_sheet_hbond.range_id_1 
_pdbx_struct_sheet_hbond.range_id_2 
_pdbx_struct_sheet_hbond.range_1_label_atom_id 
_pdbx_struct_sheet_hbond.range_1_label_comp_id 
_pdbx_struct_sheet_hbond.range_1_label_asym_id 
_pdbx_struct_sheet_hbond.range_1_label_seq_id 
_pdbx_struct_sheet_hbond.range_1_PDB_ins_code 
_pdbx_struct_sheet_hbond.range_1_auth_atom_id 
_pdbx_struct_sheet_hbond.range_1_auth_comp_id 
_pdbx_struct_sheet_hbond.range_1_auth_asym_id 
_pdbx_struct_sheet_hbond.range_1_auth_seq_id 
_pdbx_struct_sheet_hbond.range_2_label_atom_id 
_pdbx_struct_sheet_hbond.range_2_label_comp_id 
_pdbx_struct_sheet_hbond.range_2_label_asym_id 
_pdbx_struct_sheet_hbond.range_2_label_seq_id 
_pdbx_struct_sheet_hbond.range_2_PDB_ins_code 
_pdbx_struct_sheet_hbond.range_2_auth_atom_id 
_pdbx_struct_sheet_hbond.range_2_auth_comp_id 
_pdbx_struct_sheet_hbond.range_2_auth_asym_id 
_pdbx_struct_sheet_hbond.range_2_auth_seq_id 
AA1 1 2 N LYS A 44  ? N LYS A 308 O ARG A 100 ? O ARG A 364 
AA1 2 3 N GLU A 106 ? N GLU A 370 O THR A 216 ? O THR A 480 
AA1 3 4 O LEU A 215 ? O LEU A 479 N VAL A 68  ? N VAL A 332 
AA1 4 5 O GLN A 69  ? O GLN A 333 N LEU A 60  ? N LEU A 324 
AA2 1 2 N LYS A 44  ? N LYS A 308 O ARG A 100 ? O ARG A 364 
AA2 2 3 N TRP A 103 ? N TRP A 367 O ILE A 169 ? O ILE A 433 
AA2 3 4 N GLY A 168 ? N GLY A 432 O TYR A 181 ? O TYR A 445 
AA2 4 5 N PHE A 180 ? N PHE A 444 O ILE A 189 ? O ILE A 453 
AA3 1 2 N VAL A 90  ? N VAL A 354 O PHE A 205 ? O PHE A 469 
AA3 2 3 O TYR A 202 ? O TYR A 466 N CYS A 118 ? N CYS A 382 
AA3 3 4 N ILE A 115 ? N ILE A 379 O MET A 140 ? O MET A 404 
AA3 4 5 N GLY A 141 ? N GLY A 405 O ARG A 149 ? O ARG A 413 
AA3 5 6 N ALA A 150 ? N ALA A 414 O THR A 156 ? O THR A 420 
# 
_atom_sites.entry_id                    5ZZ3 
_atom_sites.fract_transf_matrix[1][1]   -0.00982662 
_atom_sites.fract_transf_matrix[1][2]   0.00185721 
_atom_sites.fract_transf_matrix[1][3]   0.01717915 
_atom_sites.fract_transf_matrix[2][1]   -0.00763065 
_atom_sites.fract_transf_matrix[2][2]   -0.01819781 
_atom_sites.fract_transf_matrix[2][3]   -0.00239746 
_atom_sites.fract_transf_matrix[3][1]   0.00298706 
_atom_sites.fract_transf_matrix[3][2]   -0.00149898 
_atom_sites.fract_transf_matrix[3][3]   0.00187068 
_atom_sites.fract_transf_vector[1]      -0.257749 
_atom_sites.fract_transf_vector[2]      -0.355730 
_atom_sites.fract_transf_vector[3]      0.078534 
# 
loop_
_atom_type.symbol 
C 
N 
O 
S 
# 
loop_
_atom_site.group_PDB 
_atom_site.id 
_atom_site.type_symbol 
_atom_site.label_atom_id 
_atom_site.label_alt_id 
_atom_site.label_comp_id 
_atom_site.label_asym_id 
_atom_site.label_entity_id 
_atom_site.label_seq_id 
_atom_site.pdbx_PDB_ins_code 
_atom_site.Cartn_x 
_atom_site.Cartn_y 
_atom_site.Cartn_z 
_atom_site.occupancy 
_atom_site.B_iso_or_equiv 
_atom_site.pdbx_formal_charge 
_atom_site.auth_seq_id 
_atom_site.auth_comp_id 
_atom_site.auth_asym_id 
_atom_site.auth_atom_id 
_atom_site.pdbx_PDB_model_num 
ATOM   1    N N   . ALA A 1 31  ? -17.720 -0.019  -19.050 1.00 116.83 ? 295 ALA A N   1 
ATOM   2    C CA  . ALA A 1 31  ? -17.577 -1.257  -18.244 1.00 129.61 ? 295 ALA A CA  1 
ATOM   3    C C   . ALA A 1 31  ? -16.480 -1.076  -17.149 1.00 128.99 ? 295 ALA A C   1 
ATOM   4    O O   . ALA A 1 31  ? -16.799 -0.505  -16.105 1.00 115.24 ? 295 ALA A O   1 
ATOM   5    C CB  . ALA A 1 31  ? -17.342 -2.460  -19.164 1.00 126.16 ? 295 ALA A CB  1 
ATOM   6    N N   . GLY A 1 32  ? -15.237 -1.547  -17.362 1.00 133.02 ? 296 GLY A N   1 
ATOM   7    C CA  . GLY A 1 32  ? -14.069 -1.177  -16.514 1.00 122.43 ? 296 GLY A CA  1 
ATOM   8    C C   . GLY A 1 32  ? -13.268 0.029   -17.034 1.00 112.90 ? 296 GLY A C   1 
ATOM   9    O O   . GLY A 1 32  ? -12.756 0.847   -16.253 1.00 95.77  ? 296 GLY A O   1 
ATOM   10   N N   . ALA A 1 33  ? -13.150 0.125   -18.361 1.00 109.16 ? 297 ALA A N   1 
ATOM   11   C CA  . ALA A 1 33  ? -12.524 1.271   -19.058 1.00 106.00 ? 297 ALA A CA  1 
ATOM   12   C C   . ALA A 1 33  ? -13.125 2.572   -18.656 1.00 102.50 ? 297 ALA A C   1 
ATOM   13   O O   . ALA A 1 33  ? -14.235 2.601   -18.146 1.00 119.67 ? 297 ALA A O   1 
ATOM   14   C CB  . ALA A 1 33  ? -12.668 1.130   -20.562 1.00 103.91 ? 297 ALA A CB  1 
ATOM   15   N N   . ALA A 1 34  ? -12.396 3.641   -18.957 1.00 98.09  ? 298 ALA A N   1 
ATOM   16   C CA  . ALA A 1 34  ? -12.645 5.014   -18.453 1.00 101.81 ? 298 ALA A CA  1 
ATOM   17   C C   . ALA A 1 34  ? -11.803 5.252   -17.233 1.00 99.53  ? 298 ALA A C   1 
ATOM   18   O O   . ALA A 1 34  ? -10.997 6.183   -17.197 1.00 104.94 ? 298 ALA A O   1 
ATOM   19   C CB  . ALA A 1 34  ? -14.106 5.323   -18.161 1.00 100.31 ? 298 ALA A CB  1 
ATOM   20   N N   . TYR A 1 35  ? -11.957 4.401   -16.231 1.00 97.90  ? 299 TYR A N   1 
ATOM   21   C CA  . TYR A 1 35  ? -10.943 4.362   -15.184 1.00 99.77  ? 299 TYR A CA  1 
ATOM   22   C C   . TYR A 1 35  ? -9.554  4.242   -15.831 1.00 88.14  ? 299 TYR A C   1 
ATOM   23   O O   . TYR A 1 35  ? -8.632  4.971   -15.466 1.00 107.20 ? 299 TYR A O   1 
ATOM   24   C CB  . TYR A 1 35  ? -11.216 3.239   -14.206 1.00 87.09  ? 299 TYR A CB  1 
ATOM   25   C CG  . TYR A 1 35  ? -10.037 2.882   -13.392 1.00 83.85  ? 299 TYR A CG  1 
ATOM   26   C CD1 . TYR A 1 35  ? -9.724  3.599   -12.245 1.00 85.46  ? 299 TYR A CD1 1 
ATOM   27   C CD2 . TYR A 1 35  ? -9.221  1.803   -13.743 1.00 85.52  ? 299 TYR A CD2 1 
ATOM   28   C CE1 . TYR A 1 35  ? -8.623  3.251   -11.458 1.00 79.77  ? 299 TYR A CE1 1 
ATOM   29   C CE2 . TYR A 1 35  ? -8.124  1.444   -12.965 1.00 78.22  ? 299 TYR A CE2 1 
ATOM   30   C CZ  . TYR A 1 35  ? -7.824  2.177   -11.822 1.00 78.53  ? 299 TYR A CZ  1 
ATOM   31   O OH  . TYR A 1 35  ? -6.739  1.833   -11.033 1.00 83.70  ? 299 TYR A OH  1 
ATOM   32   N N   . HIS A 1 36  ? -9.428  3.383   -16.833 1.00 82.43  ? 300 HIS A N   1 
ATOM   33   C CA  . HIS A 1 36  ? -8.154  3.252   -17.543 1.00 85.19  ? 300 HIS A CA  1 
ATOM   34   C C   . HIS A 1 36  ? -7.774  4.512   -18.243 1.00 90.03  ? 300 HIS A C   1 
ATOM   35   O O   . HIS A 1 36  ? -6.719  5.048   -17.959 1.00 107.33 ? 300 HIS A O   1 
ATOM   36   C CB  . HIS A 1 36  ? -8.174  2.072   -18.487 1.00 85.89  ? 300 HIS A CB  1 
ATOM   37   C CG  . HIS A 1 36  ? -8.419  0.800   -17.763 1.00 94.18  ? 300 HIS A CG  1 
ATOM   38   N ND1 . HIS A 1 36  ? -7.682  0.459   -16.657 1.00 94.77  ? 300 HIS A ND1 1 
ATOM   39   C CD2 . HIS A 1 36  ? -9.372  -0.148  -17.883 1.00 99.93  ? 300 HIS A CD2 1 
ATOM   40   C CE1 . HIS A 1 36  ? -8.140  -0.664  -16.142 1.00 93.17  ? 300 HIS A CE1 1 
ATOM   41   N NE2 . HIS A 1 36  ? -9.166  -1.057  -16.870 1.00 93.70  ? 300 HIS A NE2 1 
ATOM   42   N N   . GLU A 1 37  ? -8.633  5.021   -19.117 1.00 86.22  ? 301 GLU A N   1 
ATOM   43   C CA  . GLU A 1 37  ? -8.345  6.300   -19.795 1.00 94.57  ? 301 GLU A CA  1 
ATOM   44   C C   . GLU A 1 37  ? -7.878  7.406   -18.828 1.00 92.01  ? 301 GLU A C   1 
ATOM   45   O O   . GLU A 1 37  ? -6.860  8.073   -19.050 1.00 81.95  ? 301 GLU A O   1 
ATOM   46   C CB  . GLU A 1 37  ? -9.594  6.798   -20.515 1.00 106.70 ? 301 GLU A CB  1 
ATOM   47   C CG  . GLU A 1 37  ? -9.709  6.437   -21.987 1.00 108.16 ? 301 GLU A CG  1 
ATOM   48   C CD  . GLU A 1 37  ? -11.153 6.491   -22.484 1.00 109.92 ? 301 GLU A CD  1 
ATOM   49   O OE1 . GLU A 1 37  ? -11.949 7.368   -22.056 1.00 111.30 ? 301 GLU A OE1 1 
ATOM   50   O OE2 . GLU A 1 37  ? -11.500 5.643   -23.322 1.00 107.15 ? 301 GLU A OE2 1 
ATOM   51   N N   . TRP A 1 38  ? -8.682  7.573   -17.781 1.00 89.20  ? 302 TRP A N   1 
ATOM   52   C CA  . TRP A 1 38  ? -8.548  8.602   -16.782 1.00 83.05  ? 302 TRP A CA  1 
ATOM   53   C C   . TRP A 1 38  ? -7.205  8.523   -16.112 1.00 90.75  ? 302 TRP A C   1 
ATOM   54   O O   . TRP A 1 38  ? -6.474  9.521   -16.018 1.00 84.66  ? 302 TRP A O   1 
ATOM   55   C CB  . TRP A 1 38  ? -9.638  8.379   -15.734 1.00 83.28  ? 302 TRP A CB  1 
ATOM   56   C CG  . TRP A 1 38  ? -9.466  9.144   -14.492 1.00 95.12  ? 302 TRP A CG  1 
ATOM   57   C CD1 . TRP A 1 38  ? -9.520  10.498  -14.341 1.00 110.92 ? 302 TRP A CD1 1 
ATOM   58   C CD2 . TRP A 1 38  ? -9.203  8.610   -13.202 1.00 101.14 ? 302 TRP A CD2 1 
ATOM   59   N NE1 . TRP A 1 38  ? -9.317  10.845  -13.024 1.00 107.30 ? 302 TRP A NE1 1 
ATOM   60   C CE2 . TRP A 1 38  ? -9.122  9.702   -12.302 1.00 100.75 ? 302 TRP A CE2 1 
ATOM   61   C CE3 . TRP A 1 38  ? -9.030  7.317   -12.711 1.00 95.29  ? 302 TRP A CE3 1 
ATOM   62   C CZ2 . TRP A 1 38  ? -8.882  9.534   -10.953 1.00 93.58  ? 302 TRP A CZ2 1 
ATOM   63   C CZ3 . TRP A 1 38  ? -8.792  7.154   -11.371 1.00 86.93  ? 302 TRP A CZ3 1 
ATOM   64   C CH2 . TRP A 1 38  ? -8.716  8.253   -10.505 1.00 90.07  ? 302 TRP A CH2 1 
ATOM   65   N N   . LYS A 1 39  ? -6.893  7.325   -15.625 1.00 87.98  ? 303 LYS A N   1 
ATOM   66   C CA  . LYS A 1 39  ? -5.715  7.154   -14.800 1.00 93.24  ? 303 LYS A CA  1 
ATOM   67   C C   . LYS A 1 39  ? -4.471  7.573   -15.587 1.00 94.20  ? 303 LYS A C   1 
ATOM   68   O O   . LYS A 1 39  ? -3.639  8.305   -15.067 1.00 96.51  ? 303 LYS A O   1 
ATOM   69   C CB  . LYS A 1 39  ? -5.619  5.718   -14.265 1.00 88.89  ? 303 LYS A CB  1 
ATOM   70   C CG  . LYS A 1 39  ? -5.090  4.681   -15.237 1.00 80.51  ? 303 LYS A CG  1 
ATOM   71   C CD  . LYS A 1 39  ? -5.450  3.279   -14.801 1.00 83.29  ? 303 LYS A CD  1 
ATOM   72   C CE  . LYS A 1 39  ? -4.910  2.247   -15.784 1.00 83.65  ? 303 LYS A CE  1 
ATOM   73   N NZ  . LYS A 1 39  ? -5.084  0.824   -15.350 1.00 76.71  ? 303 LYS A NZ  1 
ATOM   74   N N   . MET A 1 40  ? -4.407  7.173   -16.861 1.00 96.61  ? 304 MET A N   1 
ATOM   75   C CA  . MET A 1 40  ? -3.234  7.405   -17.730 1.00 94.51  ? 304 MET A CA  1 
ATOM   76   C C   . MET A 1 40  ? -3.194  8.858   -18.126 1.00 85.03  ? 304 MET A C   1 
ATOM   77   O O   . MET A 1 40  ? -2.163  9.477   -18.117 1.00 95.41  ? 304 MET A O   1 
ATOM   78   C CB  . MET A 1 40  ? -3.313  6.575   -19.001 1.00 88.44  ? 304 MET A CB  1 
ATOM   79   C CG  . MET A 1 40  ? -3.432  5.089   -18.760 1.00 97.51  ? 304 MET A CG  1 
ATOM   80   S SD  . MET A 1 40  ? -3.754  4.116   -20.242 1.00 123.34 ? 304 MET A SD  1 
ATOM   81   C CE  . MET A 1 40  ? -5.242  4.777   -21.016 1.00 122.81 ? 304 MET A CE  1 
ATOM   82   N N   . ALA A 1 41  ? -4.349  9.386   -18.467 1.00 87.00  ? 305 ALA A N   1 
ATOM   83   C CA  . ALA A 1 41  ? -4.493  10.791  -18.783 1.00 88.78  ? 305 ALA A CA  1 
ATOM   84   C C   . ALA A 1 41  ? -4.129  11.763  -17.652 1.00 89.94  ? 305 ALA A C   1 
ATOM   85   O O   . ALA A 1 41  ? -3.556  12.804  -17.945 1.00 80.08  ? 305 ALA A O   1 
ATOM   86   C CB  . ALA A 1 41  ? -5.920  11.065  -19.242 1.00 81.75  ? 305 ALA A CB  1 
ATOM   87   N N   . LEU A 1 42  ? -4.472  11.449  -16.395 1.00 89.81  ? 306 LEU A N   1 
ATOM   88   C CA  . LEU A 1 42  ? -4.414  12.454  -15.311 1.00 86.58  ? 306 LEU A CA  1 
ATOM   89   C C   . LEU A 1 42  ? -3.405  12.276  -14.209 1.00 92.08  ? 306 LEU A C   1 
ATOM   90   O O   . LEU A 1 42  ? -3.217  13.206  -13.410 1.00 93.25  ? 306 LEU A O   1 
ATOM   91   C CB  . LEU A 1 42  ? -5.768  12.590  -14.657 1.00 94.69  ? 306 LEU A CB  1 
ATOM   92   C CG  . LEU A 1 42  ? -6.660  13.540  -15.451 1.00 107.40 ? 306 LEU A CG  1 
ATOM   93   C CD1 . LEU A 1 42  ? -7.335  12.829  -16.619 1.00 107.29 ? 306 LEU A CD1 1 
ATOM   94   C CD2 . LEU A 1 42  ? -7.677  14.176  -14.527 1.00 113.84 ? 306 LEU A CD2 1 
ATOM   95   N N   . PHE A 1 43  ? -2.793  11.094  -14.149 1.00 92.44  ? 307 PHE A N   1 
ATOM   96   C CA  . PHE A 1 43  ? -1.830  10.740  -13.119 1.00 93.31  ? 307 PHE A CA  1 
ATOM   97   C C   . PHE A 1 43  ? -0.607  10.088  -13.796 1.00 95.16  ? 307 PHE A C   1 
ATOM   98   O O   . PHE A 1 43  ? -0.734  9.371   -14.796 1.00 95.90  ? 307 PHE A O   1 
ATOM   99   C CB  . PHE A 1 43  ? -2.442  9.757   -12.089 1.00 93.74  ? 307 PHE A CB  1 
ATOM   100  C CG  . PHE A 1 43  ? -3.510  10.347  -11.215 1.00 92.11  ? 307 PHE A CG  1 
ATOM   101  C CD1 . PHE A 1 43  ? -4.776  10.642  -11.723 1.00 99.09  ? 307 PHE A CD1 1 
ATOM   102  C CD2 . PHE A 1 43  ? -3.274  10.574  -9.856  1.00 101.82 ? 307 PHE A CD2 1 
ATOM   103  C CE1 . PHE A 1 43  ? -5.760  11.204  -10.906 1.00 96.38  ? 307 PHE A CE1 1 
ATOM   104  C CE2 . PHE A 1 43  ? -4.264  11.119  -9.029  1.00 90.53  ? 307 PHE A CE2 1 
ATOM   105  C CZ  . PHE A 1 43  ? -5.503  11.440  -9.562  1.00 90.32  ? 307 PHE A CZ  1 
ATOM   106  N N   . LYS A 1 44  ? 0.563   10.326  -13.208 1.00 90.96  ? 308 LYS A N   1 
ATOM   107  C CA  . LYS A 1 44  ? 1.821   9.874   -13.723 1.00 89.80  ? 308 LYS A CA  1 
ATOM   108  C C   . LYS A 1 44  ? 2.046   8.499   -13.137 1.00 88.09  ? 308 LYS A C   1 
ATOM   109  O O   . LYS A 1 44  ? 2.178   8.386   -11.928 1.00 108.02 ? 308 LYS A O   1 
ATOM   110  C CB  . LYS A 1 44  ? 2.933   10.845  -13.283 1.00 100.60 ? 308 LYS A CB  1 
ATOM   111  C CG  . LYS A 1 44  ? 4.235   10.697  -14.051 1.00 107.92 ? 308 LYS A CG  1 
ATOM   112  C CD  . LYS A 1 44  ? 5.447   11.193  -13.269 1.00 115.39 ? 308 LYS A CD  1 
ATOM   113  C CE  . LYS A 1 44  ? 6.691   10.365  -13.580 1.00 123.47 ? 308 LYS A CE  1 
ATOM   114  N NZ  . LYS A 1 44  ? 6.578   8.950   -13.098 1.00 141.38 ? 308 LYS A NZ  1 
ATOM   115  N N   . PRO A 1 45  ? 2.126   7.451   -13.976 1.00 85.71  ? 309 PRO A N   1 
ATOM   116  C CA  . PRO A 1 45  ? 2.362   6.140   -13.398 1.00 89.82  ? 309 PRO A CA  1 
ATOM   117  C C   . PRO A 1 45  ? 3.712   6.022   -12.734 1.00 99.10  ? 309 PRO A C   1 
ATOM   118  O O   . PRO A 1 45  ? 4.753   6.257   -13.357 1.00 114.76 ? 309 PRO A O   1 
ATOM   119  C CB  . PRO A 1 45  ? 2.296   5.189   -14.594 1.00 86.44  ? 309 PRO A CB  1 
ATOM   120  C CG  . PRO A 1 45  ? 2.647   6.005   -15.745 1.00 82.18  ? 309 PRO A CG  1 
ATOM   121  C CD  . PRO A 1 45  ? 2.100   7.378   -15.444 1.00 91.20  ? 309 PRO A CD  1 
ATOM   122  N N   . ALA A 1 46  ? 3.648   5.709   -11.451 1.00 97.34  ? 310 ALA A N   1 
ATOM   123  C CA  . ALA A 1 46  ? 4.763   5.221   -10.718 1.00 90.61  ? 310 ALA A CA  1 
ATOM   124  C C   . ALA A 1 46  ? 4.989   3.734   -11.016 1.00 96.10  ? 310 ALA A C   1 
ATOM   125  O O   . ALA A 1 46  ? 4.068   2.913   -11.231 1.00 89.35  ? 310 ALA A O   1 
ATOM   126  C CB  . ALA A 1 46  ? 4.552   5.432   -9.229  1.00 93.19  ? 310 ALA A CB  1 
ATOM   127  N N   . ASP A 1 47  ? 6.271   3.427   -10.986 1.00 99.86  ? 311 ASP A N   1 
ATOM   128  C CA  . ASP A 1 47  ? 6.805   2.141   -11.257 1.00 95.45  ? 311 ASP A CA  1 
ATOM   129  C C   . ASP A 1 47  ? 7.457   1.795   -9.922  1.00 94.56  ? 311 ASP A C   1 
ATOM   130  O O   . ASP A 1 47  ? 8.594   2.117   -9.643  1.00 77.71  ? 311 ASP A O   1 
ATOM   131  C CB  . ASP A 1 47  ? 7.802   2.335   -12.391 1.00 93.09  ? 311 ASP A CB  1 
ATOM   132  C CG  . ASP A 1 47  ? 8.510   1.079   -12.773 1.00 97.84  ? 311 ASP A CG  1 
ATOM   133  O OD1 . ASP A 1 47  ? 7.832   0.051   -13.007 1.00 107.66 ? 311 ASP A OD1 1 
ATOM   134  O OD2 . ASP A 1 47  ? 9.758   1.134   -12.858 1.00 79.87  ? 311 ASP A OD2 1 
ATOM   135  N N   . VAL A 1 48  ? 6.686   1.201   -9.042  1.00 108.65 ? 312 VAL A N   1 
ATOM   136  C CA  . VAL A 1 48  ? 7.157   1.030   -7.679  1.00 100.23 ? 312 VAL A CA  1 
ATOM   137  C C   . VAL A 1 48  ? 7.884   -0.287  -7.599  1.00 91.75  ? 312 VAL A C   1 
ATOM   138  O O   . VAL A 1 48  ? 7.316   -1.298  -7.994  1.00 80.30  ? 312 VAL A O   1 
ATOM   139  C CB  . VAL A 1 48  ? 5.974   1.065   -6.701  1.00 94.60  ? 312 VAL A CB  1 
ATOM   140  C CG1 . VAL A 1 48  ? 6.389   0.622   -5.294  1.00 85.55  ? 312 VAL A CG1 1 
ATOM   141  C CG2 . VAL A 1 48  ? 5.414   2.483   -6.688  1.00 95.01  ? 312 VAL A CG2 1 
ATOM   142  N N   . ILE A 1 49  ? 9.120   -0.292  -7.097  1.00 88.19  ? 313 ILE A N   1 
ATOM   143  C CA  . ILE A 1 49  ? 9.770   -1.563  -6.772  1.00 88.12  ? 313 ILE A CA  1 
ATOM   144  C C   . ILE A 1 49  ? 10.029  -1.607  -5.245  1.00 89.77  ? 313 ILE A C   1 
ATOM   145  O O   . ILE A 1 49  ? 10.388  -0.592  -4.591  1.00 82.58  ? 313 ILE A O   1 
ATOM   146  C CB  . ILE A 1 49  ? 11.047  -1.890  -7.661  1.00 101.01 ? 313 ILE A CB  1 
ATOM   147  C CG1 . ILE A 1 49  ? 12.366  -1.467  -6.994  1.00 103.50 ? 313 ILE A CG1 1 
ATOM   148  C CG2 . ILE A 1 49  ? 10.983  -1.292  -9.083  1.00 97.75  ? 313 ILE A CG2 1 
ATOM   149  C CD1 . ILE A 1 49  ? 13.603  -1.806  -7.801  1.00 115.14 ? 313 ILE A CD1 1 
ATOM   150  N N   . LEU A 1 50  ? 9.868   -2.807  -4.698  1.00 84.39  ? 314 LEU A N   1 
ATOM   151  C CA  . LEU A 1 50  ? 10.018  -3.049  -3.266  1.00 85.44  ? 314 LEU A CA  1 
ATOM   152  C C   . LEU A 1 50  ? 11.440  -2.938  -2.805  1.00 87.62  ? 314 LEU A C   1 
ATOM   153  O O   . LEU A 1 50  ? 12.297  -3.625  -3.319  1.00 103.83 ? 314 LEU A O   1 
ATOM   154  C CB  . LEU A 1 50  ? 9.510   -4.444  -2.900  1.00 80.72  ? 314 LEU A CB  1 
ATOM   155  C CG  . LEU A 1 50  ? 8.003   -4.546  -3.215  1.00 96.40  ? 314 LEU A CG  1 
ATOM   156  C CD1 . LEU A 1 50  ? 7.469   -5.979  -3.074  1.00 97.98  ? 314 LEU A CD1 1 
ATOM   157  C CD2 . LEU A 1 50  ? 7.218   -3.508  -2.402  1.00 83.82  ? 314 LEU A CD2 1 
ATOM   158  N N   . ASP A 1 51  ? 11.673  -2.096  -1.805  1.00 90.45  ? 315 ASP A N   1 
ATOM   159  C CA  . ASP A 1 51  ? 12.985  -1.949  -1.167  1.00 89.53  ? 315 ASP A CA  1 
ATOM   160  C C   . ASP A 1 51  ? 13.277  -2.999  -0.060  1.00 91.40  ? 315 ASP A C   1 
ATOM   161  O O   . ASP A 1 51  ? 12.704  -2.904  1.023   1.00 99.44  ? 315 ASP A O   1 
ATOM   162  C CB  . ASP A 1 51  ? 13.016  -0.548  -0.570  1.00 97.07  ? 315 ASP A CB  1 
ATOM   163  C CG  . ASP A 1 51  ? 14.337  -0.202  0.044   1.00 96.32  ? 315 ASP A CG  1 
ATOM   164  O OD1 . ASP A 1 51  ? 15.168  -1.131  0.286   1.00 82.26  ? 315 ASP A OD1 1 
ATOM   165  O OD2 . ASP A 1 51  ? 14.508  1.023   0.286   1.00 103.50 ? 315 ASP A OD2 1 
ATOM   166  N N   . PRO A 1 52  ? 14.200  -3.972  -0.285  1.00 105.08 ? 316 PRO A N   1 
ATOM   167  C CA  . PRO A 1 52  ? 14.316  -5.034  0.754   1.00 104.79 ? 316 PRO A CA  1 
ATOM   168  C C   . PRO A 1 52  ? 15.063  -4.625  1.991   1.00 88.47  ? 316 PRO A C   1 
ATOM   169  O O   . PRO A 1 52  ? 14.936  -5.296  3.007   1.00 87.30  ? 316 PRO A O   1 
ATOM   170  C CB  . PRO A 1 52  ? 15.048  -6.197  0.042   1.00 101.16 ? 316 PRO A CB  1 
ATOM   171  C CG  . PRO A 1 52  ? 15.110  -5.810  -1.387  1.00 102.44 ? 316 PRO A CG  1 
ATOM   172  C CD  . PRO A 1 52  ? 15.055  -4.295  -1.434  1.00 102.99 ? 316 PRO A CD  1 
ATOM   173  N N   . ASP A 1 53  ? 15.824  -3.539  1.915   1.00 88.39  ? 317 ASP A N   1 
ATOM   174  C CA  . ASP A 1 53  ? 16.387  -2.940  3.132   1.00 104.35 ? 317 ASP A CA  1 
ATOM   175  C C   . ASP A 1 53  ? 15.281  -2.568  4.156   1.00 96.50  ? 317 ASP A C   1 
ATOM   176  O O   . ASP A 1 53  ? 15.515  -2.652  5.350   1.00 105.72 ? 317 ASP A O   1 
ATOM   177  C CB  . ASP A 1 53  ? 17.243  -1.684  2.817   1.00 107.71 ? 317 ASP A CB  1 
ATOM   178  C CG  . ASP A 1 53  ? 18.633  -1.998  2.229   1.00 99.14  ? 317 ASP A CG  1 
ATOM   179  O OD1 . ASP A 1 53  ? 19.037  -3.180  2.066   1.00 90.16  ? 317 ASP A OD1 1 
ATOM   180  O OD2 . ASP A 1 53  ? 19.339  -1.003  1.963   1.00 97.97  ? 317 ASP A OD2 1 
ATOM   181  N N   . THR A 1 54  ? 14.098  -2.163  3.681   1.00 91.59  ? 318 THR A N   1 
ATOM   182  C CA  . THR A 1 54  ? 12.969  -1.787  4.561   1.00 90.71  ? 318 THR A CA  1 
ATOM   183  C C   . THR A 1 54  ? 12.160  -2.947  5.162   1.00 85.70  ? 318 THR A C   1 
ATOM   184  O O   . THR A 1 54  ? 11.465  -2.747  6.142   1.00 82.79  ? 318 THR A O   1 
ATOM   185  C CB  . THR A 1 54  ? 11.932  -0.893  3.834   1.00 90.72  ? 318 THR A CB  1 
ATOM   186  O OG1 . THR A 1 54  ? 11.272  -1.631  2.794   1.00 79.71  ? 318 THR A OG1 1 
ATOM   187  C CG2 . THR A 1 54  ? 12.571  0.385   3.262   1.00 89.69  ? 318 THR A CG2 1 
ATOM   188  N N   . ALA A 1 55  ? 12.242  -4.131  4.555   1.00 82.46  ? 319 ALA A N   1 
ATOM   189  C CA  . ALA A 1 55  ? 11.377  -5.274  4.865   1.00 78.59  ? 319 ALA A CA  1 
ATOM   190  C C   . ALA A 1 55  ? 11.687  -6.000  6.161   1.00 82.42  ? 319 ALA A C   1 
ATOM   191  O O   . ALA A 1 55  ? 12.674  -6.715  6.281   1.00 100.33 ? 319 ALA A O   1 
ATOM   192  C CB  . ALA A 1 55  ? 11.426  -6.293  3.735   1.00 82.51  ? 319 ALA A CB  1 
ATOM   193  N N   . ASN A 1 56  ? 10.789  -5.865  7.106   1.00 86.46  ? 320 ASN A N   1 
ATOM   194  C CA  . ASN A 1 56  ? 10.688  -6.786  8.213   1.00 92.91  ? 320 ASN A CA  1 
ATOM   195  C C   . ASN A 1 56  ? 11.116  -8.228  7.931   1.00 88.13  ? 320 ASN A C   1 
ATOM   196  O O   . ASN A 1 56  ? 10.631  -8.864  6.973   1.00 69.75  ? 320 ASN A O   1 
ATOM   197  C CB  . ASN A 1 56  ? 9.229   -6.867  8.630   1.00 96.55  ? 320 ASN A CB  1 
ATOM   198  C CG  . ASN A 1 56  ? 9.063   -7.578  9.925   1.00 82.07  ? 320 ASN A CG  1 
ATOM   199  O OD1 . ASN A 1 56  ? 8.872   -8.835  10.006  1.00 64.59  ? 320 ASN A OD1 1 
ATOM   200  N ND2 . ASN A 1 56  ? 9.215   -6.806  10.959  1.00 81.22  ? 320 ASN A ND2 1 
ATOM   201  N N   . ALA A 1 57  ? 11.911  -8.779  8.842   1.00 87.37  ? 321 ALA A N   1 
ATOM   202  C CA  . ALA A 1 57  ? 12.511  -10.103 8.627   1.00 82.00  ? 321 ALA A CA  1 
ATOM   203  C C   . ALA A 1 57  ? 11.573  -11.237 8.209   1.00 80.00  ? 321 ALA A C   1 
ATOM   204  O O   . ALA A 1 57  ? 11.978  -12.146 7.488   1.00 110.63 ? 321 ALA A O   1 
ATOM   205  C CB  . ALA A 1 57  ? 13.324  -10.514 9.826   1.00 81.90  ? 321 ALA A CB  1 
ATOM   206  N N   . ILE A 1 58  ? 10.322  -11.191 8.601   1.00 85.17  ? 322 ILE A N   1 
ATOM   207  C CA  . ILE A 1 58  ? 9.425   -12.270 8.213   1.00 85.54  ? 322 ILE A CA  1 
ATOM   208  C C   . ILE A 1 58  ? 8.967   -12.113 6.760   1.00 69.42  ? 322 ILE A C   1 
ATOM   209  O O   . ILE A 1 58  ? 8.340   -13.007 6.182   1.00 68.42  ? 322 ILE A O   1 
ATOM   210  C CB  . ILE A 1 58  ? 8.231   -12.381 9.209   1.00 84.56  ? 322 ILE A CB  1 
ATOM   211  C CG1 . ILE A 1 58  ? 7.644   -13.802 9.131   1.00 86.38  ? 322 ILE A CG1 1 
ATOM   212  C CG2 . ILE A 1 58  ? 7.218   -11.278 8.924   1.00 72.92  ? 322 ILE A CG2 1 
ATOM   213  C CD1 . ILE A 1 58  ? 6.689   -14.160 10.230  1.00 100.02 ? 322 ILE A CD1 1 
ATOM   214  N N   . LEU A 1 59  ? 9.254   -10.957 6.169   1.00 82.95  ? 323 LEU A N   1 
ATOM   215  C CA  . LEU A 1 59  ? 8.933   -10.714 4.736   1.00 96.71  ? 323 LEU A CA  1 
ATOM   216  C C   . LEU A 1 59  ? 9.969   -11.250 3.745   1.00 84.93  ? 323 LEU A C   1 
ATOM   217  O O   . LEU A 1 59  ? 11.184  -11.307 4.034   1.00 93.81  ? 323 LEU A O   1 
ATOM   218  C CB  . LEU A 1 59  ? 8.722   -9.219  4.485   1.00 95.59  ? 323 LEU A CB  1 
ATOM   219  C CG  . LEU A 1 59  ? 7.618   -8.634  5.385   1.00 91.41  ? 323 LEU A CG  1 
ATOM   220  C CD1 . LEU A 1 59  ? 7.458   -7.140  5.167   1.00 91.76  ? 323 LEU A CD1 1 
ATOM   221  C CD2 . LEU A 1 59  ? 6.307   -9.380  5.161   1.00 81.32  ? 323 LEU A CD2 1 
ATOM   222  N N   . LEU A 1 60  ? 9.441   -11.654 2.596   1.00 82.33  ? 324 LEU A N   1 
ATOM   223  C CA  . LEU A 1 60  ? 10.198  -12.154 1.439   1.00 86.56  ? 324 LEU A CA  1 
ATOM   224  C C   . LEU A 1 60  ? 9.864   -11.352 0.193   1.00 82.69  ? 324 LEU A C   1 
ATOM   225  O O   . LEU A 1 60  ? 8.875   -11.633 -0.480  1.00 90.78  ? 324 LEU A O   1 
ATOM   226  C CB  . LEU A 1 60  ? 9.819   -13.603 1.117   1.00 83.59  ? 324 LEU A CB  1 
ATOM   227  C CG  . LEU A 1 60  ? 9.867   -14.580 2.263   1.00 81.56  ? 324 LEU A CG  1 
ATOM   228  C CD1 . LEU A 1 60  ? 9.449   -15.937 1.720   1.00 76.05  ? 324 LEU A CD1 1 
ATOM   229  C CD2 . LEU A 1 60  ? 11.246  -14.587 2.897   1.00 82.16  ? 324 LEU A CD2 1 
ATOM   230  N N   . VAL A 1 61  ? 10.704  -10.397 -0.151  1.00 78.30  ? 325 VAL A N   1 
ATOM   231  C CA  . VAL A 1 61  ? 10.603  -9.752  -1.478  1.00 88.46  ? 325 VAL A CA  1 
ATOM   232  C C   . VAL A 1 61  ? 10.972  -10.741 -2.607  1.00 81.53  ? 325 VAL A C   1 
ATOM   233  O O   . VAL A 1 61  ? 11.791  -11.609 -2.413  1.00 86.93  ? 325 VAL A O   1 
ATOM   234  C CB  . VAL A 1 61  ? 11.513  -8.518  -1.570  1.00 86.34  ? 325 VAL A CB  1 
ATOM   235  C CG1 . VAL A 1 61  ? 11.169  -7.720  -2.818  1.00 80.52  ? 325 VAL A CG1 1 
ATOM   236  C CG2 . VAL A 1 61  ? 11.411  -7.666  -0.280  1.00 92.20  ? 325 VAL A CG2 1 
ATOM   237  N N   . SER A 1 62  ? 10.354  -10.624 -3.772  1.00 88.79  ? 326 SER A N   1 
ATOM   238  C CA  . SER A 1 62  ? 10.613  -11.566 -4.881  1.00 90.22  ? 326 SER A CA  1 
ATOM   239  C C   . SER A 1 62  ? 11.942  -11.281 -5.619  1.00 91.08  ? 326 SER A C   1 
ATOM   240  O O   . SER A 1 62  ? 12.462  -10.143 -5.537  1.00 74.41  ? 326 SER A O   1 
ATOM   241  C CB  . SER A 1 62  ? 9.447   -11.501 -5.884  1.00 89.86  ? 326 SER A CB  1 
ATOM   242  O OG  . SER A 1 62  ? 9.367   -10.222 -6.523  1.00 80.41  ? 326 SER A OG  1 
ATOM   243  N N   . GLU A 1 63  ? 12.442  -12.261 -6.393  1.00 89.22  ? 327 GLU A N   1 
ATOM   244  C CA  . GLU A 1 63  ? 13.597  -12.009 -7.273  1.00 96.77  ? 327 GLU A CA  1 
ATOM   245  C C   . GLU A 1 63  ? 13.364  -10.720 -8.001  1.00 88.33  ? 327 GLU A C   1 
ATOM   246  O O   . GLU A 1 63  ? 14.238  -9.832  -7.913  1.00 63.95  ? 327 GLU A O   1 
ATOM   247  C CB  . GLU A 1 63  ? 13.836  -13.108 -8.313  1.00 109.63 ? 327 GLU A CB  1 
ATOM   248  C CG  . GLU A 1 63  ? 14.639  -14.294 -7.793  1.00 115.96 ? 327 GLU A CG  1 
ATOM   249  C CD  . GLU A 1 63  ? 16.155  -14.154 -7.867  1.00 101.44 ? 327 GLU A CD  1 
ATOM   250  O OE1 . GLU A 1 63  ? 16.778  -14.546 -8.876  1.00 83.80  ? 327 GLU A OE1 1 
ATOM   251  O OE2 . GLU A 1 63  ? 16.729  -13.734 -6.861  1.00 94.35  ? 327 GLU A OE2 1 
ATOM   252  N N   . ASP A 1 64  ? 12.189  -10.590 -8.674  1.00 75.02  ? 328 ASP A N   1 
ATOM   253  C CA  . ASP A 1 64  ? 11.903  -9.297  -9.364  1.00 76.67  ? 328 ASP A CA  1 
ATOM   254  C C   . ASP A 1 64  ? 11.646  -8.039  -8.537  1.00 80.12  ? 328 ASP A C   1 
ATOM   255  O O   . ASP A 1 64  ? 11.591  -6.994  -9.139  1.00 70.49  ? 328 ASP A O   1 
ATOM   256  C CB  . ASP A 1 64  ? 10.848  -9.387  -10.480 1.00 82.53  ? 328 ASP A CB  1 
ATOM   257  C CG  . ASP A 1 64  ? 9.512   -9.782  -10.001 1.00 93.91  ? 328 ASP A CG  1 
ATOM   258  O OD1 . ASP A 1 64  ? 9.022   -9.151  -9.059  1.00 106.21 ? 328 ASP A OD1 1 
ATOM   259  O OD2 . ASP A 1 64  ? 8.936   -10.726 -10.591 1.00 101.69 ? 328 ASP A OD2 1 
ATOM   260  N N   . GLN A 1 65  ? 11.480  -8.113  -7.207  1.00 84.06  ? 329 GLN A N   1 
ATOM   261  C CA  . GLN A 1 65  ? 11.096  -6.935  -6.393  1.00 81.85  ? 329 GLN A CA  1 
ATOM   262  C C   . GLN A 1 65  ? 9.698   -6.311  -6.697  1.00 79.36  ? 329 GLN A C   1 
ATOM   263  O O   . GLN A 1 65  ? 9.470   -5.099  -6.478  1.00 72.50  ? 329 GLN A O   1 
ATOM   264  C CB  . GLN A 1 65  ? 12.165  -5.838  -6.463  1.00 78.67  ? 329 GLN A CB  1 
ATOM   265  C CG  . GLN A 1 65  ? 13.528  -6.327  -6.058  1.00 92.92  ? 329 GLN A CG  1 
ATOM   266  C CD  . GLN A 1 65  ? 14.529  -5.189  -5.992  1.00 104.03 ? 329 GLN A CD  1 
ATOM   267  O OE1 . GLN A 1 65  ? 15.414  -5.080  -6.835  1.00 116.72 ? 329 GLN A OE1 1 
ATOM   268  N NE2 . GLN A 1 65  ? 14.368  -4.314  -5.013  1.00 105.61 ? 329 GLN A NE2 1 
ATOM   269  N N   . ARG A 1 66  ? 8.774   -7.133  -7.199  1.00 82.70  ? 330 ARG A N   1 
ATOM   270  C CA  . ARG A 1 66  ? 7.370   -6.725  -7.398  1.00 91.75  ? 330 ARG A CA  1 
ATOM   271  C C   . ARG A 1 66  ? 6.463   -7.380  -6.367  1.00 89.58  ? 330 ARG A C   1 
ATOM   272  O O   . ARG A 1 66  ? 5.637   -6.710  -5.753  1.00 117.20 ? 330 ARG A O   1 
ATOM   273  C CB  . ARG A 1 66  ? 6.877   -7.037  -8.825  1.00 99.52  ? 330 ARG A CB  1 
ATOM   274  C CG  . ARG A 1 66  ? 7.676   -6.381  -9.958  1.00 97.60  ? 330 ARG A CG  1 
ATOM   275  C CD  . ARG A 1 66  ? 7.771   -4.867  -9.786  1.00 91.00  ? 330 ARG A CD  1 
ATOM   276  N NE  . ARG A 1 66  ? 8.260   -4.150  -10.960 1.00 91.30  ? 330 ARG A NE  1 
ATOM   277  C CZ  . ARG A 1 66  ? 8.331   -2.819  -11.047 1.00 100.71 ? 330 ARG A CZ  1 
ATOM   278  N NH1 . ARG A 1 66  ? 7.939   -2.044  -10.058 1.00 121.05 ? 330 ARG A NH1 1 
ATOM   279  N NH2 . ARG A 1 66  ? 8.769   -2.235  -12.136 1.00 88.08  ? 330 ARG A NH2 1 
ATOM   280  N N   . SER A 1 67  ? 6.632   -8.681  -6.182  1.00 91.81  ? 331 SER A N   1 
ATOM   281  C CA  . SER A 1 67  ? 5.945   -9.412  -5.137  1.00 91.89  ? 331 SER A CA  1 
ATOM   282  C C   . SER A 1 67  ? 6.568   -9.319  -3.746  1.00 93.81  ? 331 SER A C   1 
ATOM   283  O O   . SER A 1 67  ? 7.786   -9.136  -3.570  1.00 79.71  ? 331 SER A O   1 
ATOM   284  C CB  . SER A 1 67  ? 5.796   -10.894 -5.490  1.00 93.50  ? 331 SER A CB  1 
ATOM   285  O OG  . SER A 1 67  ? 5.042   -11.049 -6.655  1.00 105.00 ? 331 SER A OG  1 
ATOM   286  N N   . VAL A 1 68  ? 5.669   -9.452  -2.764  1.00 104.12 ? 332 VAL A N   1 
ATOM   287  C CA  . VAL A 1 68  ? 6.005   -9.729  -1.374  1.00 93.00  ? 332 VAL A CA  1 
ATOM   288  C C   . VAL A 1 68  ? 5.113   -10.839 -0.851  1.00 83.84  ? 332 VAL A C   1 
ATOM   289  O O   . VAL A 1 68  ? 3.926   -10.831 -1.089  1.00 78.51  ? 332 VAL A O   1 
ATOM   290  C CB  . VAL A 1 68  ? 5.898   -8.495  -0.465  1.00 88.08  ? 332 VAL A CB  1 
ATOM   291  C CG1 . VAL A 1 68  ? 4.512   -7.872  -0.484  1.00 94.46  ? 332 VAL A CG1 1 
ATOM   292  C CG2 . VAL A 1 68  ? 6.304   -8.880  0.944   1.00 97.48  ? 332 VAL A CG2 1 
ATOM   293  N N   . GLN A 1 69  ? 5.727   -11.791 -0.160  1.00 91.26  ? 333 GLN A N   1 
ATOM   294  C CA  . GLN A 1 69  ? 5.064   -12.941 0.430   1.00 99.46  ? 333 GLN A CA  1 
ATOM   295  C C   . GLN A 1 69  ? 5.722   -13.132 1.822   1.00 108.79 ? 333 GLN A C   1 
ATOM   296  O O   . GLN A 1 69  ? 6.771   -12.547 2.106   1.00 114.91 ? 333 GLN A O   1 
ATOM   297  C CB  . GLN A 1 69  ? 5.159   -14.156 -0.516  1.00 87.00  ? 333 GLN A CB  1 
ATOM   298  C CG  . GLN A 1 69  ? 4.751   -15.516 0.056   1.00 100.70 ? 333 GLN A CG  1 
ATOM   299  C CD  . GLN A 1 69  ? 3.258   -15.620 0.366   1.00 104.78 ? 333 GLN A CD  1 
ATOM   300  O OE1 . GLN A 1 69  ? 2.818   -15.717 1.542   1.00 116.43 ? 333 GLN A OE1 1 
ATOM   301  N NE2 . GLN A 1 69  ? 2.469   -15.597 -0.684  1.00 95.95  ? 333 GLN A NE2 1 
ATOM   302  N N   . ARG A 1 70  ? 5.058   -13.865 2.714   1.00 112.41 ? 334 ARG A N   1 
ATOM   303  C CA  . ARG A 1 70  ? 5.495   -13.953 4.090   1.00 104.92 ? 334 ARG A CA  1 
ATOM   304  C C   . ARG A 1 70  ? 6.124   -15.284 4.363   1.00 90.80  ? 334 ARG A C   1 
ATOM   305  O O   . ARG A 1 70  ? 5.554   -16.351 4.081   1.00 87.30  ? 334 ARG A O   1 
ATOM   306  C CB  . ARG A 1 70  ? 4.318   -13.748 5.058   1.00 116.76 ? 334 ARG A CB  1 
ATOM   307  C CG  . ARG A 1 70  ? 4.659   -12.808 6.220   1.00 112.37 ? 334 ARG A CG  1 
ATOM   308  C CD  . ARG A 1 70  ? 3.970   -13.225 7.489   1.00 107.14 ? 334 ARG A CD  1 
ATOM   309  N NE  . ARG A 1 70  ? 4.519   -14.497 7.941   1.00 113.74 ? 334 ARG A NE  1 
ATOM   310  C CZ  . ARG A 1 70  ? 3.876   -15.411 8.659   1.00 100.19 ? 334 ARG A CZ  1 
ATOM   311  N NH1 . ARG A 1 70  ? 2.624   -15.257 9.031   1.00 94.16  ? 334 ARG A NH1 1 
ATOM   312  N NH2 . ARG A 1 70  ? 4.510   -16.517 8.986   1.00 108.28 ? 334 ARG A NH2 1 
ATOM   313  N N   . ALA A 1 71  ? 7.301   -15.196 4.947   1.00 75.49  ? 335 ALA A N   1 
ATOM   314  C CA  . ALA A 1 71  ? 7.960   -16.344 5.527   1.00 91.04  ? 335 ALA A CA  1 
ATOM   315  C C   . ALA A 1 71  ? 7.117   -17.034 6.580   1.00 100.66 ? 335 ALA A C   1 
ATOM   316  O O   . ALA A 1 71  ? 6.177   -16.465 7.101   1.00 101.94 ? 335 ALA A O   1 
ATOM   317  C CB  . ALA A 1 71  ? 9.279   -15.916 6.176   1.00 95.13  ? 335 ALA A CB  1 
ATOM   318  N N   . GLU A 1 72  ? 7.524   -18.253 6.919   1.00 118.03 ? 336 GLU A N   1 
ATOM   319  C CA  . GLU A 1 72  ? 7.033   -18.963 8.106   1.00 113.21 ? 336 GLU A CA  1 
ATOM   320  C C   . GLU A 1 72  ? 7.662   -18.437 9.390   1.00 107.20 ? 336 GLU A C   1 
ATOM   321  O O   . GLU A 1 72  ? 7.024   -18.482 10.424  1.00 124.03 ? 336 GLU A O   1 
ATOM   322  C CB  . GLU A 1 72  ? 7.303   -20.469 7.992   1.00 119.47 ? 336 GLU A CB  1 
ATOM   323  C CG  . GLU A 1 72  ? 6.297   -21.359 8.712   1.00 121.75 ? 336 GLU A CG  1 
ATOM   324  C CD  . GLU A 1 72  ? 6.114   -22.706 8.030   1.00 126.59 ? 336 GLU A CD  1 
ATOM   325  O OE1 . GLU A 1 72  ? 6.283   -23.753 8.693   1.00 139.28 ? 336 GLU A OE1 1 
ATOM   326  O OE2 . GLU A 1 72  ? 5.805   -22.721 6.822   1.00 125.10 ? 336 GLU A OE2 1 
ATOM   327  N N   . GLU A 1 73  ? 8.915   -17.980 9.341   1.00 102.77 ? 337 GLU A N   1 
ATOM   328  C CA  . GLU A 1 73  ? 9.640   -17.478 10.528  1.00 99.50  ? 337 GLU A CA  1 
ATOM   329  C C   . GLU A 1 73  ? 10.713  -16.495 10.056  1.00 98.22  ? 337 GLU A C   1 
ATOM   330  O O   . GLU A 1 73  ? 11.271  -16.679 8.980   1.00 95.91  ? 337 GLU A O   1 
ATOM   331  C CB  . GLU A 1 73  ? 10.334  -18.639 11.268  1.00 113.93 ? 337 GLU A CB  1 
ATOM   332  C CG  . GLU A 1 73  ? 9.453   -19.882 11.483  1.00 131.06 ? 337 GLU A CG  1 
ATOM   333  C CD  . GLU A 1 73  ? 10.182  -21.113 11.980  1.00 123.46 ? 337 GLU A CD  1 
ATOM   334  O OE1 . GLU A 1 73  ? 11.357  -20.984 12.370  1.00 117.65 ? 337 GLU A OE1 1 
ATOM   335  O OE2 . GLU A 1 73  ? 9.562   -22.207 11.958  1.00 107.67 ? 337 GLU A OE2 1 
ATOM   336  N N   . PRO A 1 74  ? 11.044  -15.470 10.858  1.00 95.01  ? 338 PRO A N   1 
ATOM   337  C CA  . PRO A 1 74  ? 11.964  -14.398 10.392  1.00 92.28  ? 338 PRO A CA  1 
ATOM   338  C C   . PRO A 1 74  ? 13.391  -14.843 9.963   1.00 93.96  ? 338 PRO A C   1 
ATOM   339  O O   . PRO A 1 74  ? 13.949  -15.715 10.580  1.00 99.87  ? 338 PRO A O   1 
ATOM   340  C CB  . PRO A 1 74  ? 12.031  -13.436 11.605  1.00 94.73  ? 338 PRO A CB  1 
ATOM   341  C CG  . PRO A 1 74  ? 11.428  -14.160 12.764  1.00 81.67  ? 338 PRO A CG  1 
ATOM   342  C CD  . PRO A 1 74  ? 10.536  -15.235 12.220  1.00 89.98  ? 338 PRO A CD  1 
ATOM   343  N N   . ARG A 1 75  ? 13.963  -14.232 8.921   1.00 113.03 ? 339 ARG A N   1 
ATOM   344  C CA  . ARG A 1 75  ? 15.382  -14.467 8.520   1.00 119.41 ? 339 ARG A CA  1 
ATOM   345  C C   . ARG A 1 75  ? 16.186  -13.611 9.472   1.00 105.66 ? 339 ARG A C   1 
ATOM   346  O O   . ARG A 1 75  ? 15.616  -12.741 10.106  1.00 84.46  ? 339 ARG A O   1 
ATOM   347  C CB  . ARG A 1 75  ? 15.759  -13.995 7.081   1.00 137.02 ? 339 ARG A CB  1 
ATOM   348  C CG  . ARG A 1 75  ? 14.675  -13.682 6.028   1.00 150.92 ? 339 ARG A CG  1 
ATOM   349  C CD  . ARG A 1 75  ? 14.241  -14.899 5.231   1.00 163.45 ? 339 ARG A CD  1 
ATOM   350  N NE  . ARG A 1 75  ? 13.393  -15.801 6.015   1.00 172.56 ? 339 ARG A NE  1 
ATOM   351  C CZ  . ARG A 1 75  ? 13.192  -17.100 5.764   1.00 168.69 ? 339 ARG A CZ  1 
ATOM   352  N NH1 . ARG A 1 75  ? 13.780  -17.723 4.734   1.00 166.78 ? 339 ARG A NH1 1 
ATOM   353  N NH2 . ARG A 1 75  ? 12.392  -17.799 6.565   1.00 160.08 ? 339 ARG A NH2 1 
ATOM   354  N N   . ASP A 1 76  ? 17.499  -13.802 9.554   1.00 119.23 ? 340 ASP A N   1 
ATOM   355  C CA  . ASP A 1 76  ? 18.340  -12.809 10.262  1.00 129.04 ? 340 ASP A CA  1 
ATOM   356  C C   . ASP A 1 76  ? 18.857  -11.875 9.202   1.00 111.63 ? 340 ASP A C   1 
ATOM   357  O O   . ASP A 1 76  ? 19.392  -12.348 8.211   1.00 106.33 ? 340 ASP A O   1 
ATOM   358  C CB  . ASP A 1 76  ? 19.506  -13.447 11.035  1.00 134.33 ? 340 ASP A CB  1 
ATOM   359  C CG  . ASP A 1 76  ? 19.907  -12.629 12.275  1.00 145.95 ? 340 ASP A CG  1 
ATOM   360  O OD1 . ASP A 1 76  ? 19.356  -12.894 13.367  1.00 141.80 ? 340 ASP A OD1 1 
ATOM   361  O OD2 . ASP A 1 76  ? 20.765  -11.727 12.161  1.00 149.15 ? 340 ASP A OD2 1 
ATOM   362  N N   . LEU A 1 77  ? 18.694  -10.568 9.394   1.00 109.10 ? 341 LEU A N   1 
ATOM   363  C CA  . LEU A 1 77  ? 19.012  -9.607  8.334   1.00 111.94 ? 341 LEU A CA  1 
ATOM   364  C C   . LEU A 1 77  ? 19.768  -8.398  8.863   1.00 106.57 ? 341 LEU A C   1 
ATOM   365  O O   . LEU A 1 77  ? 19.420  -7.884  9.941   1.00 86.27  ? 341 LEU A O   1 
ATOM   366  C CB  . LEU A 1 77  ? 17.742  -9.128  7.599   1.00 117.36 ? 341 LEU A CB  1 
ATOM   367  C CG  . LEU A 1 77  ? 16.826  -10.166 6.917   1.00 124.91 ? 341 LEU A CG  1 
ATOM   368  C CD1 . LEU A 1 77  ? 15.667  -9.475  6.226   1.00 124.18 ? 341 LEU A CD1 1 
ATOM   369  C CD2 . LEU A 1 77  ? 17.538  -11.040 5.901   1.00 125.15 ? 341 LEU A CD2 1 
ATOM   370  N N   . PRO A 1 78  ? 20.763  -7.906  8.067   1.00 119.86 ? 342 PRO A N   1 
ATOM   371  C CA  . PRO A 1 78  ? 21.667  -6.829  8.487   1.00 121.73 ? 342 PRO A CA  1 
ATOM   372  C C   . PRO A 1 78  ? 20.958  -5.711  9.246   1.00 109.89 ? 342 PRO A C   1 
ATOM   373  O O   . PRO A 1 78  ? 20.136  -5.018  8.680   1.00 105.20 ? 342 PRO A O   1 
ATOM   374  C CB  . PRO A 1 78  ? 22.269  -6.309  7.149   1.00 130.70 ? 342 PRO A CB  1 
ATOM   375  C CG  . PRO A 1 78  ? 21.716  -7.150  6.036   1.00 119.82 ? 342 PRO A CG  1 
ATOM   376  C CD  . PRO A 1 78  ? 21.073  -8.344  6.679   1.00 122.48 ? 342 PRO A CD  1 
ATOM   377  N N   . ASP A 1 79  ? 21.245  -5.564  10.527  1.00 115.51 ? 343 ASP A N   1 
ATOM   378  C CA  . ASP A 1 79  ? 20.603  -4.514  11.287  1.00 134.61 ? 343 ASP A CA  1 
ATOM   379  C C   . ASP A 1 79  ? 20.824  -3.176  10.548  1.00 132.36 ? 343 ASP A C   1 
ATOM   380  O O   . ASP A 1 79  ? 21.952  -2.811  10.219  1.00 127.28 ? 343 ASP A O   1 
ATOM   381  C CB  . ASP A 1 79  ? 21.121  -4.459  12.726  1.00 136.21 ? 343 ASP A CB  1 
ATOM   382  C CG  . ASP A 1 79  ? 20.180  -3.716  13.657  1.00 137.40 ? 343 ASP A CG  1 
ATOM   383  O OD1 . ASP A 1 79  ? 19.280  -2.991  13.179  1.00 125.29 ? 343 ASP A OD1 1 
ATOM   384  O OD2 . ASP A 1 79  ? 20.344  -3.860  14.879  1.00 137.82 ? 343 ASP A OD2 1 
ATOM   385  N N   . ASN A 1 80  ? 19.714  -2.486  10.294  1.00 124.87 ? 344 ASN A N   1 
ATOM   386  C CA  . ASN A 1 80  ? 19.624  -1.376  9.353   1.00 114.56 ? 344 ASN A CA  1 
ATOM   387  C C   . ASN A 1 80  ? 18.581  -0.377  9.890   1.00 117.11 ? 344 ASN A C   1 
ATOM   388  O O   . ASN A 1 80  ? 17.504  -0.807  10.325  1.00 118.76 ? 344 ASN A O   1 
ATOM   389  C CB  . ASN A 1 80  ? 19.168  -1.948  8.010   1.00 110.47 ? 344 ASN A CB  1 
ATOM   390  C CG  . ASN A 1 80  ? 19.206  -0.936  6.884   1.00 123.79 ? 344 ASN A CG  1 
ATOM   391  O OD1 . ASN A 1 80  ? 18.988  0.266   7.070   1.00 107.60 ? 344 ASN A OD1 1 
ATOM   392  N ND2 . ASN A 1 80  ? 19.478  -1.427  5.687   1.00 135.87 ? 344 ASN A ND2 1 
ATOM   393  N N   . PRO A 1 81  ? 18.886  0.947   9.875   1.00 111.28 ? 345 PRO A N   1 
ATOM   394  C CA  . PRO A 1 81  ? 17.873  1.919   10.350  1.00 119.49 ? 345 PRO A CA  1 
ATOM   395  C C   . PRO A 1 81  ? 16.558  1.907   9.536   1.00 119.51 ? 345 PRO A C   1 
ATOM   396  O O   . PRO A 1 81  ? 15.481  1.856   10.119  1.00 109.13 ? 345 PRO A O   1 
ATOM   397  C CB  . PRO A 1 81  ? 18.599  3.290   10.255  1.00 111.30 ? 345 PRO A CB  1 
ATOM   398  C CG  . PRO A 1 81  ? 19.771  3.062   9.361   1.00 114.45 ? 345 PRO A CG  1 
ATOM   399  C CD  . PRO A 1 81  ? 20.163  1.620   9.562   1.00 116.50 ? 345 PRO A CD  1 
ATOM   400  N N   . GLU A 1 82  ? 16.678  1.894   8.206   1.00 128.65 ? 346 GLU A N   1 
ATOM   401  C CA  . GLU A 1 82  ? 15.538  1.872   7.259   1.00 118.07 ? 346 GLU A CA  1 
ATOM   402  C C   . GLU A 1 82  ? 14.528  0.710   7.468   1.00 106.46 ? 346 GLU A C   1 
ATOM   403  O O   . GLU A 1 82  ? 13.437  0.769   6.883   1.00 88.33  ? 346 GLU A O   1 
ATOM   404  C CB  . GLU A 1 82  ? 16.031  1.800   5.766   1.00 134.26 ? 346 GLU A CB  1 
ATOM   405  C CG  . GLU A 1 82  ? 16.680  3.045   5.123   1.00 127.77 ? 346 GLU A CG  1 
ATOM   406  C CD  . GLU A 1 82  ? 18.169  3.223   5.472   1.00 147.37 ? 346 GLU A CD  1 
ATOM   407  O OE1 . GLU A 1 82  ? 18.989  2.298   5.253   1.00 153.07 ? 346 GLU A OE1 1 
ATOM   408  O OE2 . GLU A 1 82  ? 18.539  4.301   5.984   1.00 149.91 ? 346 GLU A OE2 1 
ATOM   409  N N   . ARG A 1 83  ? 14.866  -0.344  8.237   1.00 97.98  ? 347 ARG A N   1 
ATOM   410  C CA  . ARG A 1 83  ? 13.967  -1.514  8.347   1.00 92.29  ? 347 ARG A CA  1 
ATOM   411  C C   . ARG A 1 83  ? 12.801  -1.357  9.359   1.00 98.89  ? 347 ARG A C   1 
ATOM   412  O O   . ARG A 1 83  ? 12.910  -0.669  10.383  1.00 88.19  ? 347 ARG A O   1 
ATOM   413  C CB  . ARG A 1 83  ? 14.737  -2.791  8.627   1.00 86.75  ? 347 ARG A CB  1 
ATOM   414  C CG  . ARG A 1 83  ? 13.967  -4.040  8.192   1.00 95.58  ? 347 ARG A CG  1 
ATOM   415  C CD  . ARG A 1 83  ? 14.684  -5.334  8.563   1.00 97.13  ? 347 ARG A CD  1 
ATOM   416  N NE  . ARG A 1 83  ? 16.090  -5.273  8.178   1.00 105.18 ? 347 ARG A NE  1 
ATOM   417  C CZ  . ARG A 1 83  ? 16.581  -5.417  6.944   1.00 115.85 ? 347 ARG A CZ  1 
ATOM   418  N NH1 . ARG A 1 83  ? 15.791  -5.649  5.898   1.00 121.50 ? 347 ARG A NH1 1 
ATOM   419  N NH2 . ARG A 1 83  ? 17.894  -5.313  6.758   1.00 127.40 ? 347 ARG A NH2 1 
ATOM   420  N N   . PHE A 1 84  ? 11.674  -1.979  9.017   1.00 101.63 ? 348 PHE A N   1 
ATOM   421  C CA  . PHE A 1 84  ? 10.524  -2.054  9.885   1.00 97.60  ? 348 PHE A CA  1 
ATOM   422  C C   . PHE A 1 84  ? 10.675  -3.321  10.699  1.00 103.06 ? 348 PHE A C   1 
ATOM   423  O O   . PHE A 1 84  ? 10.370  -4.432  10.214  1.00 79.85  ? 348 PHE A O   1 
ATOM   424  C CB  . PHE A 1 84  ? 9.239   -2.106  9.089   1.00 100.38 ? 348 PHE A CB  1 
ATOM   425  C CG  . PHE A 1 84  ? 8.833   -0.785  8.511   1.00 102.54 ? 348 PHE A CG  1 
ATOM   426  C CD1 . PHE A 1 84  ? 7.708   -0.132  8.972   1.00 90.16  ? 348 PHE A CD1 1 
ATOM   427  C CD2 . PHE A 1 84  ? 9.557   -0.209  7.477   1.00 108.35 ? 348 PHE A CD2 1 
ATOM   428  C CE1 . PHE A 1 84  ? 7.312   1.070   8.419   1.00 98.03  ? 348 PHE A CE1 1 
ATOM   429  C CE2 . PHE A 1 84  ? 9.167   1.000   6.923   1.00 105.61 ? 348 PHE A CE2 1 
ATOM   430  C CZ  . PHE A 1 84  ? 8.044   1.646   7.402   1.00 101.26 ? 348 PHE A CZ  1 
ATOM   431  N N   . GLU A 1 85  ? 11.124  -3.132  11.945  1.00 115.98 ? 349 GLU A N   1 
ATOM   432  C CA  . GLU A 1 85  ? 11.415  -4.233  12.869  1.00 117.94 ? 349 GLU A CA  1 
ATOM   433  C C   . GLU A 1 85  ? 10.212  -4.597  13.773  1.00 110.07 ? 349 GLU A C   1 
ATOM   434  O O   . GLU A 1 85  ? 10.151  -5.734  14.260  1.00 90.19  ? 349 GLU A O   1 
ATOM   435  C CB  . GLU A 1 85  ? 12.682  -3.919  13.670  1.00 124.86 ? 349 GLU A CB  1 
ATOM   436  C CG  . GLU A 1 85  ? 13.791  -3.352  12.785  1.00 123.07 ? 349 GLU A CG  1 
ATOM   437  C CD  . GLU A 1 85  ? 15.187  -3.539  13.335  1.00 119.06 ? 349 GLU A CD  1 
ATOM   438  O OE1 . GLU A 1 85  ? 15.368  -3.426  14.554  1.00 115.56 ? 349 GLU A OE1 1 
ATOM   439  O OE2 . GLU A 1 85  ? 16.118  -3.780  12.542  1.00 134.22 ? 349 GLU A OE2 1 
ATOM   440  N N   . TRP A 1 86  ? 9.238   -3.687  13.944  1.00 98.63  ? 350 TRP A N   1 
ATOM   441  C CA  . TRP A 1 86  ? 7.966   -4.066  14.592  1.00 99.99  ? 350 TRP A CA  1 
ATOM   442  C C   . TRP A 1 86  ? 6.924   -4.459  13.554  1.00 98.98  ? 350 TRP A C   1 
ATOM   443  O O   . TRP A 1 86  ? 6.476   -5.619  13.505  1.00 88.05  ? 350 TRP A O   1 
ATOM   444  C CB  . TRP A 1 86  ? 7.436   -2.939  15.483  1.00 111.46 ? 350 TRP A CB  1 
ATOM   445  C CG  . TRP A 1 86  ? 6.620   -3.404  16.702  1.00 106.38 ? 350 TRP A CG  1 
ATOM   446  C CD1 . TRP A 1 86  ? 7.113   -3.821  17.899  1.00 110.01 ? 350 TRP A CD1 1 
ATOM   447  C CD2 . TRP A 1 86  ? 5.199   -3.414  16.838  1.00 105.94 ? 350 TRP A CD2 1 
ATOM   448  N NE1 . TRP A 1 86  ? 6.093   -4.110  18.764  1.00 107.94 ? 350 TRP A NE1 1 
ATOM   449  C CE2 . TRP A 1 86  ? 4.905   -3.868  18.135  1.00 108.93 ? 350 TRP A CE2 1 
ATOM   450  C CE3 . TRP A 1 86  ? 4.143   -3.076  15.994  1.00 106.21 ? 350 TRP A CE3 1 
ATOM   451  C CZ2 . TRP A 1 86  ? 3.600   -4.026  18.592  1.00 108.24 ? 350 TRP A CZ2 1 
ATOM   452  C CZ3 . TRP A 1 86  ? 2.844   -3.242  16.452  1.00 101.41 ? 350 TRP A CZ3 1 
ATOM   453  C CH2 . TRP A 1 86  ? 2.585   -3.709  17.734  1.00 95.70  ? 350 TRP A CH2 1 
ATOM   454  N N   . ARG A 1 87  ? 6.549   -3.505  12.703  1.00 88.98  ? 351 ARG A N   1 
ATOM   455  C CA  . ARG A 1 87  ? 5.552   -3.812  11.687  1.00 90.65  ? 351 ARG A CA  1 
ATOM   456  C C   . ARG A 1 87  ? 6.048   -4.788  10.623  1.00 87.89  ? 351 ARG A C   1 
ATOM   457  O O   . ARG A 1 87  ? 7.187   -4.731  10.174  1.00 92.04  ? 351 ARG A O   1 
ATOM   458  C CB  . ARG A 1 87  ? 5.101   -2.561  10.978  1.00 94.46  ? 351 ARG A CB  1 
ATOM   459  C CG  . ARG A 1 87  ? 4.368   -1.584  11.847  1.00 103.50 ? 351 ARG A CG  1 
ATOM   460  C CD  . ARG A 1 87  ? 2.964   -2.069  12.137  1.00 105.24 ? 351 ARG A CD  1 
ATOM   461  N NE  . ARG A 1 87  ? 2.257   -1.192  13.086  1.00 100.68 ? 351 ARG A NE  1 
ATOM   462  C CZ  . ARG A 1 87  ? 1.123   -1.527  13.697  1.00 85.73  ? 351 ARG A CZ  1 
ATOM   463  N NH1 . ARG A 1 87  ? 0.571   -2.714  13.473  1.00 89.38  ? 351 ARG A NH1 1 
ATOM   464  N NH2 . ARG A 1 87  ? 0.535   -0.682  14.536  1.00 90.94  ? 351 ARG A NH2 1 
ATOM   465  N N   . TYR A 1 88  ? 5.156   -5.661  10.199  1.00 80.44  ? 352 TYR A N   1 
ATOM   466  C CA  . TYR A 1 88  ? 5.370   -6.490  9.043   1.00 71.29  ? 352 TYR A CA  1 
ATOM   467  C C   . TYR A 1 88  ? 5.112   -5.656  7.757   1.00 81.27  ? 352 TYR A C   1 
ATOM   468  O O   . TYR A 1 88  ? 4.218   -5.993  6.953   1.00 77.48  ? 352 TYR A O   1 
ATOM   469  C CB  . TYR A 1 88  ? 4.410   -7.664  9.085   1.00 72.42  ? 352 TYR A CB  1 
ATOM   470  C CG  . TYR A 1 88  ? 4.690   -8.783  10.091  1.00 73.85  ? 352 TYR A CG  1 
ATOM   471  C CD1 . TYR A 1 88  ? 5.637   -8.672  11.160  1.00 65.96  ? 352 TYR A CD1 1 
ATOM   472  C CD2 . TYR A 1 88  ? 3.956   -9.981  9.968   1.00 78.33  ? 352 TYR A CD2 1 
ATOM   473  C CE1 . TYR A 1 88  ? 5.835   -9.745  12.061  1.00 60.97  ? 352 TYR A CE1 1 
ATOM   474  C CE2 . TYR A 1 88  ? 4.157   -11.067 10.814  1.00 75.29  ? 352 TYR A CE2 1 
ATOM   475  C CZ  . TYR A 1 88  ? 5.080   -10.976 11.853  1.00 69.18  ? 352 TYR A CZ  1 
ATOM   476  O OH  . TYR A 1 88  ? 5.180   -12.167 12.572  1.00 66.94  ? 352 TYR A OH  1 
ATOM   477  N N   . CYS A 1 89  ? 5.926   -4.602  7.558   1.00 88.07  ? 353 CYS A N   1 
ATOM   478  C CA  . CYS A 1 89  ? 5.860   -3.696  6.409   1.00 86.84  ? 353 CYS A CA  1 
ATOM   479  C C   . CYS A 1 89  ? 7.093   -3.738  5.488   1.00 90.75  ? 353 CYS A C   1 
ATOM   480  O O   . CYS A 1 89  ? 8.176   -4.148  5.895   1.00 98.97  ? 353 CYS A O   1 
ATOM   481  C CB  . CYS A 1 89  ? 5.722   -2.274  6.919   1.00 90.05  ? 353 CYS A CB  1 
ATOM   482  S SG  . CYS A 1 89  ? 4.017   -1.872  7.306   1.00 98.12  ? 353 CYS A SG  1 
ATOM   483  N N   . VAL A 1 90  ? 6.896   -3.271  4.258   1.00 89.46  ? 354 VAL A N   1 
ATOM   484  C CA  . VAL A 1 90  ? 7.954   -3.034  3.257   1.00 85.46  ? 354 VAL A CA  1 
ATOM   485  C C   . VAL A 1 90  ? 7.593   -1.740  2.493   1.00 84.12  ? 354 VAL A C   1 
ATOM   486  O O   . VAL A 1 90  ? 6.409   -1.465  2.307   1.00 95.64  ? 354 VAL A O   1 
ATOM   487  C CB  . VAL A 1 90  ? 8.083   -4.243  2.277   1.00 82.25  ? 354 VAL A CB  1 
ATOM   488  C CG1 . VAL A 1 90  ? 6.745   -4.647  1.647   1.00 90.79  ? 354 VAL A CG1 1 
ATOM   489  C CG2 . VAL A 1 90  ? 9.059   -3.950  1.163   1.00 72.58  ? 354 VAL A CG2 1 
ATOM   490  N N   . LEU A 1 91  ? 8.575   -0.962  2.034   1.00 84.50  ? 355 LEU A N   1 
ATOM   491  C CA  . LEU A 1 91  ? 8.273   0.244   1.242   1.00 89.71  ? 355 LEU A CA  1 
ATOM   492  C C   . LEU A 1 91  ? 8.617   0.142   -0.262  1.00 96.43  ? 355 LEU A C   1 
ATOM   493  O O   . LEU A 1 91  ? 8.884   -0.937  -0.802  1.00 89.86  ? 355 LEU A O   1 
ATOM   494  C CB  . LEU A 1 91  ? 8.964   1.459   1.853   1.00 87.55  ? 355 LEU A CB  1 
ATOM   495  C CG  . LEU A 1 91  ? 8.764   1.761   3.330   1.00 86.82  ? 355 LEU A CG  1 
ATOM   496  C CD1 . LEU A 1 91  ? 9.296   3.164   3.623   1.00 88.08  ? 355 LEU A CD1 1 
ATOM   497  C CD2 . LEU A 1 91  ? 7.298   1.676   3.724   1.00 95.01  ? 355 LEU A CD2 1 
ATOM   498  N N   . GLY A 1 92  ? 8.524   1.279   -0.947  1.00 96.69  ? 356 GLY A N   1 
ATOM   499  C CA  . GLY A 1 92  ? 9.159   1.462   -2.229  1.00 96.29  ? 356 GLY A CA  1 
ATOM   500  C C   . GLY A 1 92  ? 10.591  1.909   -2.035  1.00 106.61 ? 356 GLY A C   1 
ATOM   501  O O   . GLY A 1 92  ? 11.007  2.309   -0.923  1.00 113.06 ? 356 GLY A O   1 
ATOM   502  N N   . CYS A 1 93  ? 11.362  1.826   -3.114  1.00 99.15  ? 357 CYS A N   1 
ATOM   503  C CA  . CYS A 1 93  ? 12.673  2.472   -3.137  1.00 95.84  ? 357 CYS A CA  1 
ATOM   504  C C   . CYS A 1 93  ? 12.523  3.969   -3.295  1.00 89.62  ? 357 CYS A C   1 
ATOM   505  O O   . CYS A 1 93  ? 13.268  4.722   -2.663  1.00 97.23  ? 357 CYS A O   1 
ATOM   506  C CB  . CYS A 1 93  ? 13.518  1.913   -4.251  1.00 89.04  ? 357 CYS A CB  1 
ATOM   507  S SG  . CYS A 1 93  ? 13.444  0.130   -4.190  1.00 108.18 ? 357 CYS A SG  1 
ATOM   508  N N   . GLU A 1 94  ? 11.552  4.361   -4.132  1.00 98.75  ? 358 GLU A N   1 
ATOM   509  C CA  . GLU A 1 94  ? 11.285  5.743   -4.550  1.00 102.07 ? 358 GLU A CA  1 
ATOM   510  C C   . GLU A 1 94  ? 10.031  6.268   -3.872  1.00 95.39  ? 358 GLU A C   1 
ATOM   511  O O   . GLU A 1 94  ? 8.946   5.649   -3.946  1.00 106.12 ? 358 GLU A O   1 
ATOM   512  C CB  . GLU A 1 94  ? 11.025  5.836   -6.081  1.00 117.51 ? 358 GLU A CB  1 
ATOM   513  C CG  . GLU A 1 94  ? 12.132  5.368   -7.033  1.00 112.62 ? 358 GLU A CG  1 
ATOM   514  C CD  . GLU A 1 94  ? 13.431  6.122   -6.844  1.00 124.83 ? 358 GLU A CD  1 
ATOM   515  O OE1 . GLU A 1 94  ? 13.377  7.322   -6.478  1.00 133.40 ? 358 GLU A OE1 1 
ATOM   516  O OE2 . GLU A 1 94  ? 14.506  5.502   -7.039  1.00 120.53 ? 358 GLU A OE2 1 
ATOM   517  N N   . ASN A 1 95  ? 10.181  7.450   -3.291  1.00 84.04  ? 359 ASN A N   1 
ATOM   518  C CA  . ASN A 1 95  ? 9.082   8.198   -2.699  1.00 89.81  ? 359 ASN A CA  1 
ATOM   519  C C   . ASN A 1 95  ? 8.595   9.348   -3.592  1.00 88.50  ? 359 ASN A C   1 
ATOM   520  O O   . ASN A 1 95  ? 9.078   9.491   -4.738  1.00 89.26  ? 359 ASN A O   1 
ATOM   521  C CB  . ASN A 1 95  ? 9.548   8.769   -1.379  1.00 104.69 ? 359 ASN A CB  1 
ATOM   522  C CG  . ASN A 1 95  ? 10.559  9.893   -1.548  1.00 103.62 ? 359 ASN A CG  1 
ATOM   523  O OD1 . ASN A 1 95  ? 10.464  10.742  -2.452  1.00 98.73  ? 359 ASN A OD1 1 
ATOM   524  N ND2 . ASN A 1 95  ? 11.551  9.890   -0.673  1.00 98.97  ? 359 ASN A ND2 1 
ATOM   525  N N   . PHE A 1 96  ? 7.662   10.158  -3.048  1.00 80.27  ? 360 PHE A N   1 
ATOM   526  C CA  . PHE A 1 96  ? 7.050   11.285  -3.757  1.00 86.53  ? 360 PHE A CA  1 
ATOM   527  C C   . PHE A 1 96  ? 7.022   12.563  -2.930  1.00 90.03  ? 360 PHE A C   1 
ATOM   528  O O   . PHE A 1 96  ? 6.619   12.534  -1.771  1.00 96.24  ? 360 PHE A O   1 
ATOM   529  C CB  . PHE A 1 96  ? 5.605   10.952  -4.139  1.00 90.74  ? 360 PHE A CB  1 
ATOM   530  C CG  . PHE A 1 96  ? 5.436   9.603   -4.764  1.00 93.00  ? 360 PHE A CG  1 
ATOM   531  C CD1 . PHE A 1 96  ? 5.735   9.401   -6.099  1.00 95.42  ? 360 PHE A CD1 1 
ATOM   532  C CD2 . PHE A 1 96  ? 4.985   8.528   -4.014  1.00 97.97  ? 360 PHE A CD2 1 
ATOM   533  C CE1 . PHE A 1 96  ? 5.595   8.148   -6.678  1.00 96.33  ? 360 PHE A CE1 1 
ATOM   534  C CE2 . PHE A 1 96  ? 4.843   7.273   -4.585  1.00 100.61 ? 360 PHE A CE2 1 
ATOM   535  C CZ  . PHE A 1 96  ? 5.149   7.082   -5.919  1.00 98.47  ? 360 PHE A CZ  1 
ATOM   536  N N   . THR A 1 97  ? 7.403   13.686  -3.547  1.00 96.28  ? 361 THR A N   1 
ATOM   537  C CA  . THR A 1 97  ? 7.251   15.031  -2.935  1.00 105.12 ? 361 THR A CA  1 
ATOM   538  C C   . THR A 1 97  ? 6.356   16.034  -3.694  1.00 105.29 ? 361 THR A C   1 
ATOM   539  O O   . THR A 1 97  ? 6.131   17.128  -3.181  1.00 117.30 ? 361 THR A O   1 
ATOM   540  C CB  . THR A 1 97  ? 8.619   15.705  -2.694  1.00 103.99 ? 361 THR A CB  1 
ATOM   541  O OG1 . THR A 1 97  ? 9.474   15.469  -3.821  1.00 101.47 ? 361 THR A OG1 1 
ATOM   542  C CG2 . THR A 1 97  ? 9.262   15.147  -1.442  1.00 104.74 ? 361 THR A CG2 1 
ATOM   543  N N   . SER A 1 98  ? 5.836   15.684  -4.878  1.00 102.71 ? 362 SER A N   1 
ATOM   544  C CA  . SER A 1 98  ? 4.869   16.542  -5.587  1.00 100.03 ? 362 SER A CA  1 
ATOM   545  C C   . SER A 1 98  ? 3.989   15.738  -6.550  1.00 106.31 ? 362 SER A C   1 
ATOM   546  O O   . SER A 1 98  ? 3.998   14.515  -6.519  1.00 114.40 ? 362 SER A O   1 
ATOM   547  C CB  . SER A 1 98  ? 5.614   17.601  -6.374  1.00 95.35  ? 362 SER A CB  1 
ATOM   548  O OG  . SER A 1 98  ? 6.208   16.976  -7.486  1.00 106.91 ? 362 SER A OG  1 
ATOM   549  N N   . GLY A 1 99  ? 3.228   16.429  -7.397  1.00 106.52 ? 363 GLY A N   1 
ATOM   550  C CA  . GLY A 1 99  ? 2.557   15.802  -8.520  1.00 104.71 ? 363 GLY A CA  1 
ATOM   551  C C   . GLY A 1 99  ? 1.514   14.746  -8.219  1.00 99.94  ? 363 GLY A C   1 
ATOM   552  O O   . GLY A 1 99  ? 1.058   14.586  -7.082  1.00 100.54 ? 363 GLY A O   1 
ATOM   553  N N   . ARG A 1 100 ? 1.148   14.040  -9.288  1.00 95.55  ? 364 ARG A N   1 
ATOM   554  C CA  . ARG A 1 100 ? 0.092   13.043  -9.292  1.00 88.00  ? 364 ARG A CA  1 
ATOM   555  C C   . ARG A 1 100 ? 0.672   11.740  -9.780  1.00 88.98  ? 364 ARG A C   1 
ATOM   556  O O   . ARG A 1 100 ? 1.375   11.681  -10.790 1.00 79.50  ? 364 ARG A O   1 
ATOM   557  C CB  . ARG A 1 100 ? -1.032  13.429  -10.228 1.00 89.55  ? 364 ARG A CB  1 
ATOM   558  C CG  . ARG A 1 100 ? -1.615  14.804  -9.947  1.00 111.58 ? 364 ARG A CG  1 
ATOM   559  C CD  . ARG A 1 100 ? -3.003  14.778  -9.355  1.00 103.78 ? 364 ARG A CD  1 
ATOM   560  N NE  . ARG A 1 100 ? -4.029  14.591  -10.378 1.00 100.19 ? 364 ARG A NE  1 
ATOM   561  C CZ  . ARG A 1 100 ? -5.321  14.912  -10.235 1.00 107.08 ? 364 ARG A CZ  1 
ATOM   562  N NH1 . ARG A 1 100 ? -5.800  15.459  -9.110  1.00 105.48 ? 364 ARG A NH1 1 
ATOM   563  N NH2 . ARG A 1 100 ? -6.156  14.683  -11.235 1.00 104.48 ? 364 ARG A NH2 1 
ATOM   564  N N   . HIS A 1 101 ? 0.385   10.687  -9.044  1.00 87.59  ? 365 HIS A N   1 
ATOM   565  C CA  . HIS A 1 101 ? 0.937   9.408   -9.333  1.00 86.60  ? 365 HIS A CA  1 
ATOM   566  C C   . HIS A 1 101 ? -0.083  8.392   -9.000  1.00 86.23  ? 365 HIS A C   1 
ATOM   567  O O   . HIS A 1 101 ? -0.945  8.607   -8.155  1.00 95.84  ? 365 HIS A O   1 
ATOM   568  C CB  . HIS A 1 101 ? 2.180   9.162   -8.476  1.00 93.21  ? 365 HIS A CB  1 
ATOM   569  C CG  . HIS A 1 101 ? 3.079   10.348  -8.393  1.00 93.41  ? 365 HIS A CG  1 
ATOM   570  N ND1 . HIS A 1 101 ? 4.154   10.523  -9.238  1.00 93.27  ? 365 HIS A ND1 1 
ATOM   571  C CD2 . HIS A 1 101 ? 3.023   11.452  -7.613  1.00 91.44  ? 365 HIS A CD2 1 
ATOM   572  C CE1 . HIS A 1 101 ? 4.733   11.680  -8.970  1.00 80.68  ? 365 HIS A CE1 1 
ATOM   573  N NE2 . HIS A 1 101 ? 4.064   12.261  -7.990  1.00 99.90  ? 365 HIS A NE2 1 
ATOM   574  N N   . TYR A 1 102 ? 0.050   7.253   -9.631  1.00 78.08  ? 366 TYR A N   1 
ATOM   575  C CA  . TYR A 1 102 ? -0.786  6.147   -9.299  1.00 85.47  ? 366 TYR A CA  1 
ATOM   576  C C   . TYR A 1 102 ? 0.011   4.883   -9.499  1.00 81.95  ? 366 TYR A C   1 
ATOM   577  O O   . TYR A 1 102 ? 0.959   4.865   -10.262 1.00 91.22  ? 366 TYR A O   1 
ATOM   578  C CB  . TYR A 1 102 ? -2.052  6.155   -10.164 1.00 84.62  ? 366 TYR A CB  1 
ATOM   579  C CG  . TYR A 1 102 ? -1.859  5.563   -11.556 1.00 94.15  ? 366 TYR A CG  1 
ATOM   580  C CD1 . TYR A 1 102 ? -1.383  6.353   -12.616 1.00 95.64  ? 366 TYR A CD1 1 
ATOM   581  C CD2 . TYR A 1 102 ? -2.144  4.222   -11.819 1.00 86.26  ? 366 TYR A CD2 1 
ATOM   582  C CE1 . TYR A 1 102 ? -1.205  5.830   -13.883 1.00 91.64  ? 366 TYR A CE1 1 
ATOM   583  C CE2 . TYR A 1 102 ? -1.968  3.692   -13.097 1.00 82.80  ? 366 TYR A CE2 1 
ATOM   584  C CZ  . TYR A 1 102 ? -1.491  4.489   -14.123 1.00 88.95  ? 366 TYR A CZ  1 
ATOM   585  O OH  . TYR A 1 102 ? -1.312  3.976   -15.407 1.00 100.27 ? 366 TYR A OH  1 
ATOM   586  N N   . TRP A 1 103 ? -0.364  3.833   -8.795  1.00 79.53  ? 367 TRP A N   1 
ATOM   587  C CA  . TRP A 1 103 ? 0.133   2.510   -9.123  1.00 75.79  ? 367 TRP A CA  1 
ATOM   588  C C   . TRP A 1 103 ? -0.934  1.535   -8.710  1.00 77.28  ? 367 TRP A C   1 
ATOM   589  O O   . TRP A 1 103 ? -1.874  1.911   -7.994  1.00 85.26  ? 367 TRP A O   1 
ATOM   590  C CB  . TRP A 1 103 ? 1.470   2.232   -8.439  1.00 75.43  ? 367 TRP A CB  1 
ATOM   591  C CG  . TRP A 1 103 ? 1.451   2.274   -6.938  1.00 81.75  ? 367 TRP A CG  1 
ATOM   592  C CD1 . TRP A 1 103 ? 1.344   1.212   -6.072  1.00 83.48  ? 367 TRP A CD1 1 
ATOM   593  C CD2 . TRP A 1 103 ? 1.556   3.435   -6.125  1.00 78.98  ? 367 TRP A CD2 1 
ATOM   594  N NE1 . TRP A 1 103 ? 1.372   1.656   -4.770  1.00 87.94  ? 367 TRP A NE1 1 
ATOM   595  C CE2 . TRP A 1 103 ? 1.501   3.018   -4.783  1.00 83.93  ? 367 TRP A CE2 1 
ATOM   596  C CE3 . TRP A 1 103 ? 1.693   4.791   -6.403  1.00 78.81  ? 367 TRP A CE3 1 
ATOM   597  C CZ2 . TRP A 1 103 ? 1.578   3.910   -3.738  1.00 93.61  ? 367 TRP A CZ2 1 
ATOM   598  C CZ3 . TRP A 1 103 ? 1.764   5.672   -5.369  1.00 80.70  ? 367 TRP A CZ3 1 
ATOM   599  C CH2 . TRP A 1 103 ? 1.710   5.238   -4.056  1.00 91.95  ? 367 TRP A CH2 1 
ATOM   600  N N   . GLU A 1 104 ? -0.788  0.305   -9.175  1.00 71.47  ? 368 GLU A N   1 
ATOM   601  C CA  . GLU A 1 104 ? -1.813  -0.734  -9.045  1.00 81.03  ? 368 GLU A CA  1 
ATOM   602  C C   . GLU A 1 104 ? -1.193  -1.983  -8.457  1.00 80.85  ? 368 GLU A C   1 
ATOM   603  O O   . GLU A 1 104 ? -0.079  -2.339  -8.800  1.00 87.45  ? 368 GLU A O   1 
ATOM   604  C CB  . GLU A 1 104 ? -2.469  -1.062  -10.407 1.00 76.33  ? 368 GLU A CB  1 
ATOM   605  C CG  . GLU A 1 104 ? -3.225  0.112   -11.035 1.00 80.75  ? 368 GLU A CG  1 
ATOM   606  C CD  . GLU A 1 104 ? -4.218  -0.238  -12.185 1.00 93.09  ? 368 GLU A CD  1 
ATOM   607  O OE1 . GLU A 1 104 ? -4.338  -1.405  -12.680 1.00 94.85  ? 368 GLU A OE1 1 
ATOM   608  O OE2 . GLU A 1 104 ? -4.916  0.708   -12.622 1.00 79.89  ? 368 GLU A OE2 1 
ATOM   609  N N   . VAL A 1 105 ? -1.930  -2.645  -7.577  1.00 85.84  ? 369 VAL A N   1 
ATOM   610  C CA  . VAL A 1 105 ? -1.476  -3.859  -6.915  1.00 79.09  ? 369 VAL A CA  1 
ATOM   611  C C   . VAL A 1 105 ? -2.446  -5.035  -7.075  1.00 81.85  ? 369 VAL A C   1 
ATOM   612  O O   . VAL A 1 105 ? -3.573  -4.998  -6.561  1.00 72.78  ? 369 VAL A O   1 
ATOM   613  C CB  . VAL A 1 105 ? -1.334  -3.607  -5.428  1.00 70.51  ? 369 VAL A CB  1 
ATOM   614  C CG1 . VAL A 1 105 ? -0.697  -4.835  -4.767  1.00 74.42  ? 369 VAL A CG1 1 
ATOM   615  C CG2 . VAL A 1 105 ? -0.536  -2.330  -5.180  1.00 70.76  ? 369 VAL A CG2 1 
ATOM   616  N N   . GLU A 1 106 ? -2.010  -6.066  -7.785  1.00 82.87  ? 370 GLU A N   1 
ATOM   617  C CA  . GLU A 1 106 ? -2.715  -7.346  -7.787  1.00 92.20  ? 370 GLU A CA  1 
ATOM   618  C C   . GLU A 1 106 ? -2.766  -7.818  -6.350  1.00 88.79  ? 370 GLU A C   1 
ATOM   619  O O   . GLU A 1 106 ? -1.753  -8.218  -5.813  1.00 90.84  ? 370 GLU A O   1 
ATOM   620  C CB  . GLU A 1 106 ? -1.985  -8.393  -8.647  1.00 95.89  ? 370 GLU A CB  1 
ATOM   621  C CG  . GLU A 1 106 ? -2.595  -9.798  -8.636  1.00 99.00  ? 370 GLU A CG  1 
ATOM   622  C CD  . GLU A 1 106 ? -3.630  -10.016 -9.715  1.00 110.18 ? 370 GLU A CD  1 
ATOM   623  O OE1 . GLU A 1 106 ? -3.635  -9.222  -10.684 1.00 118.50 ? 370 GLU A OE1 1 
ATOM   624  O OE2 . GLU A 1 106 ? -4.432  -10.984 -9.602  1.00 109.50 ? 370 GLU A OE2 1 
ATOM   625  N N   . VAL A 1 107 ? -3.924  -7.707  -5.712  1.00 94.87  ? 371 VAL A N   1 
ATOM   626  C CA  . VAL A 1 107 ? -4.133  -8.384  -4.431  1.00 87.87  ? 371 VAL A CA  1 
ATOM   627  C C   . VAL A 1 107 ? -4.708  -9.754  -4.664  1.00 80.85  ? 371 VAL A C   1 
ATOM   628  O O   . VAL A 1 107 ? -4.627  -10.590 -3.785  1.00 77.23  ? 371 VAL A O   1 
ATOM   629  C CB  . VAL A 1 107 ? -4.977  -7.598  -3.418  1.00 79.16  ? 371 VAL A CB  1 
ATOM   630  C CG1 . VAL A 1 107 ? -4.306  -6.242  -3.139  1.00 74.48  ? 371 VAL A CG1 1 
ATOM   631  C CG2 . VAL A 1 107 ? -6.431  -7.484  -3.871  1.00 78.19  ? 371 VAL A CG2 1 
ATOM   632  N N   . GLY A 1 108 ? -5.232  -10.008 -5.854  1.00 87.01  ? 372 GLY A N   1 
ATOM   633  C CA  . GLY A 1 108 ? -5.849  -11.300 -6.143  1.00 100.74 ? 372 GLY A CA  1 
ATOM   634  C C   . GLY A 1 108 ? -6.740  -11.737 -4.996  1.00 105.05 ? 372 GLY A C   1 
ATOM   635  O O   . GLY A 1 108 ? -7.352  -10.910 -4.296  1.00 103.96 ? 372 GLY A O   1 
ATOM   636  N N   . ASP A 1 109 ? -6.761  -13.038 -4.757  1.00 106.82 ? 373 ASP A N   1 
ATOM   637  C CA  . ASP A 1 109 ? -7.663  -13.626 -3.759  1.00 101.21 ? 373 ASP A CA  1 
ATOM   638  C C   . ASP A 1 109 ? -7.090  -13.762 -2.352  1.00 99.64  ? 373 ASP A C   1 
ATOM   639  O O   . ASP A 1 109 ? -7.580  -14.562 -1.575  1.00 106.71 ? 373 ASP A O   1 
ATOM   640  C CB  . ASP A 1 109 ? -8.195  -14.978 -4.255  1.00 109.73 ? 373 ASP A CB  1 
ATOM   641  C CG  . ASP A 1 109 ? -7.089  -15.948 -4.577  1.00 118.91 ? 373 ASP A CG  1 
ATOM   642  O OD1 . ASP A 1 109 ? -6.159  -15.554 -5.326  1.00 146.96 ? 373 ASP A OD1 1 
ATOM   643  O OD2 . ASP A 1 109 ? -7.148  -17.090 -4.096  1.00 97.10  ? 373 ASP A OD2 1 
ATOM   644  N N   . ARG A 1 110 ? -6.083  -12.972 -1.988  1.00 111.89 ? 374 ARG A N   1 
ATOM   645  C CA  . ARG A 1 110 ? -5.624  -12.949 -0.593  1.00 103.11 ? 374 ARG A CA  1 
ATOM   646  C C   . ARG A 1 110 ? -6.770  -12.579 0.336   1.00 102.49 ? 374 ARG A C   1 
ATOM   647  O O   . ARG A 1 110 ? -7.691  -11.856 -0.073  1.00 104.48 ? 374 ARG A O   1 
ATOM   648  C CB  . ARG A 1 110 ? -4.481  -11.946 -0.373  1.00 103.18 ? 374 ARG A CB  1 
ATOM   649  C CG  . ARG A 1 110 ? -3.094  -12.542 -0.440  1.00 106.59 ? 374 ARG A CG  1 
ATOM   650  C CD  . ARG A 1 110 ? -2.030  -11.547 0.015   1.00 110.52 ? 374 ARG A CD  1 
ATOM   651  N NE  . ARG A 1 110 ? -1.680  -11.636 1.432   1.00 104.27 ? 374 ARG A NE  1 
ATOM   652  C CZ  . ARG A 1 110 ? -0.821  -12.502 1.975   1.00 115.28 ? 374 ARG A CZ  1 
ATOM   653  N NH1 . ARG A 1 110 ? -0.191  -13.425 1.251   1.00 130.30 ? 374 ARG A NH1 1 
ATOM   654  N NH2 . ARG A 1 110 ? -0.593  -12.461 3.279   1.00 120.51 ? 374 ARG A NH2 1 
ATOM   655  N N   . LYS A 1 111 ? -6.666  -13.064 1.576   1.00 103.24 ? 375 LYS A N   1 
ATOM   656  C CA  . LYS A 1 111 ? -7.601  -12.794 2.677   1.00 103.05 ? 375 LYS A CA  1 
ATOM   657  C C   . LYS A 1 111 ? -7.158  -11.678 3.601   1.00 104.42 ? 375 LYS A C   1 
ATOM   658  O O   . LYS A 1 111 ? -7.958  -11.167 4.376   1.00 118.07 ? 375 LYS A O   1 
ATOM   659  C CB  . LYS A 1 111 ? -7.748  -14.021 3.574   1.00 111.28 ? 375 LYS A CB  1 
ATOM   660  C CG  . LYS A 1 111 ? -8.292  -15.251 2.884   1.00 117.91 ? 375 LYS A CG  1 
ATOM   661  C CD  . LYS A 1 111 ? -8.622  -16.304 3.922   1.00 121.46 ? 375 LYS A CD  1 
ATOM   662  C CE  . LYS A 1 111 ? -8.838  -17.665 3.294   1.00 119.95 ? 375 LYS A CE  1 
ATOM   663  N NZ  . LYS A 1 111 ? -9.108  -18.680 4.356   1.00 130.18 ? 375 LYS A NZ  1 
ATOM   664  N N   . GLU A 1 112 ? -5.885  -11.336 3.592   1.00 100.31 ? 376 GLU A N   1 
ATOM   665  C CA  . GLU A 1 112 ? -5.453  -10.226 4.403   1.00 101.83 ? 376 GLU A CA  1 
ATOM   666  C C   . GLU A 1 112 ? -4.364  -9.481  3.662   1.00 102.21 ? 376 GLU A C   1 
ATOM   667  O O   . GLU A 1 112 ? -3.488  -10.097 3.060   1.00 93.56  ? 376 GLU A O   1 
ATOM   668  C CB  . GLU A 1 112 ? -4.996  -10.716 5.784   1.00 97.99  ? 376 GLU A CB  1 
ATOM   669  C CG  . GLU A 1 112 ? -4.668  -9.616  6.809   1.00 102.79 ? 376 GLU A CG  1 
ATOM   670  C CD  . GLU A 1 112 ? -3.269  -9.032  6.674   1.00 99.50  ? 376 GLU A CD  1 
ATOM   671  O OE1 . GLU A 1 112 ? -2.397  -9.773  6.183   1.00 101.33 ? 376 GLU A OE1 1 
ATOM   672  O OE2 . GLU A 1 112 ? -3.037  -7.851  7.056   1.00 102.73 ? 376 GLU A OE2 1 
ATOM   673  N N   . TRP A 1 113 ? -4.447  -8.151  3.712   1.00 94.27  ? 377 TRP A N   1 
ATOM   674  C CA  . TRP A 1 113 ? -3.439  -7.264  3.139   1.00 81.70  ? 377 TRP A CA  1 
ATOM   675  C C   . TRP A 1 113 ? -3.780  -5.822  3.394   1.00 75.23  ? 377 TRP A C   1 
ATOM   676  O O   . TRP A 1 113 ? -4.923  -5.489  3.317   1.00 91.41  ? 377 TRP A O   1 
ATOM   677  C CB  . TRP A 1 113 ? -3.333  -7.471  1.618   1.00 88.51  ? 377 TRP A CB  1 
ATOM   678  C CG  . TRP A 1 113 ? -4.610  -7.414  0.847   1.00 79.45  ? 377 TRP A CG  1 
ATOM   679  C CD1 . TRP A 1 113 ? -5.347  -8.479  0.357   1.00 75.98  ? 377 TRP A CD1 1 
ATOM   680  C CD2 . TRP A 1 113 ? -5.272  -6.235  0.426   1.00 70.36  ? 377 TRP A CD2 1 
ATOM   681  N NE1 . TRP A 1 113 ? -6.436  -8.014  -0.343  1.00 71.94  ? 377 TRP A NE1 1 
ATOM   682  C CE2 . TRP A 1 113 ? -6.433  -6.642  -0.283  1.00 70.58  ? 377 TRP A CE2 1 
ATOM   683  C CE3 . TRP A 1 113 ? -5.003  -4.858  0.582   1.00 75.19  ? 377 TRP A CE3 1 
ATOM   684  C CZ2 . TRP A 1 113 ? -7.316  -5.722  -0.837  1.00 75.39  ? 377 TRP A CZ2 1 
ATOM   685  C CZ3 . TRP A 1 113 ? -5.882  -3.936  0.045   1.00 75.26  ? 377 TRP A CZ3 1 
ATOM   686  C CH2 . TRP A 1 113 ? -7.027  -4.366  -0.660  1.00 77.50  ? 377 TRP A CH2 1 
ATOM   687  N N   . HIS A 1 114 ? -2.811  -4.955  3.671   1.00 85.01  ? 378 HIS A N   1 
ATOM   688  C CA  . HIS A 1 114 ? -3.084  -3.506  3.782   1.00 90.34  ? 378 HIS A CA  1 
ATOM   689  C C   . HIS A 1 114 ? -2.081  -2.735  2.986   1.00 84.78  ? 378 HIS A C   1 
ATOM   690  O O   . HIS A 1 114 ? -0.909  -2.994  3.108   1.00 98.05  ? 378 HIS A O   1 
ATOM   691  C CB  . HIS A 1 114 ? -3.054  -3.050  5.238   1.00 98.55  ? 378 HIS A CB  1 
ATOM   692  C CG  . HIS A 1 114 ? -4.146  -3.648  6.035   1.00 104.19 ? 378 HIS A CG  1 
ATOM   693  N ND1 . HIS A 1 114 ? -4.082  -4.940  6.510   1.00 119.50 ? 378 HIS A ND1 1 
ATOM   694  C CD2 . HIS A 1 114 ? -5.371  -3.181  6.353   1.00 100.54 ? 378 HIS A CD2 1 
ATOM   695  C CE1 . HIS A 1 114 ? -5.217  -5.234  7.116   1.00 117.27 ? 378 HIS A CE1 1 
ATOM   696  N NE2 . HIS A 1 114 ? -6.018  -4.186  7.028   1.00 117.22 ? 378 HIS A NE2 1 
ATOM   697  N N   . ILE A 1 115 ? -2.535  -1.784  2.185   1.00 81.95  ? 379 ILE A N   1 
ATOM   698  C CA  . ILE A 1 115 ? -1.644  -1.038  1.325   1.00 74.58  ? 379 ILE A CA  1 
ATOM   699  C C   . ILE A 1 115 ? -1.988  0.425   1.270   1.00 75.21  ? 379 ILE A C   1 
ATOM   700  O O   . ILE A 1 115 ? -3.086  0.847   1.585   1.00 86.01  ? 379 ILE A O   1 
ATOM   701  C CB  . ILE A 1 115 ? -1.659  -1.608  -0.109  1.00 75.74  ? 379 ILE A CB  1 
ATOM   702  C CG1 . ILE A 1 115 ? -3.051  -1.600  -0.710  1.00 81.05  ? 379 ILE A CG1 1 
ATOM   703  C CG2 . ILE A 1 115 ? -1.166  -3.048  -0.123  1.00 72.28  ? 379 ILE A CG2 1 
ATOM   704  C CD1 . ILE A 1 115 ? -3.106  -2.278  -2.071  1.00 83.29  ? 379 ILE A CD1 1 
ATOM   705  N N   . GLY A 1 116 ? -1.026  1.200   0.842   1.00 84.37  ? 380 GLY A N   1 
ATOM   706  C CA  . GLY A 1 116 ? -1.266  2.579   0.510   1.00 83.67  ? 380 GLY A CA  1 
ATOM   707  C C   . GLY A 1 116 ? 0.049   3.298   0.522   1.00 79.28  ? 380 GLY A C   1 
ATOM   708  O O   . GLY A 1 116 ? 1.024   2.867   -0.167  1.00 84.73  ? 380 GLY A O   1 
ATOM   709  N N   . VAL A 1 117 ? 0.067   4.386   1.290   1.00 64.77  ? 381 VAL A N   1 
ATOM   710  C CA  . VAL A 1 117 ? 1.290   5.144   1.532   1.00 81.05  ? 381 VAL A CA  1 
ATOM   711  C C   . VAL A 1 117 ? 1.567   5.532   2.990   1.00 83.24  ? 381 VAL A C   1 
ATOM   712  O O   . VAL A 1 117 ? 0.672   5.523   3.870   1.00 88.28  ? 381 VAL A O   1 
ATOM   713  C CB  . VAL A 1 117 ? 1.325   6.448   0.712   1.00 81.45  ? 381 VAL A CB  1 
ATOM   714  C CG1 . VAL A 1 117 ? 0.821   6.205   -0.691  1.00 86.10  ? 381 VAL A CG1 1 
ATOM   715  C CG2 . VAL A 1 117 ? 0.496   7.533   1.360   1.00 81.04  ? 381 VAL A CG2 1 
ATOM   716  N N   . CYS A 1 118 ? 2.810   5.935   3.207   1.00 80.77  ? 382 CYS A N   1 
ATOM   717  C CA  . CYS A 1 118 ? 3.244   6.436   4.498   1.00 94.95  ? 382 CYS A CA  1 
ATOM   718  C C   . CYS A 1 118 ? 4.405   7.421   4.365   1.00 93.00  ? 382 CYS A C   1 
ATOM   719  O O   . CYS A 1 118 ? 5.025   7.500   3.315   1.00 104.36 ? 382 CYS A O   1 
ATOM   720  C CB  . CYS A 1 118 ? 3.637   5.254   5.394   1.00 96.08  ? 382 CYS A CB  1 
ATOM   721  S SG  . CYS A 1 118 ? 5.222   4.498   4.979   1.00 97.22  ? 382 CYS A SG  1 
ATOM   722  N N   . SER A 1 119 ? 4.704   8.148   5.434   1.00 97.69  ? 383 SER A N   1 
ATOM   723  C CA  . SER A 1 119 ? 5.791   9.140   5.427   1.00 102.61 ? 383 SER A CA  1 
ATOM   724  C C   . SER A 1 119 ? 7.161   8.498   5.669   1.00 110.53 ? 383 SER A C   1 
ATOM   725  O O   . SER A 1 119 ? 7.241   7.487   6.379   1.00 118.13 ? 383 SER A O   1 
ATOM   726  C CB  . SER A 1 119 ? 5.538   10.207  6.488   1.00 97.72  ? 383 SER A CB  1 
ATOM   727  O OG  . SER A 1 119 ? 4.210   10.688  6.393   1.00 101.49 ? 383 SER A OG  1 
ATOM   728  N N   . LYS A 1 120 ? 8.212   9.072   5.055   1.00 103.24 ? 384 LYS A N   1 
ATOM   729  C CA  . LYS A 1 120 ? 9.639   8.795   5.377   1.00 110.93 ? 384 LYS A CA  1 
ATOM   730  C C   . LYS A 1 120 ? 9.838   8.667   6.885   1.00 109.98 ? 384 LYS A C   1 
ATOM   731  O O   . LYS A 1 120 ? 10.375  7.662   7.371   1.00 105.01 ? 384 LYS A O   1 
ATOM   732  C CB  . LYS A 1 120 ? 10.523  9.953   4.850   1.00 127.13 ? 384 LYS A CB  1 
ATOM   733  C CG  . LYS A 1 120 ? 12.022  9.935   5.194   1.00 139.75 ? 384 LYS A CG  1 
ATOM   734  C CD  . LYS A 1 120 ? 12.470  11.250  5.850   1.00 152.91 ? 384 LYS A CD  1 
ATOM   735  C CE  . LYS A 1 120 ? 13.988  11.367  6.041   1.00 158.72 ? 384 LYS A CE  1 
ATOM   736  N NZ  . LYS A 1 120 ? 14.629  12.388  5.160   1.00 148.01 ? 384 LYS A NZ  1 
ATOM   737  N N   . ASN A 1 121 ? 9.361   9.691   7.600   1.00 107.11 ? 385 ASN A N   1 
ATOM   738  C CA  . ASN A 1 121 ? 9.544   9.854   9.043   1.00 102.59 ? 385 ASN A CA  1 
ATOM   739  C C   . ASN A 1 121 ? 8.595   9.086   9.968   1.00 96.74  ? 385 ASN A C   1 
ATOM   740  O O   . ASN A 1 121 ? 8.433   9.494   11.117  1.00 111.55 ? 385 ASN A O   1 
ATOM   741  C CB  . ASN A 1 121 ? 9.495   11.356  9.418   1.00 107.64 ? 385 ASN A CB  1 
ATOM   742  C CG  . ASN A 1 121 ? 8.059   11.931  9.502   1.00 121.09 ? 385 ASN A CG  1 
ATOM   743  O OD1 . ASN A 1 121 ? 7.045   11.231  9.335   1.00 123.02 ? 385 ASN A OD1 1 
ATOM   744  N ND2 . ASN A 1 121 ? 7.982   13.222  9.781   1.00 120.65 ? 385 ASN A ND2 1 
ATOM   745  N N   . VAL A 1 122 ? 7.947   8.015   9.512   1.00 91.08  ? 386 VAL A N   1 
ATOM   746  C CA  . VAL A 1 122 ? 7.167   7.187   10.457  1.00 90.86  ? 386 VAL A CA  1 
ATOM   747  C C   . VAL A 1 122 ? 8.146   6.440   11.314  1.00 92.20  ? 386 VAL A C   1 
ATOM   748  O O   . VAL A 1 122 ? 9.287   6.206   10.898  1.00 100.36 ? 386 VAL A O   1 
ATOM   749  C CB  . VAL A 1 122 ? 6.189   6.165   9.820   1.00 96.09  ? 386 VAL A CB  1 
ATOM   750  C CG1 . VAL A 1 122 ? 5.104   6.884   9.046   1.00 98.10  ? 386 VAL A CG1 1 
ATOM   751  C CG2 . VAL A 1 122 ? 6.905   5.129   8.939   1.00 104.35 ? 386 VAL A CG2 1 
ATOM   752  N N   . GLU A 1 123 ? 7.689   6.064   12.503  1.00 102.50 ? 387 GLU A N   1 
ATOM   753  C CA  . GLU A 1 123 ? 8.510   5.350   13.463  1.00 103.20 ? 387 GLU A CA  1 
ATOM   754  C C   . GLU A 1 123 ? 8.585   3.868   13.053  1.00 107.48 ? 387 GLU A C   1 
ATOM   755  O O   . GLU A 1 123 ? 7.572   3.129   13.062  1.00 81.25  ? 387 GLU A O   1 
ATOM   756  C CB  . GLU A 1 123 ? 7.935   5.511   14.863  1.00 106.96 ? 387 GLU A CB  1 
ATOM   757  C CG  . GLU A 1 123 ? 8.790   4.910   15.954  1.00 116.82 ? 387 GLU A CG  1 
ATOM   758  C CD  . GLU A 1 123 ? 10.146  5.577   16.119  1.00 123.06 ? 387 GLU A CD  1 
ATOM   759  O OE1 . GLU A 1 123 ? 10.192  6.834   16.205  1.00 117.62 ? 387 GLU A OE1 1 
ATOM   760  O OE2 . GLU A 1 123 ? 11.159  4.834   16.187  1.00 119.38 ? 387 GLU A OE2 1 
ATOM   761  N N   . ARG A 1 124 ? 9.802   3.466   12.683  1.00 107.41 ? 388 ARG A N   1 
ATOM   762  C CA  . ARG A 1 124 ? 10.073  2.153   12.083  1.00 103.89 ? 388 ARG A CA  1 
ATOM   763  C C   . ARG A 1 124 ? 10.512  1.116   13.117  1.00 97.98  ? 388 ARG A C   1 
ATOM   764  O O   . ARG A 1 124 ? 10.548  -0.090  12.834  1.00 80.23  ? 388 ARG A O   1 
ATOM   765  C CB  . ARG A 1 124 ? 11.127  2.313   10.963  1.00 96.91  ? 388 ARG A CB  1 
ATOM   766  C CG  . ARG A 1 124 ? 10.608  3.071   9.737   1.00 101.17 ? 388 ARG A CG  1 
ATOM   767  C CD  . ARG A 1 124 ? 11.655  3.981   9.117   1.00 106.19 ? 388 ARG A CD  1 
ATOM   768  N NE  . ARG A 1 124 ? 11.286  4.608   7.824   1.00 112.46 ? 388 ARG A NE  1 
ATOM   769  C CZ  . ARG A 1 124 ? 11.676  4.222   6.593   1.00 98.33  ? 388 ARG A CZ  1 
ATOM   770  N NH1 . ARG A 1 124 ? 11.279  4.929   5.547   1.00 115.56 ? 388 ARG A NH1 1 
ATOM   771  N NH2 . ARG A 1 124 ? 12.433  3.154   6.371   1.00 94.96  ? 388 ARG A NH2 1 
ATOM   772  N N   . LYS A 1 125 ? 10.850  1.596   14.317  1.00 120.31 ? 389 LYS A N   1 
ATOM   773  C CA  . LYS A 1 125 ? 11.311  0.747   15.419  1.00 114.62 ? 389 LYS A CA  1 
ATOM   774  C C   . LYS A 1 125 ? 10.237  0.632   16.501  1.00 108.94 ? 389 LYS A C   1 
ATOM   775  O O   . LYS A 1 125 ? 9.713   -0.457  16.675  1.00 99.33  ? 389 LYS A O   1 
ATOM   776  C CB  . LYS A 1 125 ? 12.642  1.258   15.978  1.00 108.23 ? 389 LYS A CB  1 
ATOM   777  C CG  . LYS A 1 125 ? 13.730  1.449   14.929  1.00 102.60 ? 389 LYS A CG  1 
ATOM   778  C CD  . LYS A 1 125 ? 14.047  0.212   14.086  1.00 98.14  ? 389 LYS A CD  1 
ATOM   779  C CE  . LYS A 1 125 ? 14.894  0.631   12.901  1.00 97.65  ? 389 LYS A CE  1 
ATOM   780  N NZ  . LYS A 1 125 ? 15.381  -0.499  12.075  1.00 103.65 ? 389 LYS A NZ  1 
ATOM   781  N N   . LYS A 1 126 ? 9.869   1.725   17.185  1.00 113.97 ? 390 LYS A N   1 
ATOM   782  C CA  . LYS A 1 126 ? 8.870   1.648   18.292  1.00 119.66 ? 390 LYS A CA  1 
ATOM   783  C C   . LYS A 1 126 ? 7.558   0.910   17.923  1.00 106.16 ? 390 LYS A C   1 
ATOM   784  O O   . LYS A 1 126 ? 7.010   1.036   16.809  1.00 109.00 ? 390 LYS A O   1 
ATOM   785  C CB  . LYS A 1 126 ? 8.509   3.029   18.902  1.00 130.70 ? 390 LYS A CB  1 
ATOM   786  C CG  . LYS A 1 126 ? 9.636   3.790   19.615  1.00 124.99 ? 390 LYS A CG  1 
ATOM   787  C CD  . LYS A 1 126 ? 9.101   5.020   20.355  1.00 131.17 ? 390 LYS A CD  1 
ATOM   788  C CE  . LYS A 1 126 ? 9.061   6.278   19.484  1.00 130.86 ? 390 LYS A CE  1 
ATOM   789  N NZ  . LYS A 1 126 ? 8.239   7.370   20.074  1.00 126.17 ? 390 LYS A NZ  1 
ATOM   790  N N   . GLY A 1 127 ? 7.083   0.142   18.890  1.00 90.12  ? 391 GLY A N   1 
ATOM   791  C CA  . GLY A 1 127 ? 5.850   -0.616  18.772  1.00 101.41 ? 391 GLY A CA  1 
ATOM   792  C C   . GLY A 1 127 ? 4.638   0.152   19.239  1.00 94.59  ? 391 GLY A C   1 
ATOM   793  O O   . GLY A 1 127 ? 4.747   1.225   19.837  1.00 93.63  ? 391 GLY A O   1 
ATOM   794  N N   . TRP A 1 128 ? 3.482   -0.418  18.920  1.00 89.83  ? 392 TRP A N   1 
ATOM   795  C CA  . TRP A 1 128 ? 2.149   0.109   19.256  1.00 87.06  ? 392 TRP A CA  1 
ATOM   796  C C   . TRP A 1 128 ? 1.874   1.522   18.784  1.00 104.16 ? 392 TRP A C   1 
ATOM   797  O O   . TRP A 1 128 ? 0.903   2.110   19.246  1.00 127.46 ? 392 TRP A O   1 
ATOM   798  C CB  . TRP A 1 128 ? 1.831   0.011   20.759  1.00 80.34  ? 392 TRP A CB  1 
ATOM   799  C CG  . TRP A 1 128 ? 2.561   -1.070  21.461  1.00 68.58  ? 392 TRP A CG  1 
ATOM   800  C CD1 . TRP A 1 128 ? 3.744   -0.941  22.105  1.00 69.70  ? 392 TRP A CD1 1 
ATOM   801  C CD2 . TRP A 1 128 ? 2.206   -2.463  21.526  1.00 60.17  ? 392 TRP A CD2 1 
ATOM   802  N NE1 . TRP A 1 128 ? 4.157   -2.166  22.581  1.00 75.57  ? 392 TRP A NE1 1 
ATOM   803  C CE2 . TRP A 1 128 ? 3.230   -3.116  22.249  1.00 55.36  ? 392 TRP A CE2 1 
ATOM   804  C CE3 . TRP A 1 128 ? 1.133   -3.227  21.017  1.00 64.12  ? 392 TRP A CE3 1 
ATOM   805  C CZ2 . TRP A 1 128 ? 3.217   -4.483  22.516  1.00 55.70  ? 392 TRP A CZ2 1 
ATOM   806  C CZ3 . TRP A 1 128 ? 1.118   -4.642  21.264  1.00 58.94  ? 392 TRP A CZ3 1 
ATOM   807  C CH2 . TRP A 1 128 ? 2.155   -5.241  22.008  1.00 61.67  ? 392 TRP A CH2 1 
ATOM   808  N N   . VAL A 1 129 ? 2.683   2.075   17.869  1.00 111.79 ? 393 VAL A N   1 
ATOM   809  C CA  . VAL A 1 129 ? 2.255   3.272   17.145  1.00 109.25 ? 393 VAL A CA  1 
ATOM   810  C C   . VAL A 1 129 ? 1.232   2.704   16.141  1.00 100.55 ? 393 VAL A C   1 
ATOM   811  O O   . VAL A 1 129 ? 1.576   1.886   15.284  1.00 102.88 ? 393 VAL A O   1 
ATOM   812  C CB  . VAL A 1 129 ? 3.419   4.119   16.540  1.00 110.07 ? 393 VAL A CB  1 
ATOM   813  C CG1 . VAL A 1 129 ? 4.587   4.198   17.519  1.00 111.88 ? 393 VAL A CG1 1 
ATOM   814  C CG2 . VAL A 1 129 ? 3.912   3.598   15.188  1.00 137.33 ? 393 VAL A CG2 1 
ATOM   815  N N   . LYS A 1 130 ? -0.037  3.053   16.353  1.00 100.51 ? 394 LYS A N   1 
ATOM   816  C CA  . LYS A 1 130 ? -1.161  2.604   15.515  1.00 108.17 ? 394 LYS A CA  1 
ATOM   817  C C   . LYS A 1 130 ? -1.000  3.216   14.114  1.00 104.80 ? 394 LYS A C   1 
ATOM   818  O O   . LYS A 1 130 ? -0.466  4.309   13.974  1.00 110.24 ? 394 LYS A O   1 
ATOM   819  C CB  . LYS A 1 130 ? -2.534  2.962   16.187  1.00 107.99 ? 394 LYS A CB  1 
ATOM   820  C CG  . LYS A 1 130 ? -3.813  2.746   15.351  1.00 119.74 ? 394 LYS A CG  1 
ATOM   821  C CD  . LYS A 1 130 ? -5.010  2.103   16.085  1.00 124.73 ? 394 LYS A CD  1 
ATOM   822  C CE  . LYS A 1 130 ? -4.997  0.557   16.009  1.00 135.89 ? 394 LYS A CE  1 
ATOM   823  N NZ  . LYS A 1 130 ? -6.291  -0.112  16.357  1.00 134.32 ? 394 LYS A NZ  1 
ATOM   824  N N   . MET A 1 131 ? -1.416  2.487   13.083  1.00 103.61 ? 395 MET A N   1 
ATOM   825  C CA  . MET A 1 131 ? -1.335  2.980   11.700  1.00 108.87 ? 395 MET A CA  1 
ATOM   826  C C   . MET A 1 131 ? -2.542  3.862   11.316  1.00 109.43 ? 395 MET A C   1 
ATOM   827  O O   . MET A 1 131 ? -3.555  3.371   10.798  1.00 122.11 ? 395 MET A O   1 
ATOM   828  C CB  . MET A 1 131 ? -1.203  1.802   10.717  1.00 112.45 ? 395 MET A CB  1 
ATOM   829  C CG  . MET A 1 131 ? 0.148   1.083   10.749  1.00 102.99 ? 395 MET A CG  1 
ATOM   830  S SD  . MET A 1 131 ? 0.089   -0.525  9.909   1.00 97.14  ? 395 MET A SD  1 
ATOM   831  C CE  . MET A 1 131 ? -0.414  -0.116  8.237   1.00 101.86 ? 395 MET A CE  1 
ATOM   832  N N   . THR A 1 132 ? -2.416  5.164   11.569  1.00 97.65  ? 396 THR A N   1 
ATOM   833  C CA  . THR A 1 132 ? -3.438  6.150   11.198  1.00 88.58  ? 396 THR A CA  1 
ATOM   834  C C   . THR A 1 132 ? -2.762  7.276   10.486  1.00 78.77  ? 396 THR A C   1 
ATOM   835  O O   . THR A 1 132 ? -1.568  7.477   10.661  1.00 87.11  ? 396 THR A O   1 
ATOM   836  C CB  . THR A 1 132 ? -4.136  6.789   12.430  1.00 95.86  ? 396 THR A CB  1 
ATOM   837  O OG1 . THR A 1 132 ? -3.165  7.132   13.433  1.00 81.35  ? 396 THR A OG1 1 
ATOM   838  C CG2 . THR A 1 132 ? -5.153  5.853   13.031  1.00 96.45  ? 396 THR A CG2 1 
ATOM   839  N N   . PRO A 1 133 ? -3.521  8.067   9.730   1.00 76.75  ? 397 PRO A N   1 
ATOM   840  C CA  . PRO A 1 133 ? -2.969  9.254   9.075   1.00 79.30  ? 397 PRO A CA  1 
ATOM   841  C C   . PRO A 1 133 ? -2.359  10.178  10.061  1.00 84.16  ? 397 PRO A C   1 
ATOM   842  O O   . PRO A 1 133 ? -1.414  10.863  9.719   1.00 81.74  ? 397 PRO A O   1 
ATOM   843  C CB  . PRO A 1 133 ? -4.183  9.917   8.480   1.00 77.28  ? 397 PRO A CB  1 
ATOM   844  C CG  . PRO A 1 133 ? -5.090  8.779   8.193   1.00 76.92  ? 397 PRO A CG  1 
ATOM   845  C CD  . PRO A 1 133 ? -4.919  7.849   9.347   1.00 81.34  ? 397 PRO A CD  1 
ATOM   846  N N   . GLU A 1 134 ? -2.927  10.170  11.269  1.00 103.57 ? 398 GLU A N   1 
ATOM   847  C CA  . GLU A 1 134 ? -2.372  10.828  12.467  1.00 113.14 ? 398 GLU A CA  1 
ATOM   848  C C   . GLU A 1 134 ? -0.884  10.538  12.633  1.00 104.53 ? 398 GLU A C   1 
ATOM   849  O O   . GLU A 1 134 ? -0.120  11.453  12.916  1.00 95.42  ? 398 GLU A O   1 
ATOM   850  C CB  . GLU A 1 134 ? -3.138  10.429  13.757  1.00 124.30 ? 398 GLU A CB  1 
ATOM   851  C CG  . GLU A 1 134 ? -4.673  10.442  13.616  1.00 147.69 ? 398 GLU A CG  1 
ATOM   852  C CD  . GLU A 1 134 ? -5.435  10.918  14.850  1.00 167.54 ? 398 GLU A CD  1 
ATOM   853  O OE1 . GLU A 1 134 ? -4.959  11.832  15.552  1.00 168.51 ? 398 GLU A OE1 1 
ATOM   854  O OE2 . GLU A 1 134 ? -6.548  10.405  15.098  1.00 176.42 ? 398 GLU A OE2 1 
ATOM   855  N N   . ASN A 1 135 ? -0.493  9.276   12.434  1.00 107.88 ? 399 ASN A N   1 
ATOM   856  C CA  . ASN A 1 135 ? 0.914   8.814   12.529  1.00 107.04 ? 399 ASN A CA  1 
ATOM   857  C C   . ASN A 1 135 ? 1.651   8.619   11.217  1.00 111.91 ? 399 ASN A C   1 
ATOM   858  O O   . ASN A 1 135 ? 2.729   7.996   11.209  1.00 98.13  ? 399 ASN A O   1 
ATOM   859  C CB  . ASN A 1 135 ? 0.955   7.463   13.227  1.00 105.28 ? 399 ASN A CB  1 
ATOM   860  C CG  . ASN A 1 135 ? 0.422   7.524   14.624  1.00 101.00 ? 399 ASN A CG  1 
ATOM   861  O OD1 . ASN A 1 135 ? 0.539   8.547   15.306  1.00 104.09 ? 399 ASN A OD1 1 
ATOM   862  N ND2 . ASN A 1 135 ? -0.143  6.419   15.074  1.00 87.39  ? 399 ASN A ND2 1 
ATOM   863  N N   . GLY A 1 136 ? 1.057   9.110   10.125  1.00 109.71 ? 400 GLY A N   1 
ATOM   864  C CA  . GLY A 1 136 ? 1.657   9.068   8.797   1.00 103.74 ? 400 GLY A CA  1 
ATOM   865  C C   . GLY A 1 136 ? 1.308   7.839   7.965   1.00 98.56  ? 400 GLY A C   1 
ATOM   866  O O   . GLY A 1 136 ? 2.122   7.421   7.159   1.00 93.58  ? 400 GLY A O   1 
ATOM   867  N N   . TYR A 1 137 ? 0.107   7.285   8.121   1.00 82.95  ? 401 TYR A N   1 
ATOM   868  C CA  . TYR A 1 137 ? -0.267  6.088   7.397   1.00 93.98  ? 401 TYR A CA  1 
ATOM   869  C C   . TYR A 1 137 ? -1.611  6.225   6.751   1.00 93.16  ? 401 TYR A C   1 
ATOM   870  O O   . TYR A 1 137 ? -2.675  6.153   7.382   1.00 82.89  ? 401 TYR A O   1 
ATOM   871  C CB  . TYR A 1 137 ? -0.337  4.869   8.308   1.00 103.12 ? 401 TYR A CB  1 
ATOM   872  C CG  . TYR A 1 137 ? 0.961   4.374   8.875   1.00 104.34 ? 401 TYR A CG  1 
ATOM   873  C CD1 . TYR A 1 137 ? 1.670   3.348   8.254   1.00 98.59  ? 401 TYR A CD1 1 
ATOM   874  C CD2 . TYR A 1 137 ? 1.455   4.888   10.078  1.00 115.92 ? 401 TYR A CD2 1 
ATOM   875  C CE1 . TYR A 1 137 ? 2.850   2.860   8.800   1.00 104.19 ? 401 TYR A CE1 1 
ATOM   876  C CE2 . TYR A 1 137 ? 2.641   4.414   10.626  1.00 124.05 ? 401 TYR A CE2 1 
ATOM   877  C CZ  . TYR A 1 137 ? 3.332   3.400   9.979   1.00 109.41 ? 401 TYR A CZ  1 
ATOM   878  O OH  . TYR A 1 137 ? 4.497   2.935   10.522  1.00 111.57 ? 401 TYR A OH  1 
ATOM   879  N N   . TRP A 1 138 ? -1.567  6.268   5.453   1.00 93.39  ? 402 TRP A N   1 
ATOM   880  C CA  . TRP A 1 138 ? -2.782  6.330   4.728   1.00 93.06  ? 402 TRP A CA  1 
ATOM   881  C C   . TRP A 1 138 ? -2.957  5.027   4.006   1.00 90.37  ? 402 TRP A C   1 
ATOM   882  O O   . TRP A 1 138 ? -2.601  4.904   2.848   1.00 77.09  ? 402 TRP A O   1 
ATOM   883  C CB  . TRP A 1 138 ? -2.682  7.469   3.782   1.00 87.94  ? 402 TRP A CB  1 
ATOM   884  C CG  . TRP A 1 138 ? -2.566  8.748   4.469   1.00 90.35  ? 402 TRP A CG  1 
ATOM   885  C CD1 . TRP A 1 138 ? -3.569  9.630   4.708   1.00 85.06  ? 402 TRP A CD1 1 
ATOM   886  C CD2 . TRP A 1 138 ? -1.368  9.343   4.977   1.00 94.44  ? 402 TRP A CD2 1 
ATOM   887  N NE1 . TRP A 1 138 ? -3.073  10.752  5.325   1.00 92.82  ? 402 TRP A NE1 1 
ATOM   888  C CE2 . TRP A 1 138 ? -1.724  10.600  5.504   1.00 90.27  ? 402 TRP A CE2 1 
ATOM   889  C CE3 . TRP A 1 138 ? -0.029  8.950   5.014   1.00 102.86 ? 402 TRP A CE3 1 
ATOM   890  C CZ2 . TRP A 1 138 ? -0.801  11.452  6.084   1.00 84.35  ? 402 TRP A CZ2 1 
ATOM   891  C CZ3 . TRP A 1 138 ? 0.895   9.814   5.573   1.00 106.39 ? 402 TRP A CZ3 1 
ATOM   892  C CH2 . TRP A 1 138 ? 0.502   11.042  6.112   1.00 95.00  ? 402 TRP A CH2 1 
ATOM   893  N N   . THR A 1 139 ? -3.500  4.049   4.708   1.00 94.87  ? 403 THR A N   1 
ATOM   894  C CA  . THR A 1 139 ? -3.523  2.698   4.185   1.00 93.61  ? 403 THR A CA  1 
ATOM   895  C C   . THR A 1 139 ? -4.908  2.217   4.174   1.00 89.11  ? 403 THR A C   1 
ATOM   896  O O   . THR A 1 139 ? -5.814  2.916   4.567   1.00 85.61  ? 403 THR A O   1 
ATOM   897  C CB  . THR A 1 139 ? -2.709  1.796   5.086   1.00 86.31  ? 403 THR A CB  1 
ATOM   898  O OG1 . THR A 1 139 ? -2.955  2.208   6.433   1.00 86.71  ? 403 THR A OG1 1 
ATOM   899  C CG2 . THR A 1 139 ? -1.292  2.001   4.730   1.00 94.09  ? 403 THR A CG2 1 
ATOM   900  N N   . MET A 1 140 ? -5.072  1.001   3.715   1.00 87.16  ? 404 MET A N   1 
ATOM   901  C CA  . MET A 1 140 ? -6.377  0.465   3.521   1.00 87.62  ? 404 MET A CA  1 
ATOM   902  C C   . MET A 1 140 ? -6.167  -0.992  3.226   1.00 89.38  ? 404 MET A C   1 
ATOM   903  O O   . MET A 1 140 ? -5.150  -1.360  2.620   1.00 101.41 ? 404 MET A O   1 
ATOM   904  C CB  . MET A 1 140 ? -7.006  1.172   2.331   1.00 87.20  ? 404 MET A CB  1 
ATOM   905  C CG  . MET A 1 140 ? -8.289  0.557   1.866   1.00 95.22  ? 404 MET A CG  1 
ATOM   906  S SD  . MET A 1 140 ? -8.285  0.021   0.160   1.00 96.60  ? 404 MET A SD  1 
ATOM   907  C CE  . MET A 1 140 ? -9.115  -1.553  0.384   1.00 102.01 ? 404 MET A CE  1 
ATOM   908  N N   . GLY A 1 141 ? -7.104  -1.829  3.654   1.00 89.31  ? 405 GLY A N   1 
ATOM   909  C CA  . GLY A 1 141 ? -6.922  -3.247  3.454   1.00 95.16  ? 405 GLY A CA  1 
ATOM   910  C C   . GLY A 1 141 ? -8.086  -4.166  3.660   1.00 85.93  ? 405 GLY A C   1 
ATOM   911  O O   . GLY A 1 141 ? -9.224  -3.766  3.534   1.00 98.58  ? 405 GLY A O   1 
ATOM   912  N N   . LEU A 1 142 ? -7.750  -5.418  3.947   1.00 93.26  ? 406 LEU A N   1 
ATOM   913  C CA  . LEU A 1 142 ? -8.679  -6.513  4.176   1.00 88.92  ? 406 LEU A CA  1 
ATOM   914  C C   . LEU A 1 142 ? -8.161  -7.421  5.308   1.00 96.69  ? 406 LEU A C   1 
ATOM   915  O O   . LEU A 1 142 ? -6.948  -7.665  5.407   1.00 97.15  ? 406 LEU A O   1 
ATOM   916  C CB  . LEU A 1 142 ? -8.805  -7.313  2.889   1.00 82.97  ? 406 LEU A CB  1 
ATOM   917  C CG  . LEU A 1 142 ? -9.690  -8.553  2.905   1.00 83.47  ? 406 LEU A CG  1 
ATOM   918  C CD1 . LEU A 1 142 ? -11.120 -8.145  3.172   1.00 103.81 ? 406 LEU A CD1 1 
ATOM   919  C CD2 . LEU A 1 142 ? -9.635  -9.289  1.594   1.00 77.73  ? 406 LEU A CD2 1 
ATOM   920  N N   . THR A 1 143 ? -9.085  -7.910  6.145   1.00 101.76 ? 407 THR A N   1 
ATOM   921  C CA  . THR A 1 143 ? -8.780  -8.808  7.291   1.00 100.09 ? 407 THR A CA  1 
ATOM   922  C C   . THR A 1 143 ? -9.829  -9.872  7.462   1.00 102.58 ? 407 THR A C   1 
ATOM   923  O O   . THR A 1 143 ? -10.952 -9.702  7.012   1.00 95.92  ? 407 THR A O   1 
ATOM   924  C CB  . THR A 1 143 ? -8.717  -8.044  8.618   1.00 89.29  ? 407 THR A CB  1 
ATOM   925  O OG1 . THR A 1 143 ? -9.166  -6.696  8.386   1.00 93.89  ? 407 THR A OG1 1 
ATOM   926  C CG2 . THR A 1 143 ? -7.267  -8.058  9.186   1.00 93.84  ? 407 THR A CG2 1 
ATOM   927  N N   . ASP A 1 144 ? -9.452  -10.968 8.122   1.00 118.92 ? 408 ASP A N   1 
ATOM   928  C CA  . ASP A 1 144 ? -10.329 -12.140 8.285   1.00 121.13 ? 408 ASP A CA  1 
ATOM   929  C C   . ASP A 1 144 ? -11.216 -12.392 7.032   1.00 107.73 ? 408 ASP A C   1 
ATOM   930  O O   . ASP A 1 144 ? -12.395 -12.663 7.168   1.00 125.80 ? 408 ASP A O   1 
ATOM   931  C CB  . ASP A 1 144 ? -11.209 -12.003 9.564   1.00 121.80 ? 408 ASP A CB  1 
ATOM   932  C CG  . ASP A 1 144 ? -10.421 -12.129 10.893  1.00 139.89 ? 408 ASP A CG  1 
ATOM   933  O OD1 . ASP A 1 144 ? -9.208  -12.430 10.893  1.00 157.47 ? 408 ASP A OD1 1 
ATOM   934  O OD2 . ASP A 1 144 ? -11.042 -11.928 11.966  1.00 137.92 ? 408 ASP A OD2 1 
ATOM   935  N N   . GLY A 1 145 ? -10.661 -12.263 5.827   1.00 103.30 ? 409 GLY A N   1 
ATOM   936  C CA  . GLY A 1 145 ? -11.351 -12.666 4.573   1.00 113.56 ? 409 GLY A CA  1 
ATOM   937  C C   . GLY A 1 145 ? -12.248 -11.710 3.765   1.00 117.67 ? 409 GLY A C   1 
ATOM   938  O O   . GLY A 1 145 ? -12.088 -11.576 2.527   1.00 111.27 ? 409 GLY A O   1 
ATOM   939  N N   . ASN A 1 146 ? -13.212 -11.083 4.444   1.00 109.47 ? 410 ASN A N   1 
ATOM   940  C CA  . ASN A 1 146 ? -14.281 -10.322 3.779   1.00 108.59 ? 410 ASN A CA  1 
ATOM   941  C C   . ASN A 1 146 ? -14.545 -8.931  4.393   1.00 108.62 ? 410 ASN A C   1 
ATOM   942  O O   . ASN A 1 146 ? -15.580 -8.278  4.095   1.00 102.70 ? 410 ASN A O   1 
ATOM   943  C CB  . ASN A 1 146 ? -15.568 -11.166 3.781   1.00 111.31 ? 410 ASN A CB  1 
ATOM   944  C CG  . ASN A 1 146 ? -16.115 -11.416 5.193   1.00 115.29 ? 410 ASN A CG  1 
ATOM   945  O OD1 . ASN A 1 146 ? -15.520 -11.012 6.187   1.00 96.03  ? 410 ASN A OD1 1 
ATOM   946  N ND2 . ASN A 1 146 ? -17.258 -12.081 5.277   1.00 123.20 ? 410 ASN A ND2 1 
ATOM   947  N N   . LYS A 1 147 ? -13.608 -8.475  5.226   1.00 90.88  ? 411 LYS A N   1 
ATOM   948  C CA  . LYS A 1 147 ? -13.822 -7.276  6.014   1.00 106.51 ? 411 LYS A CA  1 
ATOM   949  C C   . LYS A 1 147 ? -12.893 -6.147  5.625   1.00 94.89  ? 411 LYS A C   1 
ATOM   950  O O   . LYS A 1 147 ? -11.826 -5.953  6.219   1.00 85.04  ? 411 LYS A O   1 
ATOM   951  C CB  . LYS A 1 147 ? -13.685 -7.588  7.494   1.00 115.91 ? 411 LYS A CB  1 
ATOM   952  C CG  . LYS A 1 147 ? -14.768 -8.518  7.998   1.00 122.91 ? 411 LYS A CG  1 
ATOM   953  C CD  . LYS A 1 147 ? -14.657 -8.747  9.502   1.00 129.38 ? 411 LYS A CD  1 
ATOM   954  C CE  . LYS A 1 147 ? -15.216 -10.101 9.922   1.00 133.32 ? 411 LYS A CE  1 
ATOM   955  N NZ  . LYS A 1 147 ? -14.317 -11.238 9.562   1.00 125.24 ? 411 LYS A NZ  1 
ATOM   956  N N   . TYR A 1 148 ? -13.367 -5.381  4.652   1.00 98.02  ? 412 TYR A N   1 
ATOM   957  C CA  . TYR A 1 148 ? -12.713 -4.176  4.161   1.00 85.15  ? 412 TYR A CA  1 
ATOM   958  C C   . TYR A 1 148 ? -12.857 -2.995  5.108   1.00 85.88  ? 412 TYR A C   1 
ATOM   959  O O   . TYR A 1 148 ? -13.886 -2.801  5.748   1.00 122.73 ? 412 TYR A O   1 
ATOM   960  C CB  . TYR A 1 148 ? -13.304 -3.856  2.815   1.00 85.95  ? 412 TYR A CB  1 
ATOM   961  C CG  . TYR A 1 148 ? -13.002 -4.948  1.793   1.00 95.72  ? 412 TYR A CG  1 
ATOM   962  C CD1 . TYR A 1 148 ? -11.742 -5.015  1.160   1.00 95.78  ? 412 TYR A CD1 1 
ATOM   963  C CD2 . TYR A 1 148 ? -13.950 -5.920  1.464   1.00 86.27  ? 412 TYR A CD2 1 
ATOM   964  C CE1 . TYR A 1 148 ? -11.454 -5.998  0.214   1.00 94.37  ? 412 TYR A CE1 1 
ATOM   965  C CE2 . TYR A 1 148 ? -13.668 -6.910  0.507   1.00 98.82  ? 412 TYR A CE2 1 
ATOM   966  C CZ  . TYR A 1 148 ? -12.418 -6.945  -0.114  1.00 99.26  ? 412 TYR A CZ  1 
ATOM   967  O OH  . TYR A 1 148 ? -12.121 -7.903  -1.061  1.00 100.64 ? 412 TYR A OH  1 
ATOM   968  N N   . ARG A 1 149 ? -11.812 -2.205  5.207   1.00 85.96  ? 413 ARG A N   1 
ATOM   969  C CA  . ARG A 1 149 ? -11.738 -1.153  6.218   1.00 97.91  ? 413 ARG A CA  1 
ATOM   970  C C   . ARG A 1 149 ? -10.678 -0.130  5.730   1.00 99.96  ? 413 ARG A C   1 
ATOM   971  O O   . ARG A 1 149 ? -9.759  -0.488  5.007   1.00 101.49 ? 413 ARG A O   1 
ATOM   972  C CB  . ARG A 1 149 ? -11.389 -1.782  7.600   1.00 106.90 ? 413 ARG A CB  1 
ATOM   973  C CG  . ARG A 1 149 ? -10.035 -2.553  7.605   1.00 129.96 ? 413 ARG A CG  1 
ATOM   974  C CD  . ARG A 1 149 ? -9.726  -3.546  8.744   1.00 117.65 ? 413 ARG A CD  1 
ATOM   975  N NE  . ARG A 1 149 ? -9.070  -2.947  9.931   1.00 126.00 ? 413 ARG A NE  1 
ATOM   976  C CZ  . ARG A 1 149 ? -7.971  -3.395  10.575  1.00 142.84 ? 413 ARG A CZ  1 
ATOM   977  N NH1 . ARG A 1 149 ? -7.519  -2.731  11.655  1.00 137.62 ? 413 ARG A NH1 1 
ATOM   978  N NH2 . ARG A 1 149 ? -7.308  -4.494  10.182  1.00 148.27 ? 413 ARG A NH2 1 
ATOM   979  N N   . ALA A 1 150 ? -10.837 1.140   6.062   1.00 102.34 ? 414 ALA A N   1 
ATOM   980  C CA  . ALA A 1 150 ? -9.812  2.135   5.797   1.00 95.00  ? 414 ALA A CA  1 
ATOM   981  C C   . ALA A 1 150 ? -9.194  2.457   7.164   1.00 100.48 ? 414 ALA A C   1 
ATOM   982  O O   . ALA A 1 150 ? -9.888  2.431   8.167   1.00 104.98 ? 414 ALA A O   1 
ATOM   983  C CB  . ALA A 1 150 ? -10.430 3.360   5.132   1.00 77.58  ? 414 ALA A CB  1 
ATOM   984  N N   . LEU A 1 151 ? -7.895  2.745   7.203   1.00 107.94 ? 415 LEU A N   1 
ATOM   985  C CA  . LEU A 1 151 ? -7.154  2.926   8.462   1.00 104.16 ? 415 LEU A CA  1 
ATOM   986  C C   . LEU A 1 151 ? -7.026  4.380   8.852   1.00 104.03 ? 415 LEU A C   1 
ATOM   987  O O   . LEU A 1 151 ? -5.918  4.906   9.008   1.00 93.34  ? 415 LEU A O   1 
ATOM   988  C CB  . LEU A 1 151 ? -5.770  2.279   8.387   1.00 105.71 ? 415 LEU A CB  1 
ATOM   989  C CG  . LEU A 1 151 ? -5.721  0.775   8.066   1.00 109.68 ? 415 LEU A CG  1 
ATOM   990  C CD1 . LEU A 1 151 ? -4.446  0.203   8.646   1.00 114.74 ? 415 LEU A CD1 1 
ATOM   991  C CD2 . LEU A 1 151 ? -6.898  -0.045  8.573   1.00 101.20 ? 415 LEU A CD2 1 
ATOM   992  N N   . THR A 1 152 ? -8.198  4.992   9.014   1.00 112.51 ? 416 THR A N   1 
ATOM   993  C CA  . THR A 1 152 ? -8.403  6.321   9.613   1.00 109.10 ? 416 THR A CA  1 
ATOM   994  C C   . THR A 1 152 ? -8.553  6.145   11.108  1.00 111.73 ? 416 THR A C   1 
ATOM   995  O O   . THR A 1 152 ? -8.574  5.005   11.596  1.00 99.09  ? 416 THR A O   1 
ATOM   996  C CB  . THR A 1 152 ? -9.756  6.885   9.166   1.00 99.37  ? 416 THR A CB  1 
ATOM   997  O OG1 . THR A 1 152 ? -10.729 5.837   9.273   1.00 99.49  ? 416 THR A OG1 1 
ATOM   998  C CG2 . THR A 1 152 ? -9.714  7.359   7.756   1.00 97.96  ? 416 THR A CG2 1 
ATOM   999  N N   . GLU A 1 153 ? -8.722  7.255   11.832  1.00 116.88 ? 417 GLU A N   1 
ATOM   1000 C CA  . GLU A 1 153 ? -9.055  7.195   13.265  1.00 114.26 ? 417 GLU A CA  1 
ATOM   1001 C C   . GLU A 1 153 ? -10.442 7.765   13.542  1.00 103.01 ? 417 GLU A C   1 
ATOM   1002 O O   . GLU A 1 153 ? -10.623 8.962   13.361  1.00 115.50 ? 417 GLU A O   1 
ATOM   1003 C CB  . GLU A 1 153 ? -8.005  7.965   14.091  1.00 110.22 ? 417 GLU A CB  1 
ATOM   1004 C CG  . GLU A 1 153 ? -7.980  7.594   15.567  1.00 104.32 ? 417 GLU A CG  1 
ATOM   1005 C CD  . GLU A 1 153 ? -8.303  6.115   15.800  1.00 121.90 ? 417 GLU A CD  1 
ATOM   1006 O OE1 . GLU A 1 153 ? -7.436  5.245   15.566  1.00 144.73 ? 417 GLU A OE1 1 
ATOM   1007 O OE2 . GLU A 1 153 ? -9.446  5.798   16.186  1.00 124.84 ? 417 GLU A OE2 1 
ATOM   1008 N N   . PRO A 1 154 ? -11.440 6.964   13.928  1.00 106.83 ? 418 PRO A N   1 
ATOM   1009 C CA  . PRO A 1 154 ? -11.421 5.520   13.981  1.00 108.61 ? 418 PRO A CA  1 
ATOM   1010 C C   . PRO A 1 154 ? -11.421 4.916   12.599  1.00 112.13 ? 418 PRO A C   1 
ATOM   1011 O O   . PRO A 1 154 ? -11.405 5.632   11.603  1.00 103.13 ? 418 PRO A O   1 
ATOM   1012 C CB  . PRO A 1 154 ? -12.771 5.218   14.642  1.00 113.85 ? 418 PRO A CB  1 
ATOM   1013 C CG  . PRO A 1 154 ? -13.687 6.242   14.063  1.00 113.22 ? 418 PRO A CG  1 
ATOM   1014 C CD  . PRO A 1 154 ? -12.824 7.445   13.716  1.00 121.22 ? 418 PRO A CD  1 
ATOM   1015 N N   . ARG A 1 155 ? -11.506 3.596   12.530  1.00 112.20 ? 419 ARG A N   1 
ATOM   1016 C CA  . ARG A 1 155 ? -11.436 2.930   11.238  1.00 111.64 ? 419 ARG A CA  1 
ATOM   1017 C C   . ARG A 1 155 ? -12.735 3.238   10.535  1.00 101.86 ? 419 ARG A C   1 
ATOM   1018 O O   . ARG A 1 155 ? -13.634 3.809   11.154  1.00 112.30 ? 419 ARG A O   1 
ATOM   1019 C CB  . ARG A 1 155 ? -11.121 1.426   11.395  1.00 100.58 ? 419 ARG A CB  1 
ATOM   1020 C CG  . ARG A 1 155 ? -9.622  1.158   11.575  1.00 96.57  ? 419 ARG A CG  1 
ATOM   1021 C CD  . ARG A 1 155 ? -8.974  2.118   12.593  1.00 107.64 ? 419 ARG A CD  1 
ATOM   1022 N NE  . ARG A 1 155 ? -7.635  2.575   12.268  1.00 98.27  ? 419 ARG A NE  1 
ATOM   1023 C CZ  . ARG A 1 155 ? -6.554  1.830   12.394  1.00 115.04 ? 419 ARG A CZ  1 
ATOM   1024 N NH1 . ARG A 1 155 ? -5.378  2.361   12.077  1.00 112.73 ? 419 ARG A NH1 1 
ATOM   1025 N NH2 . ARG A 1 155 ? -6.645  0.555   12.819  1.00 126.60 ? 419 ARG A NH2 1 
ATOM   1026 N N   . THR A 1 156 ? -12.809 2.981   9.239   1.00 83.18  ? 420 THR A N   1 
ATOM   1027 C CA  . THR A 1 156 ? -14.076 3.137   8.589   1.00 91.06  ? 420 THR A CA  1 
ATOM   1028 C C   . THR A 1 156 ? -14.275 1.909   7.773   1.00 83.34  ? 420 THR A C   1 
ATOM   1029 O O   . THR A 1 156 ? -13.565 1.706   6.825   1.00 98.97  ? 420 THR A O   1 
ATOM   1030 C CB  . THR A 1 156 ? -14.252 4.443   7.737   1.00 83.95  ? 420 THR A CB  1 
ATOM   1031 O OG1 . THR A 1 156 ? -14.495 4.102   6.367   1.00 76.84  ? 420 THR A OG1 1 
ATOM   1032 C CG2 . THR A 1 156 ? -13.117 5.456   7.867   1.00 67.86  ? 420 THR A CG2 1 
ATOM   1033 N N   . ASN A 1 157 ? -15.250 1.099   8.137   1.00 88.92  ? 421 ASN A N   1 
ATOM   1034 C CA  . ASN A 1 157 ? -15.529 -0.121  7.381   1.00 98.92  ? 421 ASN A CA  1 
ATOM   1035 C C   . ASN A 1 157 ? -16.024 0.274   6.034   1.00 101.72 ? 421 ASN A C   1 
ATOM   1036 O O   . ASN A 1 157 ? -16.377 1.433   5.832   1.00 105.44 ? 421 ASN A O   1 
ATOM   1037 C CB  . ASN A 1 157 ? -16.580 -0.973  8.048   1.00 106.00 ? 421 ASN A CB  1 
ATOM   1038 C CG  . ASN A 1 157 ? -16.274 -1.201  9.495   1.00 109.59 ? 421 ASN A CG  1 
ATOM   1039 O OD1 . ASN A 1 157 ? -15.368 -1.943  9.804   1.00 107.90 ? 421 ASN A OD1 1 
ATOM   1040 N ND2 . ASN A 1 157 ? -17.000 -0.531  10.388  1.00 118.23 ? 421 ASN A ND2 1 
ATOM   1041 N N   . LEU A 1 158 ? -16.035 -0.687  5.117   1.00 97.29  ? 422 LEU A N   1 
ATOM   1042 C CA  . LEU A 1 158 ? -16.237 -0.412  3.696   1.00 88.09  ? 422 LEU A CA  1 
ATOM   1043 C C   . LEU A 1 158 ? -16.964 -1.594  3.106   1.00 99.04  ? 422 LEU A C   1 
ATOM   1044 O O   . LEU A 1 158 ? -16.617 -2.761  3.395   1.00 116.20 ? 422 LEU A O   1 
ATOM   1045 C CB  . LEU A 1 158 ? -14.901 -0.192  2.953   1.00 91.96  ? 422 LEU A CB  1 
ATOM   1046 C CG  . LEU A 1 158 ? -13.829 0.798   3.495   1.00 98.60  ? 422 LEU A CG  1 
ATOM   1047 C CD1 . LEU A 1 158 ? -12.430 0.481   2.988   1.00 106.21 ? 422 LEU A CD1 1 
ATOM   1048 C CD2 . LEU A 1 158 ? -14.118 2.253   3.170   1.00 90.94  ? 422 LEU A CD2 1 
ATOM   1049 N N   . LYS A 1 159 ? -17.973 -1.286  2.290   1.00 98.41  ? 423 LYS A N   1 
ATOM   1050 C CA  . LYS A 1 159 ? -18.914 -2.269  1.774   1.00 110.36 ? 423 LYS A CA  1 
ATOM   1051 C C   . LYS A 1 159 ? -18.819 -2.266  0.259   1.00 114.46 ? 423 LYS A C   1 
ATOM   1052 O O   . LYS A 1 159 ? -19.343 -1.375  -0.427  1.00 108.26 ? 423 LYS A O   1 
ATOM   1053 C CB  . LYS A 1 159 ? -20.335 -1.941  2.208   1.00 117.82 ? 423 LYS A CB  1 
ATOM   1054 C CG  . LYS A 1 159 ? -20.600 -1.989  3.716   1.00 128.29 ? 423 LYS A CG  1 
ATOM   1055 C CD  . LYS A 1 159 ? -22.099 -2.095  4.042   1.00 148.87 ? 423 LYS A CD  1 
ATOM   1056 C CE  . LYS A 1 159 ? -23.008 -1.374  3.028   1.00 145.23 ? 423 LYS A CE  1 
ATOM   1057 N NZ  . LYS A 1 159 ? -24.402 -1.153  3.483   1.00 141.49 ? 423 LYS A NZ  1 
ATOM   1058 N N   . LEU A 1 160 ? -18.148 -3.286  -0.254  1.00 117.73 ? 424 LEU A N   1 
ATOM   1059 C CA  . LEU A 1 160 ? -17.690 -3.290  -1.627  1.00 120.24 ? 424 LEU A CA  1 
ATOM   1060 C C   . LEU A 1 160 ? -18.495 -4.298  -2.420  1.00 112.56 ? 424 LEU A C   1 
ATOM   1061 O O   . LEU A 1 160 ? -18.315 -5.499  -2.222  1.00 92.87  ? 424 LEU A O   1 
ATOM   1062 C CB  . LEU A 1 160 ? -16.203 -3.630  -1.682  1.00 117.39 ? 424 LEU A CB  1 
ATOM   1063 C CG  . LEU A 1 160 ? -15.251 -2.437  -1.505  1.00 110.27 ? 424 LEU A CG  1 
ATOM   1064 C CD1 . LEU A 1 160 ? -15.375 -1.686  -0.184  1.00 102.47 ? 424 LEU A CD1 1 
ATOM   1065 C CD2 . LEU A 1 160 ? -13.846 -2.973  -1.663  1.00 111.85 ? 424 LEU A CD2 1 
ATOM   1066 N N   . PRO A 1 161 ? -19.376 -3.815  -3.325  1.00 110.90 ? 425 PRO A N   1 
ATOM   1067 C CA  . PRO A 1 161 ? -20.178 -4.727  -4.129  1.00 110.08 ? 425 PRO A CA  1 
ATOM   1068 C C   . PRO A 1 161 ? -19.407 -5.981  -4.537  1.00 109.80 ? 425 PRO A C   1 
ATOM   1069 O O   . PRO A 1 161 ? -19.784 -7.086  -4.157  1.00 123.04 ? 425 PRO A O   1 
ATOM   1070 C CB  . PRO A 1 161 ? -20.556 -3.870  -5.348  1.00 113.38 ? 425 PRO A CB  1 
ATOM   1071 C CG  . PRO A 1 161 ? -20.481 -2.444  -4.876  1.00 111.08 ? 425 PRO A CG  1 
ATOM   1072 C CD  . PRO A 1 161 ? -19.761 -2.406  -3.561  1.00 103.29 ? 425 PRO A CD  1 
ATOM   1073 N N   . GLU A 1 162 ? -18.306 -5.777  -5.248  1.00 118.48 ? 426 GLU A N   1 
ATOM   1074 C CA  . GLU A 1 162 ? -17.436 -6.833  -5.726  1.00 114.49 ? 426 GLU A CA  1 
ATOM   1075 C C   . GLU A 1 162 ? -16.189 -6.791  -4.874  1.00 120.08 ? 426 GLU A C   1 
ATOM   1076 O O   . GLU A 1 162 ? -15.727 -5.706  -4.523  1.00 124.45 ? 426 GLU A O   1 
ATOM   1077 C CB  . GLU A 1 162 ? -17.030 -6.563  -7.181  1.00 126.94 ? 426 GLU A CB  1 
ATOM   1078 C CG  . GLU A 1 162 ? -18.191 -6.418  -8.158  1.00 136.63 ? 426 GLU A CG  1 
ATOM   1079 C CD  . GLU A 1 162 ? -19.123 -7.616  -8.128  1.00 134.87 ? 426 GLU A CD  1 
ATOM   1080 O OE1 . GLU A 1 162 ? -18.635 -8.744  -7.865  1.00 124.08 ? 426 GLU A OE1 1 
ATOM   1081 O OE2 . GLU A 1 162 ? -20.339 -7.422  -8.348  1.00 130.75 ? 426 GLU A OE2 1 
ATOM   1082 N N   . PRO A 1 163 ? -15.624 -7.963  -4.539  1.00 120.05 ? 427 PRO A N   1 
ATOM   1083 C CA  . PRO A 1 163 ? -14.306 -7.954  -3.905  1.00 123.42 ? 427 PRO A CA  1 
ATOM   1084 C C   . PRO A 1 163 ? -13.209 -7.635  -4.951  1.00 116.79 ? 427 PRO A C   1 
ATOM   1085 O O   . PRO A 1 163 ? -13.178 -8.278  -5.999  1.00 121.50 ? 427 PRO A O   1 
ATOM   1086 C CB  . PRO A 1 163 ? -14.168 -9.387  -3.395  1.00 118.72 ? 427 PRO A CB  1 
ATOM   1087 C CG  . PRO A 1 163 ? -14.949 -10.199 -4.380  1.00 112.56 ? 427 PRO A CG  1 
ATOM   1088 C CD  . PRO A 1 163 ? -16.100 -9.336  -4.800  1.00 115.06 ? 427 PRO A CD  1 
ATOM   1089 N N   . PRO A 1 164 ? -12.334 -6.643  -4.687  1.00 99.64  ? 428 PRO A N   1 
ATOM   1090 C CA  . PRO A 1 164 ? -11.245 -6.370  -5.634  1.00 94.64  ? 428 PRO A CA  1 
ATOM   1091 C C   . PRO A 1 164 ? -10.133 -7.423  -5.625  1.00 92.19  ? 428 PRO A C   1 
ATOM   1092 O O   . PRO A 1 164 ? -9.723  -7.901  -4.536  1.00 74.19  ? 428 PRO A O   1 
ATOM   1093 C CB  . PRO A 1 164 ? -10.694 -5.002  -5.202  1.00 92.03  ? 428 PRO A CB  1 
ATOM   1094 C CG  . PRO A 1 164 ? -11.193 -4.783  -3.824  1.00 95.87  ? 428 PRO A CG  1 
ATOM   1095 C CD  . PRO A 1 164 ? -12.421 -5.629  -3.625  1.00 101.91 ? 428 PRO A CD  1 
ATOM   1096 N N   . ARG A 1 165 ? -9.715  -7.776  -6.854  1.00 92.83  ? 429 ARG A N   1 
ATOM   1097 C CA  . ARG A 1 165 ? -8.568  -8.616  -7.136  1.00 97.03  ? 429 ARG A CA  1 
ATOM   1098 C C   . ARG A 1 165 ? -7.376  -7.765  -7.529  1.00 97.97  ? 429 ARG A C   1 
ATOM   1099 O O   . ARG A 1 165 ? -6.249  -8.272  -7.519  1.00 97.49  ? 429 ARG A O   1 
ATOM   1100 C CB  . ARG A 1 165 ? -8.918  -9.711  -8.185  1.00 95.03  ? 429 ARG A CB  1 
ATOM   1101 C CG  . ARG A 1 165 ? -10.019 -10.726 -7.738  1.00 108.09 ? 429 ARG A CG  1 
ATOM   1102 C CD  . ARG A 1 165 ? -9.768  -11.313 -6.331  1.00 125.33 ? 429 ARG A CD  1 
ATOM   1103 N NE  . ARG A 1 165 ? -10.869 -11.985 -5.597  1.00 127.15 ? 429 ARG A NE  1 
ATOM   1104 C CZ  . ARG A 1 165 ? -10.987 -12.048 -4.248  1.00 129.56 ? 429 ARG A CZ  1 
ATOM   1105 N NH1 . ARG A 1 165 ? -10.121 -11.438 -3.429  1.00 149.20 ? 429 ARG A NH1 1 
ATOM   1106 N NH2 . ARG A 1 165 ? -11.994 -12.713 -3.678  1.00 111.61 ? 429 ARG A NH2 1 
ATOM   1107 N N   . LYS A 1 166 ? -7.601  -6.469  -7.774  1.00 92.36  ? 430 LYS A N   1 
ATOM   1108 C CA  . LYS A 1 166 ? -6.520  -5.549  -8.125  1.00 89.54  ? 430 LYS A CA  1 
ATOM   1109 C C   . LYS A 1 166 ? -6.855  -4.130  -7.706  1.00 82.77  ? 430 LYS A C   1 
ATOM   1110 O O   . LYS A 1 166 ? -7.916  -3.665  -8.021  1.00 78.43  ? 430 LYS A O   1 
ATOM   1111 C CB  . LYS A 1 166 ? -6.297  -5.582  -9.630  1.00 95.05  ? 430 LYS A CB  1 
ATOM   1112 C CG  . LYS A 1 166 ? -5.022  -4.872  -10.084 1.00 108.46 ? 430 LYS A CG  1 
ATOM   1113 C CD  . LYS A 1 166 ? -5.090  -4.318  -11.521 1.00 107.61 ? 430 LYS A CD  1 
ATOM   1114 C CE  . LYS A 1 166 ? -5.244  -5.387  -12.591 1.00 102.96 ? 430 LYS A CE  1 
ATOM   1115 N NZ  . LYS A 1 166 ? -4.128  -6.359  -12.536 1.00 111.79 ? 430 LYS A NZ  1 
ATOM   1116 N N   . VAL A 1 167 ? -5.927  -3.416  -7.073  1.00 79.42  ? 431 VAL A N   1 
ATOM   1117 C CA  . VAL A 1 167 ? -6.245  -2.126  -6.457  1.00 78.85  ? 431 VAL A CA  1 
ATOM   1118 C C   . VAL A 1 167 ? -5.340  -0.983  -6.913  1.00 78.34  ? 431 VAL A C   1 
ATOM   1119 O O   . VAL A 1 167 ? -4.131  -1.102  -6.853  1.00 88.04  ? 431 VAL A O   1 
ATOM   1120 C CB  . VAL A 1 167 ? -6.173  -2.252  -4.921  1.00 88.45  ? 431 VAL A CB  1 
ATOM   1121 C CG1 . VAL A 1 167 ? -6.406  -0.904  -4.211  1.00 80.73  ? 431 VAL A CG1 1 
ATOM   1122 C CG2 . VAL A 1 167 ? -7.154  -3.322  -4.451  1.00 91.65  ? 431 VAL A CG2 1 
ATOM   1123 N N   . GLY A 1 168 ? -5.952  0.125   -7.334  1.00 80.92  ? 432 GLY A N   1 
ATOM   1124 C CA  . GLY A 1 168 ? -5.259  1.311   -7.836  1.00 77.03  ? 432 GLY A CA  1 
ATOM   1125 C C   . GLY A 1 168 ? -5.151  2.385   -6.779  1.00 76.54  ? 432 GLY A C   1 
ATOM   1126 O O   . GLY A 1 168 ? -6.146  2.839   -6.230  1.00 90.78  ? 432 GLY A O   1 
ATOM   1127 N N   . ILE A 1 169 ? -3.940  2.802   -6.485  1.00 78.17  ? 433 ILE A N   1 
ATOM   1128 C CA  . ILE A 1 169 ? -3.712  3.762   -5.428  1.00 76.60  ? 433 ILE A CA  1 
ATOM   1129 C C   . ILE A 1 169 ? -3.319  5.032   -6.130  1.00 76.51  ? 433 ILE A C   1 
ATOM   1130 O O   . ILE A 1 169 ? -2.396  5.026   -6.933  1.00 79.23  ? 433 ILE A O   1 
ATOM   1131 C CB  . ILE A 1 169 ? -2.553  3.309   -4.519  1.00 78.07  ? 433 ILE A CB  1 
ATOM   1132 C CG1 . ILE A 1 169 ? -2.892  2.012   -3.796  1.00 72.69  ? 433 ILE A CG1 1 
ATOM   1133 C CG2 . ILE A 1 169 ? -2.185  4.410   -3.538  1.00 75.97  ? 433 ILE A CG2 1 
ATOM   1134 C CD1 . ILE A 1 169 ? -1.668  1.289   -3.302  1.00 83.40  ? 433 ILE A CD1 1 
ATOM   1135 N N   . PHE A 1 170 ? -3.980  6.117   -5.777  1.00 80.05  ? 434 PHE A N   1 
ATOM   1136 C CA  . PHE A 1 170 ? -3.874  7.379   -6.475  1.00 81.72  ? 434 PHE A CA  1 
ATOM   1137 C C   . PHE A 1 170 ? -3.466  8.484   -5.512  1.00 85.57  ? 434 PHE A C   1 
ATOM   1138 O O   . PHE A 1 170 ? -3.974  8.564   -4.403  1.00 91.98  ? 434 PHE A O   1 
ATOM   1139 C CB  . PHE A 1 170 ? -5.227  7.693   -7.124  1.00 79.47  ? 434 PHE A CB  1 
ATOM   1140 C CG  . PHE A 1 170 ? -5.491  6.865   -8.343  1.00 81.21  ? 434 PHE A CG  1 
ATOM   1141 C CD1 . PHE A 1 170 ? -5.948  5.560   -8.228  1.00 82.83  ? 434 PHE A CD1 1 
ATOM   1142 C CD2 . PHE A 1 170 ? -5.219  7.362   -9.615  1.00 85.81  ? 434 PHE A CD2 1 
ATOM   1143 C CE1 . PHE A 1 170 ? -6.163  4.776   -9.367  1.00 83.51  ? 434 PHE A CE1 1 
ATOM   1144 C CE2 . PHE A 1 170 ? -5.417  6.581   -10.756 1.00 86.97  ? 434 PHE A CE2 1 
ATOM   1145 C CZ  . PHE A 1 170 ? -5.894  5.283   -10.635 1.00 77.85  ? 434 PHE A CZ  1 
ATOM   1146 N N   . LEU A 1 171 ? -2.557  9.339   -5.955  1.00 86.17  ? 435 LEU A N   1 
ATOM   1147 C CA  . LEU A 1 171 ? -2.007  10.380  -5.119  1.00 85.55  ? 435 LEU A CA  1 
ATOM   1148 C C   . LEU A 1 171 ? -1.917  11.734  -5.831  1.00 86.67  ? 435 LEU A C   1 
ATOM   1149 O O   . LEU A 1 171 ? -1.468  11.824  -6.969  1.00 82.61  ? 435 LEU A O   1 
ATOM   1150 C CB  . LEU A 1 171 ? -0.617  9.959   -4.661  1.00 84.88  ? 435 LEU A CB  1 
ATOM   1151 C CG  . LEU A 1 171 ? 0.284   11.091  -4.154  1.00 87.32  ? 435 LEU A CG  1 
ATOM   1152 C CD1 . LEU A 1 171 ? -0.297  11.802  -2.935  1.00 95.87  ? 435 LEU A CD1 1 
ATOM   1153 C CD2 . LEU A 1 171 ? 1.668   10.564  -3.827  1.00 90.25  ? 435 LEU A CD2 1 
ATOM   1154 N N   . ASP A 1 172 ? -2.329  12.781  -5.127  1.00 81.41  ? 436 ASP A N   1 
ATOM   1155 C CA  . ASP A 1 172 ? -2.123  14.142  -5.551  1.00 93.59  ? 436 ASP A CA  1 
ATOM   1156 C C   . ASP A 1 172 ? -1.513  14.802  -4.350  1.00 91.00  ? 436 ASP A C   1 
ATOM   1157 O O   . ASP A 1 172 ? -2.230  15.172  -3.418  1.00 93.89  ? 436 ASP A O   1 
ATOM   1158 C CB  . ASP A 1 172 ? -3.462  14.797  -5.908  1.00 95.71  ? 436 ASP A CB  1 
ATOM   1159 C CG  . ASP A 1 172 ? -3.335  16.240  -6.365  1.00 99.04  ? 436 ASP A CG  1 
ATOM   1160 O OD1 . ASP A 1 172 ? -2.367  16.965  -5.993  1.00 109.08 ? 436 ASP A OD1 1 
ATOM   1161 O OD2 . ASP A 1 172 ? -4.268  16.655  -7.085  1.00 93.94  ? 436 ASP A OD2 1 
ATOM   1162 N N   . TYR A 1 173 ? -0.194  14.953  -4.395  1.00 88.04  ? 437 TYR A N   1 
ATOM   1163 C CA  . TYR A 1 173 ? 0.549   15.552  -3.301  1.00 92.94  ? 437 TYR A CA  1 
ATOM   1164 C C   . TYR A 1 173 ? 0.024   16.943  -2.937  1.00 94.26  ? 437 TYR A C   1 
ATOM   1165 O O   . TYR A 1 173 ? -0.186  17.292  -1.748  1.00 86.81  ? 437 TYR A O   1 
ATOM   1166 C CB  . TYR A 1 173 ? 2.044   15.645  -3.641  1.00 84.52  ? 437 TYR A CB  1 
ATOM   1167 C CG  . TYR A 1 173 ? 2.902   15.731  -2.384  1.00 94.10  ? 437 TYR A CG  1 
ATOM   1168 C CD1 . TYR A 1 173 ? 3.094   16.951  -1.710  1.00 98.14  ? 437 TYR A CD1 1 
ATOM   1169 C CD2 . TYR A 1 173 ? 3.511   14.592  -1.845  1.00 100.16 ? 437 TYR A CD2 1 
ATOM   1170 C CE1 . TYR A 1 173 ? 3.874   17.027  -0.556  1.00 96.28  ? 437 TYR A CE1 1 
ATOM   1171 C CE2 . TYR A 1 173 ? 4.299   14.666  -0.684  1.00 107.16 ? 437 TYR A CE2 1 
ATOM   1172 C CZ  . TYR A 1 173 ? 4.465   15.882  -0.043  1.00 101.89 ? 437 TYR A CZ  1 
ATOM   1173 O OH  . TYR A 1 173 ? 5.218   15.958  1.095   1.00 110.64 ? 437 TYR A OH  1 
ATOM   1174 N N   . GLU A 1 174 ? -0.189  17.733  -3.971  1.00 91.97  ? 438 GLU A N   1 
ATOM   1175 C CA  . GLU A 1 174 ? -0.396  19.141  -3.769  1.00 101.81 ? 438 GLU A CA  1 
ATOM   1176 C C   . GLU A 1 174 ? -1.708  19.368  -3.042  1.00 106.95 ? 438 GLU A C   1 
ATOM   1177 O O   . GLU A 1 174 ? -1.709  19.972  -1.972  1.00 111.63 ? 438 GLU A O   1 
ATOM   1178 C CB  . GLU A 1 174 ? -0.337  19.879  -5.098  1.00 112.25 ? 438 GLU A CB  1 
ATOM   1179 C CG  . GLU A 1 174 ? 1.085   20.233  -5.548  1.00 106.07 ? 438 GLU A CG  1 
ATOM   1180 C CD  . GLU A 1 174 ? 1.973   19.040  -5.854  1.00 102.89 ? 438 GLU A CD  1 
ATOM   1181 O OE1 . GLU A 1 174 ? 1.607   18.130  -6.652  1.00 91.36  ? 438 GLU A OE1 1 
ATOM   1182 O OE2 . GLU A 1 174 ? 3.080   19.039  -5.302  1.00 102.64 ? 438 GLU A OE2 1 
ATOM   1183 N N   . THR A 1 175 ? -2.792  18.814  -3.578  1.00 102.76 ? 439 THR A N   1 
ATOM   1184 C CA  . THR A 1 175 ? -4.133  18.954  -2.967  1.00 103.08 ? 439 THR A CA  1 
ATOM   1185 C C   . THR A 1 175 ? -4.286  18.104  -1.691  1.00 107.75 ? 439 THR A C   1 
ATOM   1186 O O   . THR A 1 175 ? -5.152  18.355  -0.830  1.00 104.19 ? 439 THR A O   1 
ATOM   1187 C CB  . THR A 1 175 ? -5.259  18.518  -3.916  1.00 98.78  ? 439 THR A CB  1 
ATOM   1188 O OG1 . THR A 1 175 ? -5.289  17.089  -3.984  1.00 101.54 ? 439 THR A OG1 1 
ATOM   1189 C CG2 . THR A 1 175 ? -5.101  19.127  -5.335  1.00 104.50 ? 439 THR A CG2 1 
ATOM   1190 N N   . GLY A 1 176 ? -3.471  17.061  -1.612  1.00 109.54 ? 440 GLY A N   1 
ATOM   1191 C CA  . GLY A 1 176 ? -3.319  16.304  -0.401  1.00 101.78 ? 440 GLY A CA  1 
ATOM   1192 C C   . GLY A 1 176 ? -4.308  15.174  -0.325  1.00 103.02 ? 440 GLY A C   1 
ATOM   1193 O O   . GLY A 1 176 ? -4.864  14.909  0.746   1.00 108.43 ? 440 GLY A O   1 
ATOM   1194 N N   . GLU A 1 177 ? -4.524  14.486  -1.438  1.00 99.49  ? 441 GLU A N   1 
ATOM   1195 C CA  . GLU A 1 177 ? -5.573  13.483  -1.481  1.00 112.31 ? 441 GLU A CA  1 
ATOM   1196 C C   . GLU A 1 177 ? -5.051  12.156  -1.982  1.00 106.90 ? 441 GLU A C   1 
ATOM   1197 O O   . GLU A 1 177 ? -4.267  12.091  -2.915  1.00 105.47 ? 441 GLU A O   1 
ATOM   1198 C CB  . GLU A 1 177 ? -6.743  13.974  -2.325  1.00 122.06 ? 441 GLU A CB  1 
ATOM   1199 C CG  . GLU A 1 177 ? -6.463  14.127  -3.818  1.00 129.59 ? 441 GLU A CG  1 
ATOM   1200 C CD  . GLU A 1 177 ? -7.387  15.137  -4.496  1.00 130.12 ? 441 GLU A CD  1 
ATOM   1201 O OE1 . GLU A 1 177 ? -8.466  15.367  -3.919  1.00 119.65 ? 441 GLU A OE1 1 
ATOM   1202 O OE2 . GLU A 1 177 ? -7.042  15.718  -5.572  1.00 108.96 ? 441 GLU A OE2 1 
ATOM   1203 N N   . ILE A 1 178 ? -5.497  11.099  -1.322  1.00 108.56 ? 442 ILE A N   1 
ATOM   1204 C CA  . ILE A 1 178 ? -5.127  9.740   -1.650  1.00 95.67  ? 442 ILE A CA  1 
ATOM   1205 C C   . ILE A 1 178 ? -6.386  8.945   -1.735  1.00 94.21  ? 442 ILE A C   1 
ATOM   1206 O O   . ILE A 1 178 ? -7.194  8.971   -0.809  1.00 103.46 ? 442 ILE A O   1 
ATOM   1207 C CB  . ILE A 1 178 ? -4.335  9.082   -0.525  1.00 95.77  ? 442 ILE A CB  1 
ATOM   1208 C CG1 . ILE A 1 178 ? -2.982  9.728   -0.429  1.00 108.72 ? 442 ILE A CG1 1 
ATOM   1209 C CG2 . ILE A 1 178 ? -4.146  7.583   -0.769  1.00 96.71  ? 442 ILE A CG2 1 
ATOM   1210 C CD1 . ILE A 1 178 ? -2.401  9.575   0.948   1.00 124.75 ? 442 ILE A CD1 1 
ATOM   1211 N N   . SER A 1 179 ? -6.503  8.166   -2.788  1.00 84.92  ? 443 SER A N   1 
ATOM   1212 C CA  . SER A 1 179 ? -7.708  7.421   -3.005  1.00 87.95  ? 443 SER A CA  1 
ATOM   1213 C C   . SER A 1 179 ? -7.413  6.052   -3.596  1.00 76.87  ? 443 SER A C   1 
ATOM   1214 O O   . SER A 1 179 ? -6.305  5.755   -3.960  1.00 81.02  ? 443 SER A O   1 
ATOM   1215 C CB  . SER A 1 179 ? -8.689  8.265   -3.865  1.00 86.11  ? 443 SER A CB  1 
ATOM   1216 O OG  . SER A 1 179 ? -8.096  8.753   -5.050  1.00 91.13  ? 443 SER A OG  1 
ATOM   1217 N N   . PHE A 1 180 ? -8.437  5.225   -3.663  1.00 79.05  ? 444 PHE A N   1 
ATOM   1218 C CA  . PHE A 1 180 ? -8.291  3.825   -3.938  1.00 76.19  ? 444 PHE A CA  1 
ATOM   1219 C C   . PHE A 1 180 ? -9.378  3.458   -4.865  1.00 80.34  ? 444 PHE A C   1 
ATOM   1220 O O   . PHE A 1 180 ? -10.512 3.879   -4.663  1.00 81.74  ? 444 PHE A O   1 
ATOM   1221 C CB  . PHE A 1 180 ? -8.468  3.085   -2.645  1.00 81.24  ? 444 PHE A CB  1 
ATOM   1222 C CG  . PHE A 1 180 ? -7.345  3.334   -1.688  1.00 89.61  ? 444 PHE A CG  1 
ATOM   1223 C CD1 . PHE A 1 180 ? -7.364  4.449   -0.866  1.00 93.21  ? 444 PHE A CD1 1 
ATOM   1224 C CD2 . PHE A 1 180 ? -6.231  2.494   -1.663  1.00 78.16  ? 444 PHE A CD2 1 
ATOM   1225 C CE1 . PHE A 1 180 ? -6.314  4.702   -0.017  1.00 94.32  ? 444 PHE A CE1 1 
ATOM   1226 C CE2 . PHE A 1 180 ? -5.181  2.742   -0.823  1.00 75.76  ? 444 PHE A CE2 1 
ATOM   1227 C CZ  . PHE A 1 180 ? -5.216  3.855   -0.004  1.00 86.65  ? 444 PHE A CZ  1 
ATOM   1228 N N   . TYR A 1 181 ? -9.039  2.707   -5.903  1.00 78.55  ? 445 TYR A N   1 
ATOM   1229 C CA  . TYR A 1 181 ? -10.026 2.288   -6.894  1.00 81.31  ? 445 TYR A CA  1 
ATOM   1230 C C   . TYR A 1 181 ? -9.843  0.800   -7.181  1.00 81.56  ? 445 TYR A C   1 
ATOM   1231 O O   . TYR A 1 181 ? -8.728  0.321   -7.273  1.00 86.99  ? 445 TYR A O   1 
ATOM   1232 C CB  . TYR A 1 181 ? -9.907  3.109   -8.205  1.00 83.28  ? 445 TYR A CB  1 
ATOM   1233 C CG  . TYR A 1 181 ? -10.282 4.597   -8.093  1.00 81.72  ? 445 TYR A CG  1 
ATOM   1234 C CD1 . TYR A 1 181 ? -11.504 5.098   -8.581  1.00 76.84  ? 445 TYR A CD1 1 
ATOM   1235 C CD2 . TYR A 1 181 ? -9.402  5.501   -7.513  1.00 83.22  ? 445 TYR A CD2 1 
ATOM   1236 C CE1 . TYR A 1 181 ? -11.831 6.448   -8.443  1.00 77.96  ? 445 TYR A CE1 1 
ATOM   1237 C CE2 . TYR A 1 181 ? -9.715  6.845   -7.389  1.00 85.18  ? 445 TYR A CE2 1 
ATOM   1238 C CZ  . TYR A 1 181 ? -10.917 7.319   -7.854  1.00 83.31  ? 445 TYR A CZ  1 
ATOM   1239 O OH  . TYR A 1 181 ? -11.144 8.676   -7.704  1.00 91.48  ? 445 TYR A OH  1 
ATOM   1240 N N   . ASN A 1 182 ? -10.947 0.072   -7.309  1.00 86.63  ? 446 ASN A N   1 
ATOM   1241 C CA  . ASN A 1 182 ? -10.924 -1.257  -7.873  1.00 83.48  ? 446 ASN A CA  1 
ATOM   1242 C C   . ASN A 1 182 ? -10.408 -1.017  -9.269  1.00 88.07  ? 446 ASN A C   1 
ATOM   1243 O O   . ASN A 1 182 ? -10.906 -0.135  -9.977  1.00 96.68  ? 446 ASN A O   1 
ATOM   1244 C CB  . ASN A 1 182 ? -12.327 -1.858  -7.889  1.00 92.08  ? 446 ASN A CB  1 
ATOM   1245 C CG  . ASN A 1 182 ? -12.338 -3.323  -8.262  1.00 89.28  ? 446 ASN A CG  1 
ATOM   1246 O OD1 . ASN A 1 182 ? -12.843 -4.154  -7.509  1.00 91.59  ? 446 ASN A OD1 1 
ATOM   1247 N ND2 . ASN A 1 182 ? -11.811 -3.644  -9.429  1.00 83.34  ? 446 ASN A ND2 1 
ATOM   1248 N N   . ALA A 1 183 ? -9.380  -1.750  -9.649  1.00 87.40  ? 447 ALA A N   1 
ATOM   1249 C CA  . ALA A 1 183 ? -8.639  -1.416  -10.850 1.00 94.90  ? 447 ALA A CA  1 
ATOM   1250 C C   . ALA A 1 183 ? -8.972  -2.304  -12.053 1.00 97.28  ? 447 ALA A C   1 
ATOM   1251 O O   . ALA A 1 183 ? -8.408  -2.112  -13.128 1.00 96.32  ? 447 ALA A O   1 
ATOM   1252 C CB  . ALA A 1 183 ? -7.159  -1.442  -10.523 1.00 95.98  ? 447 ALA A CB  1 
ATOM   1253 N N   . THR A 1 184 ? -9.828  -3.307  -11.830 1.00 101.72 ? 448 THR A N   1 
ATOM   1254 C CA  . THR A 1 184 ? -10.442 -4.149  -12.866 1.00 104.37 ? 448 THR A CA  1 
ATOM   1255 C C   . THR A 1 184 ? -11.768 -3.557  -13.405 1.00 104.13 ? 448 THR A C   1 
ATOM   1256 O O   . THR A 1 184 ? -11.831 -3.196  -14.593 1.00 112.03 ? 448 THR A O   1 
ATOM   1257 C CB  . THR A 1 184 ? -10.598 -5.598  -12.355 1.00 111.43 ? 448 THR A CB  1 
ATOM   1258 O OG1 . THR A 1 184 ? -10.635 -5.600  -10.907 1.00 100.43 ? 448 THR A OG1 1 
ATOM   1259 C CG2 . THR A 1 184 ? -9.397  -6.460  -12.845 1.00 115.05 ? 448 THR A CG2 1 
ATOM   1260 N N   . ASP A 1 185 ? -12.824 -3.476  -12.581 1.00 94.17  ? 449 ASP A N   1 
ATOM   1261 C CA  . ASP A 1 185 ? -13.943 -2.521  -12.840 1.00 91.28  ? 449 ASP A CA  1 
ATOM   1262 C C   . ASP A 1 185 ? -13.427 -1.297  -12.183 1.00 99.35  ? 449 ASP A C   1 
ATOM   1263 O O   . ASP A 1 185 ? -12.745 -1.425  -11.176 1.00 134.46 ? 449 ASP A O   1 
ATOM   1264 C CB  . ASP A 1 185 ? -15.316 -2.979  -12.287 1.00 90.33  ? 449 ASP A CB  1 
ATOM   1265 C CG  . ASP A 1 185 ? -15.591 -2.581  -10.814 1.00 94.13  ? 449 ASP A CG  1 
ATOM   1266 O OD1 . ASP A 1 185 ? -15.929 -3.446  -9.981  1.00 94.35  ? 449 ASP A OD1 1 
ATOM   1267 O OD2 . ASP A 1 185 ? -15.556 -1.392  -10.492 1.00 99.40  ? 449 ASP A OD2 1 
ATOM   1268 N N   . GLY A 1 186 ? -13.707 -0.121  -12.722 1.00 83.39  ? 450 GLY A N   1 
ATOM   1269 C CA  . GLY A 1 186 ? -13.038 1.096   -12.230 1.00 74.53  ? 450 GLY A CA  1 
ATOM   1270 C C   . GLY A 1 186 ? -13.653 1.727   -10.973 1.00 83.48  ? 450 GLY A C   1 
ATOM   1271 O O   . GLY A 1 186 ? -13.399 2.904   -10.688 1.00 80.59  ? 450 GLY A O   1 
ATOM   1272 N N   . SER A 1 187 ? -14.437 0.968   -10.196 1.00 86.86  ? 451 SER A N   1 
ATOM   1273 C CA  . SER A 1 187 ? -15.228 1.539   -9.088  1.00 90.36  ? 451 SER A CA  1 
ATOM   1274 C C   . SER A 1 187 ? -14.350 2.250   -8.069  1.00 91.32  ? 451 SER A C   1 
ATOM   1275 O O   . SER A 1 187 ? -13.218 1.826   -7.819  1.00 92.41  ? 451 SER A O   1 
ATOM   1276 C CB  . SER A 1 187 ? -16.092 0.477   -8.373  1.00 86.91  ? 451 SER A CB  1 
ATOM   1277 O OG  . SER A 1 187 ? -15.323 -0.548  -7.783  1.00 95.70  ? 451 SER A OG  1 
ATOM   1278 N N   . HIS A 1 188 ? -14.869 3.336   -7.500  1.00 81.86  ? 452 HIS A N   1 
ATOM   1279 C CA  . HIS A 1 188 ? -14.169 4.042   -6.426  1.00 84.13  ? 452 HIS A CA  1 
ATOM   1280 C C   . HIS A 1 188 ? -14.280 3.239   -5.151  1.00 84.72  ? 452 HIS A C   1 
ATOM   1281 O O   . HIS A 1 188 ? -15.232 2.493   -4.982  1.00 93.54  ? 452 HIS A O   1 
ATOM   1282 C CB  . HIS A 1 188 ? -14.741 5.432   -6.236  1.00 79.00  ? 452 HIS A CB  1 
ATOM   1283 C CG  . HIS A 1 188 ? -14.175 6.175   -5.068  1.00 85.97  ? 452 HIS A CG  1 
ATOM   1284 N ND1 . HIS A 1 188 ? -14.744 6.127   -3.818  1.00 90.96  ? 452 HIS A ND1 1 
ATOM   1285 C CD2 . HIS A 1 188 ? -13.111 7.005   -4.964  1.00 87.15  ? 452 HIS A CD2 1 
ATOM   1286 C CE1 . HIS A 1 188 ? -14.054 6.896   -2.994  1.00 93.35  ? 452 HIS A CE1 1 
ATOM   1287 N NE2 . HIS A 1 188 ? -13.061 7.446   -3.666  1.00 81.92  ? 452 HIS A NE2 1 
ATOM   1288 N N   . ILE A 1 189 ? -13.283 3.361   -4.279  1.00 93.83  ? 453 ILE A N   1 
ATOM   1289 C CA  . ILE A 1 189 ? -13.260 2.622   -3.009  1.00 97.78  ? 453 ILE A CA  1 
ATOM   1290 C C   . ILE A 1 189 ? -13.205 3.541   -1.792  1.00 98.87  ? 453 ILE A C   1 
ATOM   1291 O O   . ILE A 1 189 ? -14.035 3.396   -0.897  1.00 113.06 ? 453 ILE A O   1 
ATOM   1292 C CB  . ILE A 1 189 ? -12.119 1.567   -2.952  1.00 101.22 ? 453 ILE A CB  1 
ATOM   1293 C CG1 . ILE A 1 189 ? -12.279 0.584   -4.121  1.00 100.50 ? 453 ILE A CG1 1 
ATOM   1294 C CG2 . ILE A 1 189 ? -12.125 0.830   -1.608  1.00 103.91 ? 453 ILE A CG2 1 
ATOM   1295 C CD1 . ILE A 1 189 ? -11.408 -0.648  -4.084  1.00 93.82  ? 453 ILE A CD1 1 
ATOM   1296 N N   . TYR A 1 190 ? -12.222 4.437   -1.716  1.00 92.07  ? 454 TYR A N   1 
ATOM   1297 C CA  . TYR A 1 190 ? -12.104 5.331   -0.545  1.00 91.55  ? 454 TYR A CA  1 
ATOM   1298 C C   . TYR A 1 190 ? -11.213 6.467   -0.901  1.00 77.91  ? 454 TYR A C   1 
ATOM   1299 O O   . TYR A 1 190 ? -10.351 6.290   -1.736  1.00 87.73  ? 454 TYR A O   1 
ATOM   1300 C CB  . TYR A 1 190 ? -11.540 4.616   0.712   1.00 94.91  ? 454 TYR A CB  1 
ATOM   1301 C CG  . TYR A 1 190 ? -11.493 5.511   1.923   1.00 89.43  ? 454 TYR A CG  1 
ATOM   1302 C CD1 . TYR A 1 190 ? -12.634 5.733   2.680   1.00 92.33  ? 454 TYR A CD1 1 
ATOM   1303 C CD2 . TYR A 1 190 ? -10.327 6.172   2.289   1.00 98.43  ? 454 TYR A CD2 1 
ATOM   1304 C CE1 . TYR A 1 190 ? -12.621 6.574   3.788   1.00 94.33  ? 454 TYR A CE1 1 
ATOM   1305 C CE2 . TYR A 1 190 ? -10.311 7.017   3.395   1.00 108.48 ? 454 TYR A CE2 1 
ATOM   1306 C CZ  . TYR A 1 190 ? -11.461 7.215   4.135   1.00 101.83 ? 454 TYR A CZ  1 
ATOM   1307 O OH  . TYR A 1 190 ? -11.454 8.053   5.208   1.00 95.40  ? 454 TYR A OH  1 
ATOM   1308 N N   . THR A 1 191 ? -11.455 7.624   -0.283  1.00 81.64  ? 455 THR A N   1 
ATOM   1309 C CA  . THR A 1 191 ? -10.559 8.763   -0.355  1.00 83.05  ? 455 THR A CA  1 
ATOM   1310 C C   . THR A 1 191 ? -10.363 9.383   1.008   1.00 80.98  ? 455 THR A C   1 
ATOM   1311 O O   . THR A 1 191 ? -11.313 9.793   1.649   1.00 92.42  ? 455 THR A O   1 
ATOM   1312 C CB  . THR A 1 191 ? -11.055 9.859   -1.294  1.00 77.78  ? 455 THR A CB  1 
ATOM   1313 O OG1 . THR A 1 191 ? -11.367 9.299   -2.576  1.00 81.53  ? 455 THR A OG1 1 
ATOM   1314 C CG2 . THR A 1 191 ? -9.963  10.936  -1.457  1.00 83.60  ? 455 THR A CG2 1 
ATOM   1315 N N   . PHE A 1 192 ? -9.120  9.483   1.435   1.00 81.00  ? 456 PHE A N   1 
ATOM   1316 C CA  . PHE A 1 192 ? -8.873  10.052  2.724   1.00 90.39  ? 456 PHE A CA  1 
ATOM   1317 C C   . PHE A 1 192 ? -9.229  11.500  2.710   1.00 95.83  ? 456 PHE A C   1 
ATOM   1318 O O   . PHE A 1 192 ? -9.181  12.175  1.654   1.00 92.19  ? 456 PHE A O   1 
ATOM   1319 C CB  . PHE A 1 192 ? -7.431  9.891   3.182   1.00 95.37  ? 456 PHE A CB  1 
ATOM   1320 C CG  . PHE A 1 192 ? -7.140  8.525   3.708   1.00 99.04  ? 456 PHE A CG  1 
ATOM   1321 C CD1 . PHE A 1 192 ? -7.031  8.312   5.072   1.00 91.89  ? 456 PHE A CD1 1 
ATOM   1322 C CD2 . PHE A 1 192 ? -7.041  7.418   2.835   1.00 96.56  ? 456 PHE A CD2 1 
ATOM   1323 C CE1 . PHE A 1 192 ? -6.797  7.031   5.575   1.00 97.69  ? 456 PHE A CE1 1 
ATOM   1324 C CE2 . PHE A 1 192 ? -6.818  6.142   3.332   1.00 92.40  ? 456 PHE A CE2 1 
ATOM   1325 C CZ  . PHE A 1 192 ? -6.692  5.952   4.708   1.00 96.85  ? 456 PHE A CZ  1 
ATOM   1326 N N   . PRO A 1 193 ? -9.621  11.968  3.890   1.00 96.89  ? 457 PRO A N   1 
ATOM   1327 C CA  . PRO A 1 193 ? -9.716  13.386  4.192   1.00 94.46  ? 457 PRO A CA  1 
ATOM   1328 C C   . PRO A 1 193 ? -8.470  14.123  3.736   1.00 94.36  ? 457 PRO A C   1 
ATOM   1329 O O   . PRO A 1 193 ? -7.386  13.616  3.994   1.00 100.13 ? 457 PRO A O   1 
ATOM   1330 C CB  . PRO A 1 193 ? -9.829  13.382  5.714   1.00 91.49  ? 457 PRO A CB  1 
ATOM   1331 C CG  . PRO A 1 193 ? -10.565 12.109  6.017   1.00 94.14  ? 457 PRO A CG  1 
ATOM   1332 C CD  . PRO A 1 193 ? -10.217 11.123  4.953   1.00 88.82  ? 457 PRO A CD  1 
ATOM   1333 N N   . HIS A 1 194 ? -8.622  15.267  3.043   1.00 108.77 ? 458 HIS A N   1 
ATOM   1334 C CA  . HIS A 1 194 ? -7.478  16.141  2.619   1.00 114.92 ? 458 HIS A CA  1 
ATOM   1335 C C   . HIS A 1 194 ? -6.407  16.194  3.700   1.00 103.20 ? 458 HIS A C   1 
ATOM   1336 O O   . HIS A 1 194 ? -6.740  16.303  4.875   1.00 92.93  ? 458 HIS A O   1 
ATOM   1337 C CB  . HIS A 1 194 ? -7.951  17.578  2.243   1.00 126.27 ? 458 HIS A CB  1 
ATOM   1338 C CG  . HIS A 1 194 ? -7.057  18.701  2.731   1.00 152.90 ? 458 HIS A CG  1 
ATOM   1339 N ND1 . HIS A 1 194 ? -7.464  19.620  3.681   1.00 158.20 ? 458 HIS A ND1 1 
ATOM   1340 C CD2 . HIS A 1 194 ? -5.801  19.075  2.373   1.00 161.60 ? 458 HIS A CD2 1 
ATOM   1341 C CE1 . HIS A 1 194 ? -6.494  20.492  3.905   1.00 149.38 ? 458 HIS A CE1 1 
ATOM   1342 N NE2 . HIS A 1 194 ? -5.473  20.181  3.125   1.00 161.51 ? 458 HIS A NE2 1 
ATOM   1343 N N   . ALA A 1 195 ? -5.140  16.091  3.307   1.00 100.07 ? 459 ALA A N   1 
ATOM   1344 C CA  . ALA A 1 195 ? -4.023  16.249  4.248   1.00 109.65 ? 459 ALA A CA  1 
ATOM   1345 C C   . ALA A 1 195 ? -2.920  17.167  3.699   1.00 117.16 ? 459 ALA A C   1 
ATOM   1346 O O   . ALA A 1 195 ? -2.463  16.989  2.571   1.00 143.63 ? 459 ALA A O   1 
ATOM   1347 C CB  . ALA A 1 195 ? -3.457  14.892  4.601   1.00 105.90 ? 459 ALA A CB  1 
ATOM   1348 N N   . SER A 1 196 ? -2.517  18.166  4.485   1.00 127.25 ? 460 SER A N   1 
ATOM   1349 C CA  . SER A 1 196 ? -1.327  18.966  4.154   1.00 134.56 ? 460 SER A CA  1 
ATOM   1350 C C   . SER A 1 196 ? -0.143  18.045  4.364   1.00 118.80 ? 460 SER A C   1 
ATOM   1351 O O   . SER A 1 196 ? 0.147   17.684  5.490   1.00 98.68  ? 460 SER A O   1 
ATOM   1352 C CB  . SER A 1 196 ? -1.183  20.242  5.018   1.00 133.66 ? 460 SER A CB  1 
ATOM   1353 O OG  . SER A 1 196 ? -1.442  21.407  4.253   1.00 145.22 ? 460 SER A OG  1 
ATOM   1354 N N   . PHE A 1 197 ? 0.503   17.645  3.271   1.00 124.75 ? 461 PHE A N   1 
ATOM   1355 C CA  . PHE A 1 197 ? 1.655   16.745  3.322   1.00 117.65 ? 461 PHE A CA  1 
ATOM   1356 C C   . PHE A 1 197 ? 2.959   17.518  3.506   1.00 114.29 ? 461 PHE A C   1 
ATOM   1357 O O   . PHE A 1 197 ? 3.298   18.329  2.654   1.00 121.14 ? 461 PHE A O   1 
ATOM   1358 C CB  . PHE A 1 197 ? 1.768   15.963  2.018   1.00 120.30 ? 461 PHE A CB  1 
ATOM   1359 C CG  . PHE A 1 197 ? 0.659   14.966  1.778   1.00 118.85 ? 461 PHE A CG  1 
ATOM   1360 C CD1 . PHE A 1 197 ? 0.283   14.052  2.752   1.00 100.41 ? 461 PHE A CD1 1 
ATOM   1361 C CD2 . PHE A 1 197 ? 0.045   14.883  0.528   1.00 124.73 ? 461 PHE A CD2 1 
ATOM   1362 C CE1 . PHE A 1 197 ? -0.697  13.107  2.500   1.00 89.18  ? 461 PHE A CE1 1 
ATOM   1363 C CE2 . PHE A 1 197 ? -0.936  13.930  0.277   1.00 113.80 ? 461 PHE A CE2 1 
ATOM   1364 C CZ  . PHE A 1 197 ? -1.305  13.044  1.269   1.00 87.70  ? 461 PHE A CZ  1 
ATOM   1365 N N   . SER A 1 198 ? 3.687   17.253  4.596   1.00 118.65 ? 462 SER A N   1 
ATOM   1366 C CA  . SER A 1 198 ? 5.010   17.873  4.870   1.00 124.51 ? 462 SER A CA  1 
ATOM   1367 C C   . SER A 1 198 ? 6.173   16.969  4.422   1.00 133.10 ? 462 SER A C   1 
ATOM   1368 O O   . SER A 1 198 ? 7.122   17.447  3.799   1.00 145.45 ? 462 SER A O   1 
ATOM   1369 C CB  . SER A 1 198 ? 5.161   18.265  6.364   1.00 116.96 ? 462 SER A CB  1 
ATOM   1370 O OG  . SER A 1 198 ? 5.999   17.379  7.110   1.00 126.10 ? 462 SER A OG  1 
ATOM   1371 N N   . GLU A 1 199 ? 6.095   15.674  4.738   1.00 130.73 ? 463 GLU A N   1 
ATOM   1372 C CA  . GLU A 1 199 ? 7.167   14.740  4.418   1.00 127.94 ? 463 GLU A CA  1 
ATOM   1373 C C   . GLU A 1 199 ? 6.907   14.031  3.083   1.00 118.79 ? 463 GLU A C   1 
ATOM   1374 O O   . GLU A 1 199 ? 5.765   13.964  2.623   1.00 113.51 ? 463 GLU A O   1 
ATOM   1375 C CB  . GLU A 1 199 ? 7.366   13.738  5.569   1.00 131.49 ? 463 GLU A CB  1 
ATOM   1376 C CG  . GLU A 1 199 ? 8.001   14.359  6.815   1.00 136.79 ? 463 GLU A CG  1 
ATOM   1377 C CD  . GLU A 1 199 ? 9.541   14.385  6.802   1.00 141.98 ? 463 GLU A CD  1 
ATOM   1378 O OE1 . GLU A 1 199 ? 10.181  13.305  6.728   1.00 144.53 ? 463 GLU A OE1 1 
ATOM   1379 O OE2 . GLU A 1 199 ? 10.126  15.496  6.878   1.00 119.72 ? 463 GLU A OE2 1 
ATOM   1380 N N   . PRO A 1 200 ? 7.978   13.523  2.440   1.00 118.63 ? 464 PRO A N   1 
ATOM   1381 C CA  . PRO A 1 200 ? 7.844   12.589  1.316   1.00 119.05 ? 464 PRO A CA  1 
ATOM   1382 C C   . PRO A 1 200 ? 7.025   11.378  1.667   1.00 107.31 ? 464 PRO A C   1 
ATOM   1383 O O   . PRO A 1 200 ? 6.909   11.042  2.849   1.00 102.44 ? 464 PRO A O   1 
ATOM   1384 C CB  . PRO A 1 200 ? 9.277   12.137  1.042   1.00 108.40 ? 464 PRO A CB  1 
ATOM   1385 C CG  . PRO A 1 200 ? 10.115  13.259  1.525   1.00 116.65 ? 464 PRO A CG  1 
ATOM   1386 C CD  . PRO A 1 200 ? 9.347   14.050  2.543   1.00 116.05 ? 464 PRO A CD  1 
ATOM   1387 N N   . LEU A 1 201 ? 6.502   10.722  0.635   1.00 99.85  ? 465 LEU A N   1 
ATOM   1388 C CA  . LEU A 1 201 ? 5.610   9.589   0.814   1.00 93.05  ? 465 LEU A CA  1 
ATOM   1389 C C   . LEU A 1 201 ? 6.042   8.344   0.069   1.00 84.11  ? 465 LEU A C   1 
ATOM   1390 O O   . LEU A 1 201 ? 6.248   8.391   -1.135  1.00 89.32  ? 465 LEU A O   1 
ATOM   1391 C CB  . LEU A 1 201 ? 4.236   9.992   0.346   1.00 92.04  ? 465 LEU A CB  1 
ATOM   1392 C CG  . LEU A 1 201 ? 3.649   11.140  1.136   1.00 89.71  ? 465 LEU A CG  1 
ATOM   1393 C CD1 . LEU A 1 201 ? 2.339   11.483  0.477   1.00 97.87  ? 465 LEU A CD1 1 
ATOM   1394 C CD2 . LEU A 1 201 ? 3.416   10.767  2.591   1.00 103.17 ? 465 LEU A CD2 1 
ATOM   1395 N N   . TYR A 1 202 ? 6.171   7.233   0.788   1.00 84.15  ? 466 TYR A N   1 
ATOM   1396 C CA  . TYR A 1 202 ? 6.522   5.956   0.162   1.00 94.87  ? 466 TYR A CA  1 
ATOM   1397 C C   . TYR A 1 202 ? 5.270   5.132   -0.032  1.00 87.26  ? 466 TYR A C   1 
ATOM   1398 O O   . TYR A 1 202 ? 4.327   5.260   0.734   1.00 79.71  ? 466 TYR A O   1 
ATOM   1399 C CB  . TYR A 1 202 ? 7.502   5.155   1.020   1.00 101.81 ? 466 TYR A CB  1 
ATOM   1400 C CG  . TYR A 1 202 ? 8.954   5.638   1.007   1.00 110.57 ? 466 TYR A CG  1 
ATOM   1401 C CD1 . TYR A 1 202 ? 9.896   5.027   0.178   1.00 116.96 ? 466 TYR A CD1 1 
ATOM   1402 C CD2 . TYR A 1 202 ? 9.390   6.678   1.844   1.00 109.06 ? 466 TYR A CD2 1 
ATOM   1403 C CE1 . TYR A 1 202 ? 11.222  5.431   0.175   1.00 121.16 ? 466 TYR A CE1 1 
ATOM   1404 C CE2 . TYR A 1 202 ? 10.716  7.099   1.838   1.00 109.56 ? 466 TYR A CE2 1 
ATOM   1405 C CZ  . TYR A 1 202 ? 11.624  6.469   1.004   1.00 114.41 ? 466 TYR A CZ  1 
ATOM   1406 O OH  . TYR A 1 202 ? 12.938  6.855   0.990   1.00 120.57 ? 466 TYR A OH  1 
ATOM   1407 N N   . PRO A 1 203 ? 5.245   4.309   -1.085  1.00 86.97  ? 467 PRO A N   1 
ATOM   1408 C CA  . PRO A 1 203 ? 4.312   3.192   -1.150  1.00 86.43  ? 467 PRO A CA  1 
ATOM   1409 C C   . PRO A 1 203 ? 4.603   2.251   -0.021  1.00 85.56  ? 467 PRO A C   1 
ATOM   1410 O O   . PRO A 1 203 ? 5.771   1.945   0.225   1.00 80.71  ? 467 PRO A O   1 
ATOM   1411 C CB  . PRO A 1 203 ? 4.656   2.509   -2.467  1.00 78.46  ? 467 PRO A CB  1 
ATOM   1412 C CG  . PRO A 1 203 ? 5.164   3.633   -3.309  1.00 86.62  ? 467 PRO A CG  1 
ATOM   1413 C CD  . PRO A 1 203 ? 5.899   4.554   -2.379  1.00 88.44  ? 467 PRO A CD  1 
ATOM   1414 N N   . VAL A 1 204 ? 3.553   1.822   0.669   1.00 79.48  ? 468 VAL A N   1 
ATOM   1415 C CA  . VAL A 1 204 ? 3.716   0.882   1.749   1.00 72.20  ? 468 VAL A CA  1 
ATOM   1416 C C   . VAL A 1 204 ? 2.771   -0.302  1.550   1.00 71.62  ? 468 VAL A C   1 
ATOM   1417 O O   . VAL A 1 204 ? 1.689   -0.169  0.986   1.00 82.32  ? 468 VAL A O   1 
ATOM   1418 C CB  . VAL A 1 204 ? 3.599   1.577   3.117   1.00 80.28  ? 468 VAL A CB  1 
ATOM   1419 C CG1 . VAL A 1 204 ? 2.199   2.177   3.312   1.00 82.31  ? 468 VAL A CG1 1 
ATOM   1420 C CG2 . VAL A 1 204 ? 4.003   0.611   4.243   1.00 76.28  ? 468 VAL A CG2 1 
ATOM   1421 N N   . PHE A 1 205 ? 3.260   -1.473  1.941   1.00 76.76  ? 469 PHE A N   1 
ATOM   1422 C CA  . PHE A 1 205 ? 2.596   -2.763  1.768   1.00 78.08  ? 469 PHE A CA  1 
ATOM   1423 C C   . PHE A 1 205 ? 2.855   -3.494  3.078   1.00 86.33  ? 469 PHE A C   1 
ATOM   1424 O O   . PHE A 1 205 ? 3.933   -3.376  3.682   1.00 77.79  ? 469 PHE A O   1 
ATOM   1425 C CB  . PHE A 1 205 ? 3.202   -3.605  0.630   1.00 86.30  ? 469 PHE A CB  1 
ATOM   1426 C CG  . PHE A 1 205 ? 3.288   -2.880  -0.679  1.00 87.87  ? 469 PHE A CG  1 
ATOM   1427 C CD1 . PHE A 1 205 ? 4.227   -1.870  -0.871  1.00 79.91  ? 469 PHE A CD1 1 
ATOM   1428 C CD2 . PHE A 1 205 ? 2.434   -3.200  -1.717  1.00 91.91  ? 469 PHE A CD2 1 
ATOM   1429 C CE1 . PHE A 1 205 ? 4.267   -1.167  -2.046  1.00 81.01  ? 469 PHE A CE1 1 
ATOM   1430 C CE2 . PHE A 1 205 ? 2.486   -2.505  -2.908  1.00 94.92  ? 469 PHE A CE2 1 
ATOM   1431 C CZ  . PHE A 1 205 ? 3.405   -1.489  -3.067  1.00 90.23  ? 469 PHE A CZ  1 
ATOM   1432 N N   . ARG A 1 206 ? 1.861   -4.260  3.504   1.00 89.61  ? 470 ARG A N   1 
ATOM   1433 C CA  . ARG A 1 206 ? 1.932   -4.987  4.738   1.00 83.23  ? 470 ARG A CA  1 
ATOM   1434 C C   . ARG A 1 206 ? 1.048   -6.207  4.691   1.00 79.23  ? 470 ARG A C   1 
ATOM   1435 O O   . ARG A 1 206 ? -0.112  -6.136  4.307   1.00 80.78  ? 470 ARG A O   1 
ATOM   1436 C CB  . ARG A 1 206 ? 1.501   -4.088  5.876   1.00 88.62  ? 470 ARG A CB  1 
ATOM   1437 C CG  . ARG A 1 206 ? 0.918   -4.855  7.041   1.00 88.22  ? 470 ARG A CG  1 
ATOM   1438 C CD  . ARG A 1 206 ? 1.068   -4.105  8.325   1.00 96.03  ? 470 ARG A CD  1 
ATOM   1439 N NE  . ARG A 1 206 ? 0.245   -4.858  9.246   1.00 110.70 ? 470 ARG A NE  1 
ATOM   1440 C CZ  . ARG A 1 206 ? -0.865  -4.438  9.836   1.00 94.84  ? 470 ARG A CZ  1 
ATOM   1441 N NH1 . ARG A 1 206 ? -1.312  -3.193  9.710   1.00 98.68  ? 470 ARG A NH1 1 
ATOM   1442 N NH2 . ARG A 1 206 ? -1.514  -5.284  10.597  1.00 78.04  ? 470 ARG A NH2 1 
ATOM   1443 N N   . ILE A 1 207 ? 1.598   -7.316  5.147   1.00 74.68  ? 471 ILE A N   1 
ATOM   1444 C CA  . ILE A 1 207 ? 0.830   -8.528  5.285   1.00 82.07  ? 471 ILE A CA  1 
ATOM   1445 C C   . ILE A 1 207 ? 1.205   -9.297  6.576   1.00 85.78  ? 471 ILE A C   1 
ATOM   1446 O O   . ILE A 1 207 ? 2.299   -9.077  7.149   1.00 77.63  ? 471 ILE A O   1 
ATOM   1447 C CB  . ILE A 1 207 ? 0.992   -9.398  4.028   1.00 86.90  ? 471 ILE A CB  1 
ATOM   1448 C CG1 . ILE A 1 207 ? 2.485   -9.566  3.657   1.00 95.58  ? 471 ILE A CG1 1 
ATOM   1449 C CG2 . ILE A 1 207 ? 0.218   -8.787  2.870   1.00 76.69  ? 471 ILE A CG2 1 
ATOM   1450 C CD1 . ILE A 1 207 ? 2.781   -10.758 2.764   1.00 94.94  ? 471 ILE A CD1 1 
ATOM   1451 N N   . LEU A 1 208 ? 0.272   -10.147 7.036   1.00 81.99  ? 472 LEU A N   1 
ATOM   1452 C CA  . LEU A 1 208 ? 0.456   -11.000 8.236   1.00 83.78  ? 472 LEU A CA  1 
ATOM   1453 C C   . LEU A 1 208 ? 0.032   -12.445 8.048   1.00 81.68  ? 472 LEU A C   1 
ATOM   1454 O O   . LEU A 1 208 ? 0.579   -13.291 8.715   1.00 75.33  ? 472 LEU A O   1 
ATOM   1455 C CB  . LEU A 1 208 ? -0.335  -10.485 9.430   1.00 82.24  ? 472 LEU A CB  1 
ATOM   1456 C CG  . LEU A 1 208 ? -0.562  -8.989  9.676   1.00 74.28  ? 472 LEU A CG  1 
ATOM   1457 C CD1 . LEU A 1 208 ? -1.847  -8.875  10.471  1.00 73.53  ? 472 LEU A CD1 1 
ATOM   1458 C CD2 . LEU A 1 208 ? 0.593   -8.329  10.413  1.00 70.25  ? 472 LEU A CD2 1 
ATOM   1459 N N   . THR A 1 209 ? -0.981  -12.727 7.222   1.00 87.06  ? 473 THR A N   1 
ATOM   1460 C CA  . THR A 1 209 ? -1.320  -14.113 6.847   1.00 95.24  ? 473 THR A CA  1 
ATOM   1461 C C   . THR A 1 209 ? -0.095  -14.830 6.240   1.00 95.63  ? 473 THR A C   1 
ATOM   1462 O O   . THR A 1 209 ? 0.806   -14.219 5.616   1.00 89.97  ? 473 THR A O   1 
ATOM   1463 C CB  . THR A 1 209 ? -2.513  -14.184 5.821   1.00 110.16 ? 473 THR A CB  1 
ATOM   1464 O OG1 . THR A 1 209 ? -2.570  -12.982 5.037   1.00 129.72 ? 473 THR A OG1 1 
ATOM   1465 C CG2 . THR A 1 209 ? -3.883  -14.358 6.496   1.00 105.14 ? 473 THR A CG2 1 
ATOM   1466 N N   . LEU A 1 210 ? -0.033  -16.134 6.437   1.00 97.35  ? 474 LEU A N   1 
ATOM   1467 C CA  . LEU A 1 210 ? 0.825   -16.922 5.579   1.00 96.93  ? 474 LEU A CA  1 
ATOM   1468 C C   . LEU A 1 210 ? -0.126  -17.652 4.681   1.00 93.11  ? 474 LEU A C   1 
ATOM   1469 O O   . LEU A 1 210 ? -0.894  -18.461 5.153   1.00 104.48 ? 474 LEU A O   1 
ATOM   1470 C CB  . LEU A 1 210 ? 1.717   -17.866 6.365   1.00 92.91  ? 474 LEU A CB  1 
ATOM   1471 C CG  . LEU A 1 210 ? 2.642   -18.740 5.505   1.00 104.72 ? 474 LEU A CG  1 
ATOM   1472 C CD1 . LEU A 1 210 ? 3.054   -18.205 4.104   1.00 110.95 ? 474 LEU A CD1 1 
ATOM   1473 C CD2 . LEU A 1 210 ? 3.865   -19.067 6.352   1.00 105.79 ? 474 LEU A CD2 1 
ATOM   1474 N N   . GLU A 1 211 ? -0.118  -17.326 3.395   1.00 105.56 ? 475 GLU A N   1 
ATOM   1475 C CA  . GLU A 1 211 ? -1.042  -17.955 2.456   1.00 99.44  ? 475 GLU A CA  1 
ATOM   1476 C C   . GLU A 1 211 ? -0.495  -17.966 1.049   1.00 97.53  ? 475 GLU A C   1 
ATOM   1477 O O   . GLU A 1 211 ? 0.511   -17.307 0.801   1.00 95.80  ? 475 GLU A O   1 
ATOM   1478 C CB  . GLU A 1 211 ? -2.400  -17.275 2.517   1.00 103.76 ? 475 GLU A CB  1 
ATOM   1479 C CG  . GLU A 1 211 ? -2.492  -15.821 2.131   1.00 106.42 ? 475 GLU A CG  1 
ATOM   1480 C CD  . GLU A 1 211 ? -3.944  -15.412 2.146   1.00 115.64 ? 475 GLU A CD  1 
ATOM   1481 O OE1 . GLU A 1 211 ? -4.621  -15.695 1.105   1.00 120.00 ? 475 GLU A OE1 1 
ATOM   1482 O OE2 . GLU A 1 211 ? -4.397  -14.880 3.211   1.00 81.61  ? 475 GLU A OE2 1 
ATOM   1483 N N   . PRO A 1 212 ? -1.105  -18.765 0.145   1.00 99.90  ? 476 PRO A N   1 
ATOM   1484 C CA  . PRO A 1 212 ? -0.613  -18.894 -1.236  1.00 99.76  ? 476 PRO A CA  1 
ATOM   1485 C C   . PRO A 1 212 ? -0.484  -17.588 -2.016  1.00 90.35  ? 476 PRO A C   1 
ATOM   1486 O O   . PRO A 1 212 ? 0.584   -17.248 -2.471  1.00 102.56 ? 476 PRO A O   1 
ATOM   1487 C CB  . PRO A 1 212 ? -1.680  -19.794 -1.901  1.00 102.20 ? 476 PRO A CB  1 
ATOM   1488 C CG  . PRO A 1 212 ? -2.830  -19.821 -0.926  1.00 105.24 ? 476 PRO A CG  1 
ATOM   1489 C CD  . PRO A 1 212 ? -2.133  -19.790 0.389   1.00 97.13  ? 476 PRO A CD  1 
ATOM   1490 N N   . THR A 1 213 ? -1.565  -16.862 -2.161  1.00 92.27  ? 477 THR A N   1 
ATOM   1491 C CA  . THR A 1 213 ? -1.550  -15.704 -3.015  1.00 101.04 ? 477 THR A CA  1 
ATOM   1492 C C   . THR A 1 213 ? -0.650  -14.600 -2.426  1.00 91.95  ? 477 THR A C   1 
ATOM   1493 O O   . THR A 1 213 ? -0.744  -14.247 -1.256  1.00 97.21  ? 477 THR A O   1 
ATOM   1494 C CB  . THR A 1 213 ? -2.989  -15.213 -3.271  1.00 114.61 ? 477 THR A CB  1 
ATOM   1495 O OG1 . THR A 1 213 ? -3.794  -16.322 -3.700  1.00 107.74 ? 477 THR A OG1 1 
ATOM   1496 C CG2 . THR A 1 213 ? -3.017  -14.124 -4.346  1.00 117.75 ? 477 THR A CG2 1 
ATOM   1497 N N   . ALA A 1 214 ? 0.245   -14.088 -3.251  1.00 86.37  ? 478 ALA A N   1 
ATOM   1498 C CA  . ALA A 1 214 ? 1.185   -13.058 -2.843  1.00 81.51  ? 478 ALA A CA  1 
ATOM   1499 C C   . ALA A 1 214 ? 0.598   -11.697 -3.133  1.00 82.91  ? 478 ALA A C   1 
ATOM   1500 O O   . ALA A 1 214 ? -0.499  -11.598 -3.686  1.00 85.79  ? 478 ALA A O   1 
ATOM   1501 C CB  . ALA A 1 214 ? 2.486   -13.231 -3.611  1.00 74.49  ? 478 ALA A CB  1 
ATOM   1502 N N   . LEU A 1 215 ? 1.351   -10.654 -2.793  1.00 88.02  ? 479 LEU A N   1 
ATOM   1503 C CA  . LEU A 1 215 ? 1.002   -9.266  -3.118  1.00 89.28  ? 479 LEU A CA  1 
ATOM   1504 C C   . LEU A 1 215 ? 1.973   -8.834  -4.177  1.00 89.74  ? 479 LEU A C   1 
ATOM   1505 O O   . LEU A 1 215 ? 3.131   -9.154  -4.057  1.00 101.32 ? 479 LEU A O   1 
ATOM   1506 C CB  . LEU A 1 215 ? 1.158   -8.375  -1.891  1.00 85.74  ? 479 LEU A CB  1 
ATOM   1507 C CG  . LEU A 1 215 ? 0.047   -7.375  -1.607  1.00 86.06  ? 479 LEU A CG  1 
ATOM   1508 C CD1 . LEU A 1 215 ? -1.301  -8.081  -1.554  1.00 85.94  ? 479 LEU A CD1 1 
ATOM   1509 C CD2 . LEU A 1 215 ? 0.347   -6.689  -0.288  1.00 84.53  ? 479 LEU A CD2 1 
ATOM   1510 N N   . THR A 1 216 ? 1.504   -8.103  -5.189  1.00 91.46  ? 480 THR A N   1 
ATOM   1511 C CA  . THR A 1 216 ? 2.237   -7.920  -6.449  1.00 92.00  ? 480 THR A CA  1 
ATOM   1512 C C   . THR A 1 216 ? 1.941   -6.591  -7.126  1.00 92.63  ? 480 THR A C   1 
ATOM   1513 O O   . THR A 1 216 ? 0.823   -6.347  -7.628  1.00 75.29  ? 480 THR A O   1 
ATOM   1514 C CB  . THR A 1 216 ? 1.878   -9.014  -7.468  1.00 96.92  ? 480 THR A CB  1 
ATOM   1515 O OG1 . THR A 1 216 ? 2.293   -10.281 -6.961  1.00 92.87  ? 480 THR A OG1 1 
ATOM   1516 C CG2 . THR A 1 216 ? 2.551   -8.752  -8.820  1.00 99.62  ? 480 THR A CG2 1 
ATOM   1517 N N   . ILE A 1 217 ? 2.988   -5.779  -7.216  1.00 89.66  ? 481 ILE A N   1 
ATOM   1518 C CA  . ILE A 1 217 ? 2.897   -4.508  -7.882  1.00 84.95  ? 481 ILE A CA  1 
ATOM   1519 C C   . ILE A 1 217 ? 2.671   -4.774  -9.352  1.00 85.95  ? 481 ILE A C   1 
ATOM   1520 O O   . ILE A 1 217 ? 3.396   -5.519  -9.967  1.00 78.99  ? 481 ILE A O   1 
ATOM   1521 C CB  . ILE A 1 217 ? 4.153   -3.692  -7.665  1.00 86.46  ? 481 ILE A CB  1 
ATOM   1522 C CG1 . ILE A 1 217 ? 4.260   -3.418  -6.164  1.00 85.42  ? 481 ILE A CG1 1 
ATOM   1523 C CG2 . ILE A 1 217 ? 4.095   -2.434  -8.525  1.00 90.33  ? 481 ILE A CG2 1 
ATOM   1524 C CD1 . ILE A 1 217 ? 5.434   -2.588  -5.761  1.00 87.37  ? 481 ILE A CD1 1 
ATOM   1525 N N   . CYS A 1 218 ? 1.598   -4.205  -9.879  1.00 114.55 ? 482 CYS A N   1 
ATOM   1526 C CA  . CYS A 1 218 ? 1.269   -4.338  -11.279 1.00 102.11 ? 482 CYS A CA  1 
ATOM   1527 C C   . CYS A 1 218 ? 2.198   -3.471  -12.028 1.00 109.98 ? 482 CYS A C   1 
ATOM   1528 O O   . CYS A 1 218 ? 2.590   -2.389  -11.513 1.00 98.97  ? 482 CYS A O   1 
ATOM   1529 C CB  . CYS A 1 218 ? -0.142  -3.902  -11.561 1.00 100.28 ? 482 CYS A CB  1 
ATOM   1530 S SG  . CYS A 1 218 ? -1.187  -5.221  -11.035 1.00 108.95 ? 482 CYS A SG  1 
ATOM   1531 N N   . PRO A 1 219 ? 2.530   -3.924  -13.252 1.00 118.96 ? 483 PRO A N   1 
ATOM   1532 C CA  . PRO A 1 219 ? 3.540   -3.302  -14.073 1.00 122.97 ? 483 PRO A CA  1 
ATOM   1533 C C   . PRO A 1 219 ? 3.017   -2.002  -14.709 1.00 128.98 ? 483 PRO A C   1 
ATOM   1534 O O   . PRO A 1 219 ? 1.807   -1.883  -15.081 1.00 99.86  ? 483 PRO A O   1 
ATOM   1535 C CB  . PRO A 1 219 ? 3.780   -4.356  -15.143 1.00 128.83 ? 483 PRO A CB  1 
ATOM   1536 C CG  . PRO A 1 219 ? 2.417   -4.936  -15.380 1.00 118.07 ? 483 PRO A CG  1 
ATOM   1537 C CD  . PRO A 1 219 ? 1.771   -4.939  -14.022 1.00 114.04 ? 483 PRO A CD  1 
ATOM   1538 N N   . ILE A 1 220 ? 3.938   -1.044  -14.790 1.00 117.45 ? 484 ILE A N   1 
ATOM   1539 C CA  . ILE A 1 220 ? 3.718   0.259   -15.439 1.00 125.58 ? 484 ILE A CA  1 
ATOM   1540 C C   . ILE A 1 220 ? 3.537   0.016   -16.967 1.00 138.52 ? 484 ILE A C   1 
ATOM   1541 O O   . ILE A 1 220 ? 4.444   -0.538  -17.602 1.00 148.86 ? 484 ILE A O   1 
ATOM   1542 C CB  . ILE A 1 220 ? 4.902   1.225   -15.070 1.00 113.35 ? 484 ILE A CB  1 
ATOM   1543 C CG1 . ILE A 1 220 ? 4.665   2.621   -15.614 1.00 111.08 ? 484 ILE A CG1 1 
ATOM   1544 C CG2 . ILE A 1 220 ? 6.265   0.729   -15.580 1.00 123.29 ? 484 ILE A CG2 1 
ATOM   1545 C CD1 . ILE A 1 220 ? 5.601   3.682   -15.063 1.00 98.72  ? 484 ILE A CD1 1 
ATOM   1546 N N   . PRO A 1 221 ? 2.361   0.380   -17.558 1.00 135.27 ? 485 PRO A N   1 
ATOM   1547 C CA  . PRO A 1 221 ? 1.980   -0.105  -18.900 1.00 137.99 ? 485 PRO A CA  1 
ATOM   1548 C C   . PRO A 1 221 ? 3.053   -0.916  -19.684 1.00 126.28 ? 485 PRO A C   1 
ATOM   1549 O O   . PRO A 1 221 ? 3.269   -0.718  -20.882 1.00 134.88 ? 485 PRO A O   1 
ATOM   1550 C CB  . PRO A 1 221 ? 1.561   1.198   -19.609 1.00 131.10 ? 485 PRO A CB  1 
ATOM   1551 C CG  . PRO A 1 221 ? 0.927   2.001   -18.510 1.00 125.80 ? 485 PRO A CG  1 
ATOM   1552 C CD  . PRO A 1 221 ? 1.453   1.477   -17.170 1.00 135.45 ? 485 PRO A CD  1 
HETATM 1553 O O   . HOH B 2 .   ? -11.074 -14.833 12.834  1.00 87.17  ? 601 HOH A O   1 
HETATM 1554 O O   . HOH B 2 .   ? -5.778  -2.174  14.079  1.00 96.37  ? 602 HOH A O   1 
HETATM 1555 O O   . HOH B 2 .   ? 3.883   -14.973 13.100  1.00 71.18  ? 603 HOH A O   1 
HETATM 1556 O O   . HOH B 2 .   ? -10.087 -15.322 9.699   1.00 74.67  ? 604 HOH A O   1 
HETATM 1557 O O   . HOH B 2 .   ? 4.576   11.131  12.027  1.00 78.97  ? 605 HOH A O   1 
HETATM 1558 O O   . HOH B 2 .   ? 17.926  14.579  4.355   1.00 88.51  ? 606 HOH A O   1 
HETATM 1559 O O   . HOH B 2 .   ? -20.377 -4.266  10.791  1.00 84.59  ? 607 HOH A O   1 
HETATM 1560 O O   . HOH B 2 .   ? -22.334 -8.746  12.883  1.00 95.86  ? 608 HOH A O   1 
# 
loop_
_pdbx_poly_seq_scheme.asym_id 
_pdbx_poly_seq_scheme.entity_id 
_pdbx_poly_seq_scheme.seq_id 
_pdbx_poly_seq_scheme.mon_id 
_pdbx_poly_seq_scheme.ndb_seq_num 
_pdbx_poly_seq_scheme.pdb_seq_num 
_pdbx_poly_seq_scheme.auth_seq_num 
_pdbx_poly_seq_scheme.pdb_mon_id 
_pdbx_poly_seq_scheme.auth_mon_id 
_pdbx_poly_seq_scheme.pdb_strand_id 
_pdbx_poly_seq_scheme.pdb_ins_code 
_pdbx_poly_seq_scheme.hetero 
A 1 1   MET 1   265 ?   ?   ?   A . n 
A 1 2   GLY 2   266 ?   ?   ?   A . n 
A 1 3   SER 3   267 ?   ?   ?   A . n 
A 1 4   SER 4   268 ?   ?   ?   A . n 
A 1 5   HIS 5   269 ?   ?   ?   A . n 
A 1 6   HIS 6   270 ?   ?   ?   A . n 
A 1 7   HIS 7   271 ?   ?   ?   A . n 
A 1 8   HIS 8   272 ?   ?   ?   A . n 
A 1 9   HIS 9   273 ?   ?   ?   A . n 
A 1 10  HIS 10  274 ?   ?   ?   A . n 
A 1 11  SER 11  275 ?   ?   ?   A . n 
A 1 12  SER 12  276 ?   ?   ?   A . n 
A 1 13  GLY 13  277 ?   ?   ?   A . n 
A 1 14  LEU 14  278 ?   ?   ?   A . n 
A 1 15  VAL 15  279 ?   ?   ?   A . n 
A 1 16  PRO 16  280 ?   ?   ?   A . n 
A 1 17  ARG 17  281 ?   ?   ?   A . n 
A 1 18  GLY 18  282 ?   ?   ?   A . n 
A 1 19  SER 19  283 ?   ?   ?   A . n 
A 1 20  HIS 20  284 ?   ?   ?   A . n 
A 1 21  MET 21  285 ?   ?   ?   A . n 
A 1 22  GLU 22  286 ?   ?   ?   A . n 
A 1 23  ASN 23  287 ?   ?   ?   A . n 
A 1 24  LEU 24  288 ?   ?   ?   A . n 
A 1 25  TYR 25  289 ?   ?   ?   A . n 
A 1 26  PHE 26  290 ?   ?   ?   A . n 
A 1 27  GLN 27  291 ?   ?   ?   A . n 
A 1 28  GLY 28  292 ?   ?   ?   A . n 
A 1 29  ALA 29  293 ?   ?   ?   A . n 
A 1 30  GLY 30  294 ?   ?   ?   A . n 
A 1 31  ALA 31  295 295 ALA ALA A . n 
A 1 32  GLY 32  296 296 GLY GLY A . n 
A 1 33  ALA 33  297 297 ALA ALA A . n 
A 1 34  ALA 34  298 298 ALA ALA A . n 
A 1 35  TYR 35  299 299 TYR TYR A . n 
A 1 36  HIS 36  300 300 HIS HIS A . n 
A 1 37  GLU 37  301 301 GLU GLU A . n 
A 1 38  TRP 38  302 302 TRP TRP A . n 
A 1 39  LYS 39  303 303 LYS LYS A . n 
A 1 40  MET 40  304 304 MET MET A . n 
A 1 41  ALA 41  305 305 ALA ALA A . n 
A 1 42  LEU 42  306 306 LEU LEU A . n 
A 1 43  PHE 43  307 307 PHE PHE A . n 
A 1 44  LYS 44  308 308 LYS LYS A . n 
A 1 45  PRO 45  309 309 PRO PRO A . n 
A 1 46  ALA 46  310 310 ALA ALA A . n 
A 1 47  ASP 47  311 311 ASP ASP A . n 
A 1 48  VAL 48  312 312 VAL VAL A . n 
A 1 49  ILE 49  313 313 ILE ILE A . n 
A 1 50  LEU 50  314 314 LEU LEU A . n 
A 1 51  ASP 51  315 315 ASP ASP A . n 
A 1 52  PRO 52  316 316 PRO PRO A . n 
A 1 53  ASP 53  317 317 ASP ASP A . n 
A 1 54  THR 54  318 318 THR THR A . n 
A 1 55  ALA 55  319 319 ALA ALA A . n 
A 1 56  ASN 56  320 320 ASN ASN A . n 
A 1 57  ALA 57  321 321 ALA ALA A . n 
A 1 58  ILE 58  322 322 ILE ILE A . n 
A 1 59  LEU 59  323 323 LEU LEU A . n 
A 1 60  LEU 60  324 324 LEU LEU A . n 
A 1 61  VAL 61  325 325 VAL VAL A . n 
A 1 62  SER 62  326 326 SER SER A . n 
A 1 63  GLU 63  327 327 GLU GLU A . n 
A 1 64  ASP 64  328 328 ASP ASP A . n 
A 1 65  GLN 65  329 329 GLN GLN A . n 
A 1 66  ARG 66  330 330 ARG ARG A . n 
A 1 67  SER 67  331 331 SER SER A . n 
A 1 68  VAL 68  332 332 VAL VAL A . n 
A 1 69  GLN 69  333 333 GLN GLN A . n 
A 1 70  ARG 70  334 334 ARG ARG A . n 
A 1 71  ALA 71  335 335 ALA ALA A . n 
A 1 72  GLU 72  336 336 GLU GLU A . n 
A 1 73  GLU 73  337 337 GLU GLU A . n 
A 1 74  PRO 74  338 338 PRO PRO A . n 
A 1 75  ARG 75  339 339 ARG ARG A . n 
A 1 76  ASP 76  340 340 ASP ASP A . n 
A 1 77  LEU 77  341 341 LEU LEU A . n 
A 1 78  PRO 78  342 342 PRO PRO A . n 
A 1 79  ASP 79  343 343 ASP ASP A . n 
A 1 80  ASN 80  344 344 ASN ASN A . n 
A 1 81  PRO 81  345 345 PRO PRO A . n 
A 1 82  GLU 82  346 346 GLU GLU A . n 
A 1 83  ARG 83  347 347 ARG ARG A . n 
A 1 84  PHE 84  348 348 PHE PHE A . n 
A 1 85  GLU 85  349 349 GLU GLU A . n 
A 1 86  TRP 86  350 350 TRP TRP A . n 
A 1 87  ARG 87  351 351 ARG ARG A . n 
A 1 88  TYR 88  352 352 TYR TYR A . n 
A 1 89  CYS 89  353 353 CYS CYS A . n 
A 1 90  VAL 90  354 354 VAL VAL A . n 
A 1 91  LEU 91  355 355 LEU LEU A . n 
A 1 92  GLY 92  356 356 GLY GLY A . n 
A 1 93  CYS 93  357 357 CYS CYS A . n 
A 1 94  GLU 94  358 358 GLU GLU A . n 
A 1 95  ASN 95  359 359 ASN ASN A . n 
A 1 96  PHE 96  360 360 PHE PHE A . n 
A 1 97  THR 97  361 361 THR THR A . n 
A 1 98  SER 98  362 362 SER SER A . n 
A 1 99  GLY 99  363 363 GLY GLY A . n 
A 1 100 ARG 100 364 364 ARG ARG A . n 
A 1 101 HIS 101 365 365 HIS HIS A . n 
A 1 102 TYR 102 366 366 TYR TYR A . n 
A 1 103 TRP 103 367 367 TRP TRP A . n 
A 1 104 GLU 104 368 368 GLU GLU A . n 
A 1 105 VAL 105 369 369 VAL VAL A . n 
A 1 106 GLU 106 370 370 GLU GLU A . n 
A 1 107 VAL 107 371 371 VAL VAL A . n 
A 1 108 GLY 108 372 372 GLY GLY A . n 
A 1 109 ASP 109 373 373 ASP ASP A . n 
A 1 110 ARG 110 374 374 ARG ARG A . n 
A 1 111 LYS 111 375 375 LYS LYS A . n 
A 1 112 GLU 112 376 376 GLU GLU A . n 
A 1 113 TRP 113 377 377 TRP TRP A . n 
A 1 114 HIS 114 378 378 HIS HIS A . n 
A 1 115 ILE 115 379 379 ILE ILE A . n 
A 1 116 GLY 116 380 380 GLY GLY A . n 
A 1 117 VAL 117 381 381 VAL VAL A . n 
A 1 118 CYS 118 382 382 CYS CYS A . n 
A 1 119 SER 119 383 383 SER SER A . n 
A 1 120 LYS 120 384 384 LYS LYS A . n 
A 1 121 ASN 121 385 385 ASN ASN A . n 
A 1 122 VAL 122 386 386 VAL VAL A . n 
A 1 123 GLU 123 387 387 GLU GLU A . n 
A 1 124 ARG 124 388 388 ARG ARG A . n 
A 1 125 LYS 125 389 389 LYS LYS A . n 
A 1 126 LYS 126 390 390 LYS LYS A . n 
A 1 127 GLY 127 391 391 GLY GLY A . n 
A 1 128 TRP 128 392 392 TRP TRP A . n 
A 1 129 VAL 129 393 393 VAL VAL A . n 
A 1 130 LYS 130 394 394 LYS LYS A . n 
A 1 131 MET 131 395 395 MET MET A . n 
A 1 132 THR 132 396 396 THR THR A . n 
A 1 133 PRO 133 397 397 PRO PRO A . n 
A 1 134 GLU 134 398 398 GLU GLU A . n 
A 1 135 ASN 135 399 399 ASN ASN A . n 
A 1 136 GLY 136 400 400 GLY GLY A . n 
A 1 137 TYR 137 401 401 TYR TYR A . n 
A 1 138 TRP 138 402 402 TRP TRP A . n 
A 1 139 THR 139 403 403 THR THR A . n 
A 1 140 MET 140 404 404 MET MET A . n 
A 1 141 GLY 141 405 405 GLY GLY A . n 
A 1 142 LEU 142 406 406 LEU LEU A . n 
A 1 143 THR 143 407 407 THR THR A . n 
A 1 144 ASP 144 408 408 ASP ASP A . n 
A 1 145 GLY 145 409 409 GLY GLY A . n 
A 1 146 ASN 146 410 410 ASN ASN A . n 
A 1 147 LYS 147 411 411 LYS LYS A . n 
A 1 148 TYR 148 412 412 TYR TYR A . n 
A 1 149 ARG 149 413 413 ARG ARG A . n 
A 1 150 ALA 150 414 414 ALA ALA A . n 
A 1 151 LEU 151 415 415 LEU LEU A . n 
A 1 152 THR 152 416 416 THR THR A . n 
A 1 153 GLU 153 417 417 GLU GLU A . n 
A 1 154 PRO 154 418 418 PRO PRO A . n 
A 1 155 ARG 155 419 419 ARG ARG A . n 
A 1 156 THR 156 420 420 THR THR A . n 
A 1 157 ASN 157 421 421 ASN ASN A . n 
A 1 158 LEU 158 422 422 LEU LEU A . n 
A 1 159 LYS 159 423 423 LYS LYS A . n 
A 1 160 LEU 160 424 424 LEU LEU A . n 
A 1 161 PRO 161 425 425 PRO PRO A . n 
A 1 162 GLU 162 426 426 GLU GLU A . n 
A 1 163 PRO 163 427 427 PRO PRO A . n 
A 1 164 PRO 164 428 428 PRO PRO A . n 
A 1 165 ARG 165 429 429 ARG ARG A . n 
A 1 166 LYS 166 430 430 LYS LYS A . n 
A 1 167 VAL 167 431 431 VAL VAL A . n 
A 1 168 GLY 168 432 432 GLY GLY A . n 
A 1 169 ILE 169 433 433 ILE ILE A . n 
A 1 170 PHE 170 434 434 PHE PHE A . n 
A 1 171 LEU 171 435 435 LEU LEU A . n 
A 1 172 ASP 172 436 436 ASP ASP A . n 
A 1 173 TYR 173 437 437 TYR TYR A . n 
A 1 174 GLU 174 438 438 GLU GLU A . n 
A 1 175 THR 175 439 439 THR THR A . n 
A 1 176 GLY 176 440 440 GLY GLY A . n 
A 1 177 GLU 177 441 441 GLU GLU A . n 
A 1 178 ILE 178 442 442 ILE ILE A . n 
A 1 179 SER 179 443 443 SER SER A . n 
A 1 180 PHE 180 444 444 PHE PHE A . n 
A 1 181 TYR 181 445 445 TYR TYR A . n 
A 1 182 ASN 182 446 446 ASN ASN A . n 
A 1 183 ALA 183 447 447 ALA ALA A . n 
A 1 184 THR 184 448 448 THR THR A . n 
A 1 185 ASP 185 449 449 ASP ASP A . n 
A 1 186 GLY 186 450 450 GLY GLY A . n 
A 1 187 SER 187 451 451 SER SER A . n 
A 1 188 HIS 188 452 452 HIS HIS A . n 
A 1 189 ILE 189 453 453 ILE ILE A . n 
A 1 190 TYR 190 454 454 TYR TYR A . n 
A 1 191 THR 191 455 455 THR THR A . n 
A 1 192 PHE 192 456 456 PHE PHE A . n 
A 1 193 PRO 193 457 457 PRO PRO A . n 
A 1 194 HIS 194 458 458 HIS HIS A . n 
A 1 195 ALA 195 459 459 ALA ALA A . n 
A 1 196 SER 196 460 460 SER SER A . n 
A 1 197 PHE 197 461 461 PHE PHE A . n 
A 1 198 SER 198 462 462 SER SER A . n 
A 1 199 GLU 199 463 463 GLU GLU A . n 
A 1 200 PRO 200 464 464 PRO PRO A . n 
A 1 201 LEU 201 465 465 LEU LEU A . n 
A 1 202 TYR 202 466 466 TYR TYR A . n 
A 1 203 PRO 203 467 467 PRO PRO A . n 
A 1 204 VAL 204 468 468 VAL VAL A . n 
A 1 205 PHE 205 469 469 PHE PHE A . n 
A 1 206 ARG 206 470 470 ARG ARG A . n 
A 1 207 ILE 207 471 471 ILE ILE A . n 
A 1 208 LEU 208 472 472 LEU LEU A . n 
A 1 209 THR 209 473 473 THR THR A . n 
A 1 210 LEU 210 474 474 LEU LEU A . n 
A 1 211 GLU 211 475 475 GLU GLU A . n 
A 1 212 PRO 212 476 476 PRO PRO A . n 
A 1 213 THR 213 477 477 THR THR A . n 
A 1 214 ALA 214 478 478 ALA ALA A . n 
A 1 215 LEU 215 479 479 LEU LEU A . n 
A 1 216 THR 216 480 480 THR THR A . n 
A 1 217 ILE 217 481 481 ILE ILE A . n 
A 1 218 CYS 218 482 482 CYS CYS A . n 
A 1 219 PRO 219 483 483 PRO PRO A . n 
A 1 220 ILE 220 484 484 ILE ILE A . n 
A 1 221 PRO 221 485 485 PRO PRO A . n 
A 1 222 LYS 222 486 ?   ?   ?   A . n 
A 1 223 GLU 223 487 ?   ?   ?   A . n 
A 1 224 VAL 224 488 ?   ?   ?   A . n 
A 1 225 GLU 225 489 ?   ?   ?   A . n 
A 1 226 SER 226 490 ?   ?   ?   A . n 
A 1 227 SER 227 491 ?   ?   ?   A . n 
A 1 228 PRO 228 492 ?   ?   ?   A . n 
A 1 229 ASP 229 493 ?   ?   ?   A . n 
A 1 230 PRO 230 494 ?   ?   ?   A . n 
A 1 231 ASP 231 495 ?   ?   ?   A . n 
A 1 232 LEU 232 496 ?   ?   ?   A . n 
A 1 233 VAL 233 497 ?   ?   ?   A . n 
A 1 234 PRO 234 498 ?   ?   ?   A . n 
A 1 235 ASP 235 499 ?   ?   ?   A . n 
A 1 236 HIS 236 500 ?   ?   ?   A . n 
A 1 237 SER 237 501 ?   ?   ?   A . n 
A 1 238 LEU 238 502 ?   ?   ?   A . n 
A 1 239 GLU 239 503 ?   ?   ?   A . n 
A 1 240 THR 240 504 ?   ?   ?   A . n 
A 1 241 PRO 241 505 ?   ?   ?   A . n 
A 1 242 LEU 242 506 ?   ?   ?   A . n 
A 1 243 THR 243 507 ?   ?   ?   A . n 
A 1 244 PRO 244 508 ?   ?   ?   A . n 
A 1 245 GLY 245 509 ?   ?   ?   A . n 
A 1 246 LEU 246 510 ?   ?   ?   A . n 
A 1 247 ALA 247 511 ?   ?   ?   A . n 
A 1 248 ASN 248 512 ?   ?   ?   A . n 
A 1 249 GLU 249 513 ?   ?   ?   A . n 
A 1 250 SER 250 514 ?   ?   ?   A . n 
A 1 251 GLY 251 515 ?   ?   ?   A . n 
A 1 252 GLU 252 516 ?   ?   ?   A . n 
A 1 253 PRO 253 517 ?   ?   ?   A . n 
A 1 254 GLN 254 518 ?   ?   ?   A . n 
A 1 255 ALA 255 519 ?   ?   ?   A . n 
A 1 256 GLU 256 520 ?   ?   ?   A . n 
A 1 257 VAL 257 521 ?   ?   ?   A . n 
A 1 258 THR 258 522 ?   ?   ?   A . n 
A 1 259 SER 259 523 ?   ?   ?   A . n 
A 1 260 LEU 260 524 ?   ?   ?   A . n 
A 1 261 LEU 261 525 ?   ?   ?   A . n 
A 1 262 LEU 262 526 ?   ?   ?   A . n 
A 1 263 PRO 263 527 ?   ?   ?   A . n 
A 1 264 ALA 264 528 ?   ?   ?   A . n 
A 1 265 HIS 265 529 ?   ?   ?   A . n 
A 1 266 PRO 266 530 ?   ?   ?   A . n 
A 1 267 GLY 267 531 ?   ?   ?   A . n 
A 1 268 ALA 268 532 ?   ?   ?   A . n 
A 1 269 GLU 269 533 ?   ?   ?   A . n 
A 1 270 VAL 270 534 ?   ?   ?   A . n 
A 1 271 SER 271 535 ?   ?   ?   A . n 
A 1 272 PRO 272 536 ?   ?   ?   A . n 
A 1 273 SER 273 537 ?   ?   ?   A . n 
A 1 274 ALA 274 538 ?   ?   ?   A . n 
A 1 275 THR 275 539 ?   ?   ?   A . n 
A 1 276 THR 276 540 ?   ?   ?   A . n 
A 1 277 ASN 277 541 ?   ?   ?   A . n 
A 1 278 GLN 278 542 ?   ?   ?   A . n 
A 1 279 ASN 279 543 ?   ?   ?   A . n 
A 1 280 HIS 280 544 ?   ?   ?   A . n 
A 1 281 LYS 281 545 ?   ?   ?   A . n 
A 1 282 LEU 282 546 ?   ?   ?   A . n 
A 1 283 GLN 283 547 ?   ?   ?   A . n 
A 1 284 ALA 284 548 ?   ?   ?   A . n 
A 1 285 ARG 285 549 ?   ?   ?   A . n 
A 1 286 THR 286 550 ?   ?   ?   A . n 
A 1 287 GLU 287 551 ?   ?   ?   A . n 
A 1 288 ALA 288 552 ?   ?   ?   A . n 
A 1 289 LEU 289 553 ?   ?   ?   A . n 
A 1 290 TYR 290 554 ?   ?   ?   A . n 
# 
loop_
_pdbx_nonpoly_scheme.asym_id 
_pdbx_nonpoly_scheme.entity_id 
_pdbx_nonpoly_scheme.mon_id 
_pdbx_nonpoly_scheme.ndb_seq_num 
_pdbx_nonpoly_scheme.pdb_seq_num 
_pdbx_nonpoly_scheme.auth_seq_num 
_pdbx_nonpoly_scheme.pdb_mon_id 
_pdbx_nonpoly_scheme.auth_mon_id 
_pdbx_nonpoly_scheme.pdb_strand_id 
_pdbx_nonpoly_scheme.pdb_ins_code 
B 2 HOH 1 601 601 HOH HOH A . 
B 2 HOH 2 602 602 HOH HOH A . 
B 2 HOH 3 603 603 HOH HOH A . 
B 2 HOH 4 604 604 HOH HOH A . 
B 2 HOH 5 605 605 HOH HOH A . 
B 2 HOH 6 606 606 HOH HOH A . 
B 2 HOH 7 607 607 HOH HOH A . 
B 2 HOH 8 608 608 HOH HOH A . 
# 
_pdbx_struct_assembly.id                   1 
_pdbx_struct_assembly.details              author_defined_assembly 
_pdbx_struct_assembly.method_details       ? 
_pdbx_struct_assembly.oligomeric_details   monomeric 
_pdbx_struct_assembly.oligomeric_count     1 
# 
_pdbx_struct_assembly_gen.assembly_id       1 
_pdbx_struct_assembly_gen.oper_expression   1 
_pdbx_struct_assembly_gen.asym_id_list      A,B 
# 
loop_
_pdbx_struct_assembly_prop.biol_id 
_pdbx_struct_assembly_prop.type 
_pdbx_struct_assembly_prop.value 
_pdbx_struct_assembly_prop.details 
1 'ABSA (A^2)' 0    ? 
1 MORE         0    ? 
1 'SSA (A^2)'  9330 ? 
# 
_pdbx_struct_oper_list.id                   1 
_pdbx_struct_oper_list.type                 'identity operation' 
_pdbx_struct_oper_list.name                 1_555 
_pdbx_struct_oper_list.symmetry_operation   x,y,z 
_pdbx_struct_oper_list.matrix[1][1]         1.0000000000 
_pdbx_struct_oper_list.matrix[1][2]         0.0000000000 
_pdbx_struct_oper_list.matrix[1][3]         0.0000000000 
_pdbx_struct_oper_list.vector[1]            0.0000000000 
_pdbx_struct_oper_list.matrix[2][1]         0.0000000000 
_pdbx_struct_oper_list.matrix[2][2]         1.0000000000 
_pdbx_struct_oper_list.matrix[2][3]         0.0000000000 
_pdbx_struct_oper_list.vector[2]            0.0000000000 
_pdbx_struct_oper_list.matrix[3][1]         0.0000000000 
_pdbx_struct_oper_list.matrix[3][2]         0.0000000000 
_pdbx_struct_oper_list.matrix[3][3]         1.0000000000 
_pdbx_struct_oper_list.vector[3]            0.0000000000 
# 
loop_
_pdbx_audit_revision_history.ordinal 
_pdbx_audit_revision_history.data_content_type 
_pdbx_audit_revision_history.major_revision 
_pdbx_audit_revision_history.minor_revision 
_pdbx_audit_revision_history.revision_date 
1 'Structure model' 1 0 2019-04-03 
2 'Structure model' 1 1 2019-04-10 
3 'Structure model' 1 2 2019-05-01 
4 'Structure model' 1 3 2023-11-22 
# 
_pdbx_audit_revision_details.ordinal             1 
_pdbx_audit_revision_details.revision_ordinal    1 
_pdbx_audit_revision_details.data_content_type   'Structure model' 
_pdbx_audit_revision_details.provider            repository 
_pdbx_audit_revision_details.type                'Initial release' 
_pdbx_audit_revision_details.description         ? 
_pdbx_audit_revision_details.details             ? 
# 
loop_
_pdbx_audit_revision_group.ordinal 
_pdbx_audit_revision_group.revision_ordinal 
_pdbx_audit_revision_group.data_content_type 
_pdbx_audit_revision_group.group 
1 2 'Structure model' 'Data collection'        
2 2 'Structure model' 'Database references'    
3 3 'Structure model' 'Data collection'        
4 3 'Structure model' 'Database references'    
5 4 'Structure model' 'Data collection'        
6 4 'Structure model' 'Database references'    
7 4 'Structure model' 'Refinement description' 
# 
loop_
_pdbx_audit_revision_category.ordinal 
_pdbx_audit_revision_category.revision_ordinal 
_pdbx_audit_revision_category.data_content_type 
_pdbx_audit_revision_category.category 
1 2 'Structure model' citation                      
2 2 'Structure model' citation_author               
3 3 'Structure model' citation                      
4 4 'Structure model' chem_comp_atom                
5 4 'Structure model' chem_comp_bond                
6 4 'Structure model' database_2                    
7 4 'Structure model' pdbx_initial_refinement_model 
# 
loop_
_pdbx_audit_revision_item.ordinal 
_pdbx_audit_revision_item.revision_ordinal 
_pdbx_audit_revision_item.data_content_type 
_pdbx_audit_revision_item.item 
1 2 'Structure model' '_citation.journal_id_ISSN'           
2 2 'Structure model' '_citation.journal_volume'            
3 2 'Structure model' '_citation.pdbx_database_id_PubMed'   
4 2 'Structure model' '_citation.title'                     
5 2 'Structure model' '_citation_author.name'               
6 3 'Structure model' '_citation.journal_volume'            
7 3 'Structure model' '_citation.page_first'                
8 4 'Structure model' '_database_2.pdbx_DOI'                
9 4 'Structure model' '_database_2.pdbx_database_accession' 
# 
loop_
_software.citation_id 
_software.classification 
_software.compiler_name 
_software.compiler_version 
_software.contact_author 
_software.contact_author_email 
_software.date 
_software.description 
_software.dependencies 
_software.hardware 
_software.language 
_software.location 
_software.mods 
_software.name 
_software.os 
_software.os_version 
_software.type 
_software.version 
_software.pdbx_ordinal 
? 'data reduction' ? ? ? ? ? ? ? ? ? ? ? HKL-2000 ? ? ? .        1 
? 'data scaling'   ? ? ? ? ? ? ? ? ? ? ? HKL-2000 ? ? ? .        2 
? phasing          ? ? ? ? ? ? ? ? ? ? ? PHASER   ? ? ? .        3 
? refinement       ? ? ? ? ? ? ? ? ? ? ? REFMAC   ? ? ? 5.8.0103 4 
# 
_pdbx_validate_rmsd_bond.id                        1 
_pdbx_validate_rmsd_bond.PDB_model_num             1 
_pdbx_validate_rmsd_bond.auth_atom_id_1            CE1 
_pdbx_validate_rmsd_bond.auth_asym_id_1            A 
_pdbx_validate_rmsd_bond.auth_comp_id_1            TYR 
_pdbx_validate_rmsd_bond.auth_seq_id_1             352 
_pdbx_validate_rmsd_bond.PDB_ins_code_1            ? 
_pdbx_validate_rmsd_bond.label_alt_id_1            ? 
_pdbx_validate_rmsd_bond.auth_atom_id_2            CZ 
_pdbx_validate_rmsd_bond.auth_asym_id_2            A 
_pdbx_validate_rmsd_bond.auth_comp_id_2            TYR 
_pdbx_validate_rmsd_bond.auth_seq_id_2             352 
_pdbx_validate_rmsd_bond.PDB_ins_code_2            ? 
_pdbx_validate_rmsd_bond.label_alt_id_2            ? 
_pdbx_validate_rmsd_bond.bond_value                1.459 
_pdbx_validate_rmsd_bond.bond_target_value         1.381 
_pdbx_validate_rmsd_bond.bond_deviation            0.078 
_pdbx_validate_rmsd_bond.bond_standard_deviation   0.013 
_pdbx_validate_rmsd_bond.linker_flag               N 
# 
loop_
_pdbx_validate_torsion.id 
_pdbx_validate_torsion.PDB_model_num 
_pdbx_validate_torsion.auth_comp_id 
_pdbx_validate_torsion.auth_asym_id 
_pdbx_validate_torsion.auth_seq_id 
_pdbx_validate_torsion.PDB_ins_code 
_pdbx_validate_torsion.label_alt_id 
_pdbx_validate_torsion.phi 
_pdbx_validate_torsion.psi 
1  1 ALA A 298 ? ? 94.55   -56.52 
2  1 ASN A 320 ? ? -30.01  133.58 
3  1 TRP A 350 ? ? -93.90  -63.01 
4  1 GLU A 370 ? ? -58.41  104.65 
5  1 TRP A 377 ? ? -177.94 142.07 
6  1 LYS A 389 ? ? -107.61 -64.49 
7  1 TRP A 392 ? ? 55.73   14.95  
8  1 MET A 404 ? ? -170.44 146.93 
9  1 ASP A 408 ? ? 35.72   42.03  
10 1 LEU A 415 ? ? -96.80  59.17  
11 1 ILE A 453 ? ? -120.71 -55.22 
12 1 HIS A 458 ? ? -38.07  136.32 
13 1 LEU A 472 ? ? -133.86 -31.99 
# 
_pdbx_distant_solvent_atoms.id                                1 
_pdbx_distant_solvent_atoms.PDB_model_num                     1 
_pdbx_distant_solvent_atoms.auth_atom_id                      O 
_pdbx_distant_solvent_atoms.label_alt_id                      ? 
_pdbx_distant_solvent_atoms.auth_asym_id                      A 
_pdbx_distant_solvent_atoms.auth_comp_id                      HOH 
_pdbx_distant_solvent_atoms.auth_seq_id                       608 
_pdbx_distant_solvent_atoms.PDB_ins_code                      ? 
_pdbx_distant_solvent_atoms.neighbor_macromolecule_distance   9.03 
_pdbx_distant_solvent_atoms.neighbor_ligand_distance          . 
# 
loop_
_pdbx_unobs_or_zero_occ_residues.id 
_pdbx_unobs_or_zero_occ_residues.PDB_model_num 
_pdbx_unobs_or_zero_occ_residues.polymer_flag 
_pdbx_unobs_or_zero_occ_residues.occupancy_flag 
_pdbx_unobs_or_zero_occ_residues.auth_asym_id 
_pdbx_unobs_or_zero_occ_residues.auth_comp_id 
_pdbx_unobs_or_zero_occ_residues.auth_seq_id 
_pdbx_unobs_or_zero_occ_residues.PDB_ins_code 
_pdbx_unobs_or_zero_occ_residues.label_asym_id 
_pdbx_unobs_or_zero_occ_residues.label_comp_id 
_pdbx_unobs_or_zero_occ_residues.label_seq_id 
1  1 Y 1 A MET 265 ? A MET 1   
2  1 Y 1 A GLY 266 ? A GLY 2   
3  1 Y 1 A SER 267 ? A SER 3   
4  1 Y 1 A SER 268 ? A SER 4   
5  1 Y 1 A HIS 269 ? A HIS 5   
6  1 Y 1 A HIS 270 ? A HIS 6   
7  1 Y 1 A HIS 271 ? A HIS 7   
8  1 Y 1 A HIS 272 ? A HIS 8   
9  1 Y 1 A HIS 273 ? A HIS 9   
10 1 Y 1 A HIS 274 ? A HIS 10  
11 1 Y 1 A SER 275 ? A SER 11  
12 1 Y 1 A SER 276 ? A SER 12  
13 1 Y 1 A GLY 277 ? A GLY 13  
14 1 Y 1 A LEU 278 ? A LEU 14  
15 1 Y 1 A VAL 279 ? A VAL 15  
16 1 Y 1 A PRO 280 ? A PRO 16  
17 1 Y 1 A ARG 281 ? A ARG 17  
18 1 Y 1 A GLY 282 ? A GLY 18  
19 1 Y 1 A SER 283 ? A SER 19  
20 1 Y 1 A HIS 284 ? A HIS 20  
21 1 Y 1 A MET 285 ? A MET 21  
22 1 Y 1 A GLU 286 ? A GLU 22  
23 1 Y 1 A ASN 287 ? A ASN 23  
24 1 Y 1 A LEU 288 ? A LEU 24  
25 1 Y 1 A TYR 289 ? A TYR 25  
26 1 Y 1 A PHE 290 ? A PHE 26  
27 1 Y 1 A GLN 291 ? A GLN 27  
28 1 Y 1 A GLY 292 ? A GLY 28  
29 1 Y 1 A ALA 293 ? A ALA 29  
30 1 Y 1 A GLY 294 ? A GLY 30  
31 1 Y 1 A LYS 486 ? A LYS 222 
32 1 Y 1 A GLU 487 ? A GLU 223 
33 1 Y 1 A VAL 488 ? A VAL 224 
34 1 Y 1 A GLU 489 ? A GLU 225 
35 1 Y 1 A SER 490 ? A SER 226 
36 1 Y 1 A SER 491 ? A SER 227 
37 1 Y 1 A PRO 492 ? A PRO 228 
38 1 Y 1 A ASP 493 ? A ASP 229 
39 1 Y 1 A PRO 494 ? A PRO 230 
40 1 Y 1 A ASP 495 ? A ASP 231 
41 1 Y 1 A LEU 496 ? A LEU 232 
42 1 Y 1 A VAL 497 ? A VAL 233 
43 1 Y 1 A PRO 498 ? A PRO 234 
44 1 Y 1 A ASP 499 ? A ASP 235 
45 1 Y 1 A HIS 500 ? A HIS 236 
46 1 Y 1 A SER 501 ? A SER 237 
47 1 Y 1 A LEU 502 ? A LEU 238 
48 1 Y 1 A GLU 503 ? A GLU 239 
49 1 Y 1 A THR 504 ? A THR 240 
50 1 Y 1 A PRO 505 ? A PRO 241 
51 1 Y 1 A LEU 506 ? A LEU 242 
52 1 Y 1 A THR 507 ? A THR 243 
53 1 Y 1 A PRO 508 ? A PRO 244 
54 1 Y 1 A GLY 509 ? A GLY 245 
55 1 Y 1 A LEU 510 ? A LEU 246 
56 1 Y 1 A ALA 511 ? A ALA 247 
57 1 Y 1 A ASN 512 ? A ASN 248 
58 1 Y 1 A GLU 513 ? A GLU 249 
59 1 Y 1 A SER 514 ? A SER 250 
60 1 Y 1 A GLY 515 ? A GLY 251 
61 1 Y 1 A GLU 516 ? A GLU 252 
62 1 Y 1 A PRO 517 ? A PRO 253 
63 1 Y 1 A GLN 518 ? A GLN 254 
64 1 Y 1 A ALA 519 ? A ALA 255 
65 1 Y 1 A GLU 520 ? A GLU 256 
66 1 Y 1 A VAL 521 ? A VAL 257 
67 1 Y 1 A THR 522 ? A THR 258 
68 1 Y 1 A SER 523 ? A SER 259 
69 1 Y 1 A LEU 524 ? A LEU 260 
70 1 Y 1 A LEU 525 ? A LEU 261 
71 1 Y 1 A LEU 526 ? A LEU 262 
72 1 Y 1 A PRO 527 ? A PRO 263 
73 1 Y 1 A ALA 528 ? A ALA 264 
74 1 Y 1 A HIS 529 ? A HIS 265 
75 1 Y 1 A PRO 530 ? A PRO 266 
76 1 Y 1 A GLY 531 ? A GLY 267 
77 1 Y 1 A ALA 532 ? A ALA 268 
78 1 Y 1 A GLU 533 ? A GLU 269 
79 1 Y 1 A VAL 534 ? A VAL 270 
80 1 Y 1 A SER 535 ? A SER 271 
81 1 Y 1 A PRO 536 ? A PRO 272 
82 1 Y 1 A SER 537 ? A SER 273 
83 1 Y 1 A ALA 538 ? A ALA 274 
84 1 Y 1 A THR 539 ? A THR 275 
85 1 Y 1 A THR 540 ? A THR 276 
86 1 Y 1 A ASN 541 ? A ASN 277 
87 1 Y 1 A GLN 542 ? A GLN 278 
88 1 Y 1 A ASN 543 ? A ASN 279 
89 1 Y 1 A HIS 544 ? A HIS 280 
90 1 Y 1 A LYS 545 ? A LYS 281 
91 1 Y 1 A LEU 546 ? A LEU 282 
92 1 Y 1 A GLN 547 ? A GLN 283 
93 1 Y 1 A ALA 548 ? A ALA 284 
94 1 Y 1 A ARG 549 ? A ARG 285 
95 1 Y 1 A THR 550 ? A THR 286 
96 1 Y 1 A GLU 551 ? A GLU 287 
97 1 Y 1 A ALA 552 ? A ALA 288 
98 1 Y 1 A LEU 553 ? A LEU 289 
99 1 Y 1 A TYR 554 ? A TYR 290 
# 
loop_
_chem_comp_atom.comp_id 
_chem_comp_atom.atom_id 
_chem_comp_atom.type_symbol 
_chem_comp_atom.pdbx_aromatic_flag 
_chem_comp_atom.pdbx_stereo_config 
_chem_comp_atom.pdbx_ordinal 
ALA N    N N N 1   
ALA CA   C N S 2   
ALA C    C N N 3   
ALA O    O N N 4   
ALA CB   C N N 5   
ALA OXT  O N N 6   
ALA H    H N N 7   
ALA H2   H N N 8   
ALA HA   H N N 9   
ALA HB1  H N N 10  
ALA HB2  H N N 11  
ALA HB3  H N N 12  
ALA HXT  H N N 13  
ARG N    N N N 14  
ARG CA   C N S 15  
ARG C    C N N 16  
ARG O    O N N 17  
ARG CB   C N N 18  
ARG CG   C N N 19  
ARG CD   C N N 20  
ARG NE   N N N 21  
ARG CZ   C N N 22  
ARG NH1  N N N 23  
ARG NH2  N N N 24  
ARG OXT  O N N 25  
ARG H    H N N 26  
ARG H2   H N N 27  
ARG HA   H N N 28  
ARG HB2  H N N 29  
ARG HB3  H N N 30  
ARG HG2  H N N 31  
ARG HG3  H N N 32  
ARG HD2  H N N 33  
ARG HD3  H N N 34  
ARG HE   H N N 35  
ARG HH11 H N N 36  
ARG HH12 H N N 37  
ARG HH21 H N N 38  
ARG HH22 H N N 39  
ARG HXT  H N N 40  
ASN N    N N N 41  
ASN CA   C N S 42  
ASN C    C N N 43  
ASN O    O N N 44  
ASN CB   C N N 45  
ASN CG   C N N 46  
ASN OD1  O N N 47  
ASN ND2  N N N 48  
ASN OXT  O N N 49  
ASN H    H N N 50  
ASN H2   H N N 51  
ASN HA   H N N 52  
ASN HB2  H N N 53  
ASN HB3  H N N 54  
ASN HD21 H N N 55  
ASN HD22 H N N 56  
ASN HXT  H N N 57  
ASP N    N N N 58  
ASP CA   C N S 59  
ASP C    C N N 60  
ASP O    O N N 61  
ASP CB   C N N 62  
ASP CG   C N N 63  
ASP OD1  O N N 64  
ASP OD2  O N N 65  
ASP OXT  O N N 66  
ASP H    H N N 67  
ASP H2   H N N 68  
ASP HA   H N N 69  
ASP HB2  H N N 70  
ASP HB3  H N N 71  
ASP HD2  H N N 72  
ASP HXT  H N N 73  
CYS N    N N N 74  
CYS CA   C N R 75  
CYS C    C N N 76  
CYS O    O N N 77  
CYS CB   C N N 78  
CYS SG   S N N 79  
CYS OXT  O N N 80  
CYS H    H N N 81  
CYS H2   H N N 82  
CYS HA   H N N 83  
CYS HB2  H N N 84  
CYS HB3  H N N 85  
CYS HG   H N N 86  
CYS HXT  H N N 87  
GLN N    N N N 88  
GLN CA   C N S 89  
GLN C    C N N 90  
GLN O    O N N 91  
GLN CB   C N N 92  
GLN CG   C N N 93  
GLN CD   C N N 94  
GLN OE1  O N N 95  
GLN NE2  N N N 96  
GLN OXT  O N N 97  
GLN H    H N N 98  
GLN H2   H N N 99  
GLN HA   H N N 100 
GLN HB2  H N N 101 
GLN HB3  H N N 102 
GLN HG2  H N N 103 
GLN HG3  H N N 104 
GLN HE21 H N N 105 
GLN HE22 H N N 106 
GLN HXT  H N N 107 
GLU N    N N N 108 
GLU CA   C N S 109 
GLU C    C N N 110 
GLU O    O N N 111 
GLU CB   C N N 112 
GLU CG   C N N 113 
GLU CD   C N N 114 
GLU OE1  O N N 115 
GLU OE2  O N N 116 
GLU OXT  O N N 117 
GLU H    H N N 118 
GLU H2   H N N 119 
GLU HA   H N N 120 
GLU HB2  H N N 121 
GLU HB3  H N N 122 
GLU HG2  H N N 123 
GLU HG3  H N N 124 
GLU HE2  H N N 125 
GLU HXT  H N N 126 
GLY N    N N N 127 
GLY CA   C N N 128 
GLY C    C N N 129 
GLY O    O N N 130 
GLY OXT  O N N 131 
GLY H    H N N 132 
GLY H2   H N N 133 
GLY HA2  H N N 134 
GLY HA3  H N N 135 
GLY HXT  H N N 136 
HIS N    N N N 137 
HIS CA   C N S 138 
HIS C    C N N 139 
HIS O    O N N 140 
HIS CB   C N N 141 
HIS CG   C Y N 142 
HIS ND1  N Y N 143 
HIS CD2  C Y N 144 
HIS CE1  C Y N 145 
HIS NE2  N Y N 146 
HIS OXT  O N N 147 
HIS H    H N N 148 
HIS H2   H N N 149 
HIS HA   H N N 150 
HIS HB2  H N N 151 
HIS HB3  H N N 152 
HIS HD1  H N N 153 
HIS HD2  H N N 154 
HIS HE1  H N N 155 
HIS HE2  H N N 156 
HIS HXT  H N N 157 
HOH O    O N N 158 
HOH H1   H N N 159 
HOH H2   H N N 160 
ILE N    N N N 161 
ILE CA   C N S 162 
ILE C    C N N 163 
ILE O    O N N 164 
ILE CB   C N S 165 
ILE CG1  C N N 166 
ILE CG2  C N N 167 
ILE CD1  C N N 168 
ILE OXT  O N N 169 
ILE H    H N N 170 
ILE H2   H N N 171 
ILE HA   H N N 172 
ILE HB   H N N 173 
ILE HG12 H N N 174 
ILE HG13 H N N 175 
ILE HG21 H N N 176 
ILE HG22 H N N 177 
ILE HG23 H N N 178 
ILE HD11 H N N 179 
ILE HD12 H N N 180 
ILE HD13 H N N 181 
ILE HXT  H N N 182 
LEU N    N N N 183 
LEU CA   C N S 184 
LEU C    C N N 185 
LEU O    O N N 186 
LEU CB   C N N 187 
LEU CG   C N N 188 
LEU CD1  C N N 189 
LEU CD2  C N N 190 
LEU OXT  O N N 191 
LEU H    H N N 192 
LEU H2   H N N 193 
LEU HA   H N N 194 
LEU HB2  H N N 195 
LEU HB3  H N N 196 
LEU HG   H N N 197 
LEU HD11 H N N 198 
LEU HD12 H N N 199 
LEU HD13 H N N 200 
LEU HD21 H N N 201 
LEU HD22 H N N 202 
LEU HD23 H N N 203 
LEU HXT  H N N 204 
LYS N    N N N 205 
LYS CA   C N S 206 
LYS C    C N N 207 
LYS O    O N N 208 
LYS CB   C N N 209 
LYS CG   C N N 210 
LYS CD   C N N 211 
LYS CE   C N N 212 
LYS NZ   N N N 213 
LYS OXT  O N N 214 
LYS H    H N N 215 
LYS H2   H N N 216 
LYS HA   H N N 217 
LYS HB2  H N N 218 
LYS HB3  H N N 219 
LYS HG2  H N N 220 
LYS HG3  H N N 221 
LYS HD2  H N N 222 
LYS HD3  H N N 223 
LYS HE2  H N N 224 
LYS HE3  H N N 225 
LYS HZ1  H N N 226 
LYS HZ2  H N N 227 
LYS HZ3  H N N 228 
LYS HXT  H N N 229 
MET N    N N N 230 
MET CA   C N S 231 
MET C    C N N 232 
MET O    O N N 233 
MET CB   C N N 234 
MET CG   C N N 235 
MET SD   S N N 236 
MET CE   C N N 237 
MET OXT  O N N 238 
MET H    H N N 239 
MET H2   H N N 240 
MET HA   H N N 241 
MET HB2  H N N 242 
MET HB3  H N N 243 
MET HG2  H N N 244 
MET HG3  H N N 245 
MET HE1  H N N 246 
MET HE2  H N N 247 
MET HE3  H N N 248 
MET HXT  H N N 249 
PHE N    N N N 250 
PHE CA   C N S 251 
PHE C    C N N 252 
PHE O    O N N 253 
PHE CB   C N N 254 
PHE CG   C Y N 255 
PHE CD1  C Y N 256 
PHE CD2  C Y N 257 
PHE CE1  C Y N 258 
PHE CE2  C Y N 259 
PHE CZ   C Y N 260 
PHE OXT  O N N 261 
PHE H    H N N 262 
PHE H2   H N N 263 
PHE HA   H N N 264 
PHE HB2  H N N 265 
PHE HB3  H N N 266 
PHE HD1  H N N 267 
PHE HD2  H N N 268 
PHE HE1  H N N 269 
PHE HE2  H N N 270 
PHE HZ   H N N 271 
PHE HXT  H N N 272 
PRO N    N N N 273 
PRO CA   C N S 274 
PRO C    C N N 275 
PRO O    O N N 276 
PRO CB   C N N 277 
PRO CG   C N N 278 
PRO CD   C N N 279 
PRO OXT  O N N 280 
PRO H    H N N 281 
PRO HA   H N N 282 
PRO HB2  H N N 283 
PRO HB3  H N N 284 
PRO HG2  H N N 285 
PRO HG3  H N N 286 
PRO HD2  H N N 287 
PRO HD3  H N N 288 
PRO HXT  H N N 289 
SER N    N N N 290 
SER CA   C N S 291 
SER C    C N N 292 
SER O    O N N 293 
SER CB   C N N 294 
SER OG   O N N 295 
SER OXT  O N N 296 
SER H    H N N 297 
SER H2   H N N 298 
SER HA   H N N 299 
SER HB2  H N N 300 
SER HB3  H N N 301 
SER HG   H N N 302 
SER HXT  H N N 303 
THR N    N N N 304 
THR CA   C N S 305 
THR C    C N N 306 
THR O    O N N 307 
THR CB   C N R 308 
THR OG1  O N N 309 
THR CG2  C N N 310 
THR OXT  O N N 311 
THR H    H N N 312 
THR H2   H N N 313 
THR HA   H N N 314 
THR HB   H N N 315 
THR HG1  H N N 316 
THR HG21 H N N 317 
THR HG22 H N N 318 
THR HG23 H N N 319 
THR HXT  H N N 320 
TRP N    N N N 321 
TRP CA   C N S 322 
TRP C    C N N 323 
TRP O    O N N 324 
TRP CB   C N N 325 
TRP CG   C Y N 326 
TRP CD1  C Y N 327 
TRP CD2  C Y N 328 
TRP NE1  N Y N 329 
TRP CE2  C Y N 330 
TRP CE3  C Y N 331 
TRP CZ2  C Y N 332 
TRP CZ3  C Y N 333 
TRP CH2  C Y N 334 
TRP OXT  O N N 335 
TRP H    H N N 336 
TRP H2   H N N 337 
TRP HA   H N N 338 
TRP HB2  H N N 339 
TRP HB3  H N N 340 
TRP HD1  H N N 341 
TRP HE1  H N N 342 
TRP HE3  H N N 343 
TRP HZ2  H N N 344 
TRP HZ3  H N N 345 
TRP HH2  H N N 346 
TRP HXT  H N N 347 
TYR N    N N N 348 
TYR CA   C N S 349 
TYR C    C N N 350 
TYR O    O N N 351 
TYR CB   C N N 352 
TYR CG   C Y N 353 
TYR CD1  C Y N 354 
TYR CD2  C Y N 355 
TYR CE1  C Y N 356 
TYR CE2  C Y N 357 
TYR CZ   C Y N 358 
TYR OH   O N N 359 
TYR OXT  O N N 360 
TYR H    H N N 361 
TYR H2   H N N 362 
TYR HA   H N N 363 
TYR HB2  H N N 364 
TYR HB3  H N N 365 
TYR HD1  H N N 366 
TYR HD2  H N N 367 
TYR HE1  H N N 368 
TYR HE2  H N N 369 
TYR HH   H N N 370 
TYR HXT  H N N 371 
VAL N    N N N 372 
VAL CA   C N S 373 
VAL C    C N N 374 
VAL O    O N N 375 
VAL CB   C N N 376 
VAL CG1  C N N 377 
VAL CG2  C N N 378 
VAL OXT  O N N 379 
VAL H    H N N 380 
VAL H2   H N N 381 
VAL HA   H N N 382 
VAL HB   H N N 383 
VAL HG11 H N N 384 
VAL HG12 H N N 385 
VAL HG13 H N N 386 
VAL HG21 H N N 387 
VAL HG22 H N N 388 
VAL HG23 H N N 389 
VAL HXT  H N N 390 
# 
loop_
_chem_comp_bond.comp_id 
_chem_comp_bond.atom_id_1 
_chem_comp_bond.atom_id_2 
_chem_comp_bond.value_order 
_chem_comp_bond.pdbx_aromatic_flag 
_chem_comp_bond.pdbx_stereo_config 
_chem_comp_bond.pdbx_ordinal 
ALA N   CA   sing N N 1   
ALA N   H    sing N N 2   
ALA N   H2   sing N N 3   
ALA CA  C    sing N N 4   
ALA CA  CB   sing N N 5   
ALA CA  HA   sing N N 6   
ALA C   O    doub N N 7   
ALA C   OXT  sing N N 8   
ALA CB  HB1  sing N N 9   
ALA CB  HB2  sing N N 10  
ALA CB  HB3  sing N N 11  
ALA OXT HXT  sing N N 12  
ARG N   CA   sing N N 13  
ARG N   H    sing N N 14  
ARG N   H2   sing N N 15  
ARG CA  C    sing N N 16  
ARG CA  CB   sing N N 17  
ARG CA  HA   sing N N 18  
ARG C   O    doub N N 19  
ARG C   OXT  sing N N 20  
ARG CB  CG   sing N N 21  
ARG CB  HB2  sing N N 22  
ARG CB  HB3  sing N N 23  
ARG CG  CD   sing N N 24  
ARG CG  HG2  sing N N 25  
ARG CG  HG3  sing N N 26  
ARG CD  NE   sing N N 27  
ARG CD  HD2  sing N N 28  
ARG CD  HD3  sing N N 29  
ARG NE  CZ   sing N N 30  
ARG NE  HE   sing N N 31  
ARG CZ  NH1  sing N N 32  
ARG CZ  NH2  doub N N 33  
ARG NH1 HH11 sing N N 34  
ARG NH1 HH12 sing N N 35  
ARG NH2 HH21 sing N N 36  
ARG NH2 HH22 sing N N 37  
ARG OXT HXT  sing N N 38  
ASN N   CA   sing N N 39  
ASN N   H    sing N N 40  
ASN N   H2   sing N N 41  
ASN CA  C    sing N N 42  
ASN CA  CB   sing N N 43  
ASN CA  HA   sing N N 44  
ASN C   O    doub N N 45  
ASN C   OXT  sing N N 46  
ASN CB  CG   sing N N 47  
ASN CB  HB2  sing N N 48  
ASN CB  HB3  sing N N 49  
ASN CG  OD1  doub N N 50  
ASN CG  ND2  sing N N 51  
ASN ND2 HD21 sing N N 52  
ASN ND2 HD22 sing N N 53  
ASN OXT HXT  sing N N 54  
ASP N   CA   sing N N 55  
ASP N   H    sing N N 56  
ASP N   H2   sing N N 57  
ASP CA  C    sing N N 58  
ASP CA  CB   sing N N 59  
ASP CA  HA   sing N N 60  
ASP C   O    doub N N 61  
ASP C   OXT  sing N N 62  
ASP CB  CG   sing N N 63  
ASP CB  HB2  sing N N 64  
ASP CB  HB3  sing N N 65  
ASP CG  OD1  doub N N 66  
ASP CG  OD2  sing N N 67  
ASP OD2 HD2  sing N N 68  
ASP OXT HXT  sing N N 69  
CYS N   CA   sing N N 70  
CYS N   H    sing N N 71  
CYS N   H2   sing N N 72  
CYS CA  C    sing N N 73  
CYS CA  CB   sing N N 74  
CYS CA  HA   sing N N 75  
CYS C   O    doub N N 76  
CYS C   OXT  sing N N 77  
CYS CB  SG   sing N N 78  
CYS CB  HB2  sing N N 79  
CYS CB  HB3  sing N N 80  
CYS SG  HG   sing N N 81  
CYS OXT HXT  sing N N 82  
GLN N   CA   sing N N 83  
GLN N   H    sing N N 84  
GLN N   H2   sing N N 85  
GLN CA  C    sing N N 86  
GLN CA  CB   sing N N 87  
GLN CA  HA   sing N N 88  
GLN C   O    doub N N 89  
GLN C   OXT  sing N N 90  
GLN CB  CG   sing N N 91  
GLN CB  HB2  sing N N 92  
GLN CB  HB3  sing N N 93  
GLN CG  CD   sing N N 94  
GLN CG  HG2  sing N N 95  
GLN CG  HG3  sing N N 96  
GLN CD  OE1  doub N N 97  
GLN CD  NE2  sing N N 98  
GLN NE2 HE21 sing N N 99  
GLN NE2 HE22 sing N N 100 
GLN OXT HXT  sing N N 101 
GLU N   CA   sing N N 102 
GLU N   H    sing N N 103 
GLU N   H2   sing N N 104 
GLU CA  C    sing N N 105 
GLU CA  CB   sing N N 106 
GLU CA  HA   sing N N 107 
GLU C   O    doub N N 108 
GLU C   OXT  sing N N 109 
GLU CB  CG   sing N N 110 
GLU CB  HB2  sing N N 111 
GLU CB  HB3  sing N N 112 
GLU CG  CD   sing N N 113 
GLU CG  HG2  sing N N 114 
GLU CG  HG3  sing N N 115 
GLU CD  OE1  doub N N 116 
GLU CD  OE2  sing N N 117 
GLU OE2 HE2  sing N N 118 
GLU OXT HXT  sing N N 119 
GLY N   CA   sing N N 120 
GLY N   H    sing N N 121 
GLY N   H2   sing N N 122 
GLY CA  C    sing N N 123 
GLY CA  HA2  sing N N 124 
GLY CA  HA3  sing N N 125 
GLY C   O    doub N N 126 
GLY C   OXT  sing N N 127 
GLY OXT HXT  sing N N 128 
HIS N   CA   sing N N 129 
HIS N   H    sing N N 130 
HIS N   H2   sing N N 131 
HIS CA  C    sing N N 132 
HIS CA  CB   sing N N 133 
HIS CA  HA   sing N N 134 
HIS C   O    doub N N 135 
HIS C   OXT  sing N N 136 
HIS CB  CG   sing N N 137 
HIS CB  HB2  sing N N 138 
HIS CB  HB3  sing N N 139 
HIS CG  ND1  sing Y N 140 
HIS CG  CD2  doub Y N 141 
HIS ND1 CE1  doub Y N 142 
HIS ND1 HD1  sing N N 143 
HIS CD2 NE2  sing Y N 144 
HIS CD2 HD2  sing N N 145 
HIS CE1 NE2  sing Y N 146 
HIS CE1 HE1  sing N N 147 
HIS NE2 HE2  sing N N 148 
HIS OXT HXT  sing N N 149 
HOH O   H1   sing N N 150 
HOH O   H2   sing N N 151 
ILE N   CA   sing N N 152 
ILE N   H    sing N N 153 
ILE N   H2   sing N N 154 
ILE CA  C    sing N N 155 
ILE CA  CB   sing N N 156 
ILE CA  HA   sing N N 157 
ILE C   O    doub N N 158 
ILE C   OXT  sing N N 159 
ILE CB  CG1  sing N N 160 
ILE CB  CG2  sing N N 161 
ILE CB  HB   sing N N 162 
ILE CG1 CD1  sing N N 163 
ILE CG1 HG12 sing N N 164 
ILE CG1 HG13 sing N N 165 
ILE CG2 HG21 sing N N 166 
ILE CG2 HG22 sing N N 167 
ILE CG2 HG23 sing N N 168 
ILE CD1 HD11 sing N N 169 
ILE CD1 HD12 sing N N 170 
ILE CD1 HD13 sing N N 171 
ILE OXT HXT  sing N N 172 
LEU N   CA   sing N N 173 
LEU N   H    sing N N 174 
LEU N   H2   sing N N 175 
LEU CA  C    sing N N 176 
LEU CA  CB   sing N N 177 
LEU CA  HA   sing N N 178 
LEU C   O    doub N N 179 
LEU C   OXT  sing N N 180 
LEU CB  CG   sing N N 181 
LEU CB  HB2  sing N N 182 
LEU CB  HB3  sing N N 183 
LEU CG  CD1  sing N N 184 
LEU CG  CD2  sing N N 185 
LEU CG  HG   sing N N 186 
LEU CD1 HD11 sing N N 187 
LEU CD1 HD12 sing N N 188 
LEU CD1 HD13 sing N N 189 
LEU CD2 HD21 sing N N 190 
LEU CD2 HD22 sing N N 191 
LEU CD2 HD23 sing N N 192 
LEU OXT HXT  sing N N 193 
LYS N   CA   sing N N 194 
LYS N   H    sing N N 195 
LYS N   H2   sing N N 196 
LYS CA  C    sing N N 197 
LYS CA  CB   sing N N 198 
LYS CA  HA   sing N N 199 
LYS C   O    doub N N 200 
LYS C   OXT  sing N N 201 
LYS CB  CG   sing N N 202 
LYS CB  HB2  sing N N 203 
LYS CB  HB3  sing N N 204 
LYS CG  CD   sing N N 205 
LYS CG  HG2  sing N N 206 
LYS CG  HG3  sing N N 207 
LYS CD  CE   sing N N 208 
LYS CD  HD2  sing N N 209 
LYS CD  HD3  sing N N 210 
LYS CE  NZ   sing N N 211 
LYS CE  HE2  sing N N 212 
LYS CE  HE3  sing N N 213 
LYS NZ  HZ1  sing N N 214 
LYS NZ  HZ2  sing N N 215 
LYS NZ  HZ3  sing N N 216 
LYS OXT HXT  sing N N 217 
MET N   CA   sing N N 218 
MET N   H    sing N N 219 
MET N   H2   sing N N 220 
MET CA  C    sing N N 221 
MET CA  CB   sing N N 222 
MET CA  HA   sing N N 223 
MET C   O    doub N N 224 
MET C   OXT  sing N N 225 
MET CB  CG   sing N N 226 
MET CB  HB2  sing N N 227 
MET CB  HB3  sing N N 228 
MET CG  SD   sing N N 229 
MET CG  HG2  sing N N 230 
MET CG  HG3  sing N N 231 
MET SD  CE   sing N N 232 
MET CE  HE1  sing N N 233 
MET CE  HE2  sing N N 234 
MET CE  HE3  sing N N 235 
MET OXT HXT  sing N N 236 
PHE N   CA   sing N N 237 
PHE N   H    sing N N 238 
PHE N   H2   sing N N 239 
PHE CA  C    sing N N 240 
PHE CA  CB   sing N N 241 
PHE CA  HA   sing N N 242 
PHE C   O    doub N N 243 
PHE C   OXT  sing N N 244 
PHE CB  CG   sing N N 245 
PHE CB  HB2  sing N N 246 
PHE CB  HB3  sing N N 247 
PHE CG  CD1  doub Y N 248 
PHE CG  CD2  sing Y N 249 
PHE CD1 CE1  sing Y N 250 
PHE CD1 HD1  sing N N 251 
PHE CD2 CE2  doub Y N 252 
PHE CD2 HD2  sing N N 253 
PHE CE1 CZ   doub Y N 254 
PHE CE1 HE1  sing N N 255 
PHE CE2 CZ   sing Y N 256 
PHE CE2 HE2  sing N N 257 
PHE CZ  HZ   sing N N 258 
PHE OXT HXT  sing N N 259 
PRO N   CA   sing N N 260 
PRO N   CD   sing N N 261 
PRO N   H    sing N N 262 
PRO CA  C    sing N N 263 
PRO CA  CB   sing N N 264 
PRO CA  HA   sing N N 265 
PRO C   O    doub N N 266 
PRO C   OXT  sing N N 267 
PRO CB  CG   sing N N 268 
PRO CB  HB2  sing N N 269 
PRO CB  HB3  sing N N 270 
PRO CG  CD   sing N N 271 
PRO CG  HG2  sing N N 272 
PRO CG  HG3  sing N N 273 
PRO CD  HD2  sing N N 274 
PRO CD  HD3  sing N N 275 
PRO OXT HXT  sing N N 276 
SER N   CA   sing N N 277 
SER N   H    sing N N 278 
SER N   H2   sing N N 279 
SER CA  C    sing N N 280 
SER CA  CB   sing N N 281 
SER CA  HA   sing N N 282 
SER C   O    doub N N 283 
SER C   OXT  sing N N 284 
SER CB  OG   sing N N 285 
SER CB  HB2  sing N N 286 
SER CB  HB3  sing N N 287 
SER OG  HG   sing N N 288 
SER OXT HXT  sing N N 289 
THR N   CA   sing N N 290 
THR N   H    sing N N 291 
THR N   H2   sing N N 292 
THR CA  C    sing N N 293 
THR CA  CB   sing N N 294 
THR CA  HA   sing N N 295 
THR C   O    doub N N 296 
THR C   OXT  sing N N 297 
THR CB  OG1  sing N N 298 
THR CB  CG2  sing N N 299 
THR CB  HB   sing N N 300 
THR OG1 HG1  sing N N 301 
THR CG2 HG21 sing N N 302 
THR CG2 HG22 sing N N 303 
THR CG2 HG23 sing N N 304 
THR OXT HXT  sing N N 305 
TRP N   CA   sing N N 306 
TRP N   H    sing N N 307 
TRP N   H2   sing N N 308 
TRP CA  C    sing N N 309 
TRP CA  CB   sing N N 310 
TRP CA  HA   sing N N 311 
TRP C   O    doub N N 312 
TRP C   OXT  sing N N 313 
TRP CB  CG   sing N N 314 
TRP CB  HB2  sing N N 315 
TRP CB  HB3  sing N N 316 
TRP CG  CD1  doub Y N 317 
TRP CG  CD2  sing Y N 318 
TRP CD1 NE1  sing Y N 319 
TRP CD1 HD1  sing N N 320 
TRP CD2 CE2  doub Y N 321 
TRP CD2 CE3  sing Y N 322 
TRP NE1 CE2  sing Y N 323 
TRP NE1 HE1  sing N N 324 
TRP CE2 CZ2  sing Y N 325 
TRP CE3 CZ3  doub Y N 326 
TRP CE3 HE3  sing N N 327 
TRP CZ2 CH2  doub Y N 328 
TRP CZ2 HZ2  sing N N 329 
TRP CZ3 CH2  sing Y N 330 
TRP CZ3 HZ3  sing N N 331 
TRP CH2 HH2  sing N N 332 
TRP OXT HXT  sing N N 333 
TYR N   CA   sing N N 334 
TYR N   H    sing N N 335 
TYR N   H2   sing N N 336 
TYR CA  C    sing N N 337 
TYR CA  CB   sing N N 338 
TYR CA  HA   sing N N 339 
TYR C   O    doub N N 340 
TYR C   OXT  sing N N 341 
TYR CB  CG   sing N N 342 
TYR CB  HB2  sing N N 343 
TYR CB  HB3  sing N N 344 
TYR CG  CD1  doub Y N 345 
TYR CG  CD2  sing Y N 346 
TYR CD1 CE1  sing Y N 347 
TYR CD1 HD1  sing N N 348 
TYR CD2 CE2  doub Y N 349 
TYR CD2 HD2  sing N N 350 
TYR CE1 CZ   doub Y N 351 
TYR CE1 HE1  sing N N 352 
TYR CE2 CZ   sing Y N 353 
TYR CE2 HE2  sing N N 354 
TYR CZ  OH   sing N N 355 
TYR OH  HH   sing N N 356 
TYR OXT HXT  sing N N 357 
VAL N   CA   sing N N 358 
VAL N   H    sing N N 359 
VAL N   H2   sing N N 360 
VAL CA  C    sing N N 361 
VAL CA  CB   sing N N 362 
VAL CA  HA   sing N N 363 
VAL C   O    doub N N 364 
VAL C   OXT  sing N N 365 
VAL CB  CG1  sing N N 366 
VAL CB  CG2  sing N N 367 
VAL CB  HB   sing N N 368 
VAL CG1 HG11 sing N N 369 
VAL CG1 HG12 sing N N 370 
VAL CG1 HG13 sing N N 371 
VAL CG2 HG21 sing N N 372 
VAL CG2 HG22 sing N N 373 
VAL CG2 HG23 sing N N 374 
VAL OXT HXT  sing N N 375 
# 
_pdbx_entity_nonpoly.entity_id   2 
_pdbx_entity_nonpoly.name        water 
_pdbx_entity_nonpoly.comp_id     HOH 
# 
_pdbx_initial_refinement_model.id               1 
_pdbx_initial_refinement_model.entity_id_list   ? 
_pdbx_initial_refinement_model.type             'experimental model' 
_pdbx_initial_refinement_model.source_name      PDB 
_pdbx_initial_refinement_model.accession_code   4N7U 
_pdbx_initial_refinement_model.details          ? 
# 
_pdbx_struct_assembly_auth_evidence.id                     1 
_pdbx_struct_assembly_auth_evidence.assembly_id            1 
_pdbx_struct_assembly_auth_evidence.experimental_support   'light scattering' 
_pdbx_struct_assembly_auth_evidence.details                Monomer 
# 
